data_1ADY
#
_entry.id   1ADY
#
_cell.length_a   171.300
_cell.length_b   214.700
_cell.length_c   49.300
_cell.angle_alpha   90.00
_cell.angle_beta   90.00
_cell.angle_gamma   90.00
#
_symmetry.space_group_name_H-M   'P 21 21 2'
#
loop_
_entity.id
_entity.type
_entity.pdbx_description
1 polymer 'HISTIDYL-TRNA SYNTHETASE'
2 non-polymer 'SULFATE ION'
3 non-polymer 'HISTIDYL-ADENOSINE MONOPHOSPHATE'
#
_entity_poly.entity_id   1
_entity_poly.type   'polypeptide(L)'
_entity_poly.pdbx_seq_one_letter_code
;MTARAVRGTKDLFGKELRMHQRIVATARKVLEAAGALELVTPIFEETQVFEKGVGAATDIVRKEMFTFQDRGGRSLTLRP
EGTAAMVRAYLEHGMKVWPQPVRLWMAGPMFRAERPQKGRYRQFHQVNYEALGSENPILDAEAVVLLYECLKELGLRRLK
VKLSSVGDPEDRARYNAYLREVLSPHREALSEDSKERLEENPMRILDSKSERDQALLKELGVRPMLDFLGEEARAHLKEV
ERHLERLSVPYELEPALVRGLDYYVRTAFEVHHEEIGAQSALGGGGRYDGLSELLGGPRVPGVGFAFGVERVALALEAEG
FGLPEEKGPDLYLIPLTEEAVAEAFYLAEALRPRLRAEYALAPRKPAKGLEEALKRGAAFAGFLGEDELRAGEVTLKRLA
TGEQVRLSREEVPGYLLQALG
;
_entity_poly.pdbx_strand_id   A,B,C,D
#
# COMPACT_ATOMS: atom_id res chain seq x y z
N THR A 2 2.12 -26.97 -11.65
CA THR A 2 2.62 -25.69 -12.23
C THR A 2 3.46 -24.91 -11.23
N ALA A 3 2.83 -24.47 -10.14
CA ALA A 3 3.47 -23.67 -9.10
C ALA A 3 4.73 -24.30 -8.51
N ARG A 4 5.65 -23.45 -8.11
CA ARG A 4 6.92 -23.84 -7.50
C ARG A 4 7.11 -22.98 -6.27
N ALA A 5 8.12 -23.30 -5.48
CA ALA A 5 8.42 -22.51 -4.29
C ALA A 5 9.02 -21.23 -4.86
N VAL A 6 8.44 -20.08 -4.51
CA VAL A 6 8.93 -18.79 -4.99
C VAL A 6 10.44 -18.66 -4.86
N ARG A 7 11.07 -18.15 -5.92
CA ARG A 7 12.52 -17.97 -5.95
C ARG A 7 13.00 -17.20 -4.71
N GLY A 8 13.99 -17.76 -4.04
CA GLY A 8 14.53 -17.14 -2.84
C GLY A 8 14.10 -17.88 -1.59
N THR A 9 13.12 -18.75 -1.73
CA THR A 9 12.61 -19.55 -0.63
C THR A 9 12.72 -21.01 -1.04
N LYS A 10 12.61 -21.92 -0.08
CA LYS A 10 12.69 -23.34 -0.36
C LYS A 10 12.15 -24.18 0.78
N ASP A 11 11.83 -25.44 0.48
CA ASP A 11 11.30 -26.35 1.48
C ASP A 11 12.44 -26.96 2.29
N LEU A 12 12.31 -26.91 3.60
CA LEU A 12 13.31 -27.44 4.49
C LEU A 12 12.94 -28.82 5.00
N PHE A 13 13.76 -29.80 4.65
CA PHE A 13 13.54 -31.17 5.10
C PHE A 13 14.83 -31.94 5.00
N GLY A 14 14.85 -33.13 5.60
CA GLY A 14 16.03 -33.96 5.59
C GLY A 14 17.19 -33.37 6.35
N LYS A 15 18.41 -33.70 5.91
CA LYS A 15 19.63 -33.24 6.55
C LYS A 15 19.70 -31.72 6.70
N GLU A 16 19.35 -31.00 5.63
CA GLU A 16 19.37 -29.55 5.66
C GLU A 16 18.54 -29.02 6.82
N LEU A 17 17.34 -29.55 7.00
CA LEU A 17 16.45 -29.13 8.07
C LEU A 17 17.07 -29.45 9.43
N ARG A 18 17.62 -30.65 9.55
CA ARG A 18 18.25 -31.09 10.80
C ARG A 18 19.42 -30.20 11.23
N MET A 19 20.24 -29.80 10.26
CA MET A 19 21.39 -28.94 10.54
C MET A 19 20.90 -27.63 11.15
N HIS A 20 19.83 -27.08 10.58
CA HIS A 20 19.25 -25.84 11.07
C HIS A 20 18.82 -26.03 12.52
N GLN A 21 18.24 -27.17 12.80
CA GLN A 21 17.76 -27.47 14.14
C GLN A 21 18.92 -27.60 15.13
N ARG A 22 20.05 -28.13 14.66
CA ARG A 22 21.23 -28.27 15.50
C ARG A 22 21.79 -26.89 15.83
N ILE A 23 21.89 -26.05 14.80
CA ILE A 23 22.40 -24.69 14.94
C ILE A 23 21.57 -23.93 15.98
N VAL A 24 20.25 -23.95 15.83
CA VAL A 24 19.39 -23.26 16.76
C VAL A 24 19.47 -23.89 18.15
N ALA A 25 19.64 -25.21 18.19
CA ALA A 25 19.74 -25.93 19.47
C ALA A 25 20.91 -25.42 20.28
N THR A 26 22.07 -25.33 19.64
CA THR A 26 23.30 -24.86 20.26
C THR A 26 23.17 -23.40 20.72
N ALA A 27 22.69 -22.53 19.82
CA ALA A 27 22.50 -21.14 20.13
C ALA A 27 21.62 -20.98 21.37
N ARG A 28 20.57 -21.81 21.45
CA ARG A 28 19.65 -21.79 22.59
C ARG A 28 20.40 -22.05 23.89
N LYS A 29 21.32 -23.01 23.86
CA LYS A 29 22.08 -23.37 25.04
C LYS A 29 22.97 -22.23 25.54
N VAL A 30 23.88 -21.76 24.69
CA VAL A 30 24.80 -20.68 25.08
C VAL A 30 24.08 -19.41 25.51
N LEU A 31 23.11 -18.99 24.70
CA LEU A 31 22.36 -17.78 24.99
C LEU A 31 21.60 -17.86 26.32
N GLU A 32 20.86 -18.95 26.53
CA GLU A 32 20.11 -19.08 27.78
C GLU A 32 21.01 -19.26 28.99
N ALA A 33 22.23 -19.75 28.76
CA ALA A 33 23.19 -19.94 29.83
C ALA A 33 23.59 -18.55 30.33
N ALA A 34 23.52 -17.57 29.45
CA ALA A 34 23.85 -16.20 29.77
C ALA A 34 22.67 -15.47 30.40
N GLY A 35 21.55 -16.19 30.56
CA GLY A 35 20.36 -15.62 31.16
C GLY A 35 19.37 -15.02 30.16
N ALA A 36 19.51 -15.38 28.89
CA ALA A 36 18.61 -14.86 27.86
C ALA A 36 17.27 -15.58 27.91
N LEU A 37 16.20 -14.80 27.74
CA LEU A 37 14.83 -15.31 27.73
C LEU A 37 14.33 -15.38 26.29
N GLU A 38 13.65 -16.47 25.94
CA GLU A 38 13.13 -16.61 24.58
C GLU A 38 11.86 -15.76 24.44
N LEU A 39 11.82 -14.97 23.37
CA LEU A 39 10.69 -14.08 23.08
C LEU A 39 10.52 -14.12 21.56
N VAL A 40 9.33 -14.52 21.10
CA VAL A 40 9.07 -14.59 19.67
C VAL A 40 8.06 -13.53 19.24
N THR A 41 8.47 -12.66 18.32
CA THR A 41 7.60 -11.61 17.82
C THR A 41 6.88 -12.08 16.56
N PRO A 42 5.76 -11.41 16.22
CA PRO A 42 4.96 -11.73 15.03
C PRO A 42 5.76 -11.60 13.74
N ILE A 43 5.33 -12.32 12.71
CA ILE A 43 5.98 -12.30 11.41
C ILE A 43 5.94 -10.92 10.76
N PHE A 44 4.94 -10.11 11.13
CA PHE A 44 4.83 -8.76 10.60
C PHE A 44 4.51 -7.73 11.68
N GLU A 45 4.93 -6.50 11.44
CA GLU A 45 4.69 -5.40 12.36
C GLU A 45 4.14 -4.24 11.54
N GLU A 46 3.69 -3.19 12.22
CA GLU A 46 3.18 -2.01 11.52
C GLU A 46 4.39 -1.49 10.76
N THR A 47 4.21 -1.24 9.47
CA THR A 47 5.30 -0.78 8.61
C THR A 47 6.22 0.28 9.25
N GLN A 48 5.66 1.16 10.08
CA GLN A 48 6.44 2.21 10.73
C GLN A 48 7.58 1.68 11.61
N VAL A 49 7.32 0.60 12.34
CA VAL A 49 8.31 0.00 13.24
C VAL A 49 9.63 -0.21 12.49
N PHE A 50 9.56 -0.59 11.23
CA PHE A 50 10.76 -0.81 10.44
C PHE A 50 11.26 0.44 9.73
N GLU A 51 10.34 1.32 9.32
CA GLU A 51 10.72 2.56 8.64
C GLU A 51 11.53 3.44 9.60
N LYS A 52 10.90 3.76 10.72
CA LYS A 52 11.52 4.60 11.74
C LYS A 52 12.72 3.91 12.40
N GLY A 53 12.55 2.64 12.75
CA GLY A 53 13.61 1.90 13.39
C GLY A 53 14.88 1.67 12.58
N VAL A 54 14.73 0.97 11.46
CA VAL A 54 15.86 0.65 10.59
C VAL A 54 16.43 1.91 9.91
N GLY A 55 15.61 2.95 9.83
CA GLY A 55 16.05 4.20 9.21
C GLY A 55 15.60 4.36 7.78
N ALA A 56 14.80 5.39 7.54
CA ALA A 56 14.26 5.68 6.22
C ALA A 56 15.25 5.85 5.07
N ALA A 57 16.55 5.78 5.36
CA ALA A 57 17.58 5.95 4.34
C ALA A 57 18.22 4.65 3.91
N THR A 58 17.97 3.58 4.65
CA THR A 58 18.57 2.29 4.34
C THR A 58 17.92 1.55 3.16
N ASP A 59 18.71 0.70 2.51
CA ASP A 59 18.24 -0.08 1.36
C ASP A 59 17.06 -0.95 1.76
N ILE A 60 17.17 -1.54 2.94
CA ILE A 60 16.13 -2.41 3.48
C ILE A 60 14.80 -1.67 3.44
N VAL A 61 14.71 -0.55 4.14
CA VAL A 61 13.48 0.23 4.19
C VAL A 61 13.06 0.78 2.83
N ARG A 62 14.01 1.34 2.10
CA ARG A 62 13.74 1.93 0.80
C ARG A 62 13.31 1.03 -0.34
N LYS A 63 13.77 -0.22 -0.37
CA LYS A 63 13.41 -1.10 -1.48
C LYS A 63 13.49 -2.60 -1.24
N GLU A 64 13.56 -3.04 0.01
CA GLU A 64 13.66 -4.47 0.29
C GLU A 64 12.66 -4.97 1.33
N MET A 65 11.57 -4.24 1.53
CA MET A 65 10.58 -4.65 2.50
C MET A 65 9.29 -5.17 1.90
N PHE A 66 8.92 -6.40 2.25
CA PHE A 66 7.68 -6.98 1.77
C PHE A 66 6.58 -6.34 2.59
N THR A 67 6.05 -5.24 2.09
CA THR A 67 5.00 -4.50 2.79
C THR A 67 3.68 -4.60 2.02
N PHE A 68 2.58 -4.69 2.76
CA PHE A 68 1.24 -4.81 2.20
C PHE A 68 0.23 -4.14 3.11
N GLN A 69 -1.02 -4.08 2.68
CA GLN A 69 -2.06 -3.45 3.49
C GLN A 69 -3.03 -4.40 4.19
N ASP A 70 -3.33 -4.04 5.43
CA ASP A 70 -4.25 -4.76 6.30
C ASP A 70 -5.56 -4.85 5.55
N ARG A 71 -6.34 -5.89 5.82
CA ARG A 71 -7.64 -6.03 5.21
C ARG A 71 -8.50 -5.00 5.95
N GLY A 72 -8.19 -3.73 5.70
CA GLY A 72 -8.88 -2.65 6.37
C GLY A 72 -7.98 -1.50 6.80
N GLY A 73 -7.04 -1.10 5.97
CA GLY A 73 -6.18 0.03 6.30
C GLY A 73 -4.69 -0.16 6.56
N ARG A 74 -4.33 -0.23 7.85
CA ARG A 74 -2.96 -0.39 8.33
C ARG A 74 -1.93 -1.03 7.40
N SER A 75 -0.82 -0.33 7.19
CA SER A 75 0.25 -0.84 6.34
C SER A 75 1.13 -1.71 7.22
N LEU A 76 1.21 -2.99 6.87
CA LEU A 76 2.01 -3.96 7.60
C LEU A 76 3.20 -4.39 6.76
N THR A 77 4.27 -4.84 7.42
CA THR A 77 5.45 -5.28 6.70
C THR A 77 6.03 -6.57 7.28
N LEU A 78 6.44 -7.45 6.38
CA LEU A 78 7.05 -8.72 6.73
C LEU A 78 8.40 -8.42 7.35
N ARG A 79 8.55 -8.78 8.63
CA ARG A 79 9.77 -8.58 9.38
C ARG A 79 11.07 -8.90 8.62
N PRO A 80 11.89 -7.88 8.35
CA PRO A 80 13.16 -8.03 7.63
C PRO A 80 14.35 -8.20 8.59
N GLU A 81 14.13 -7.85 9.86
CA GLU A 81 15.15 -7.91 10.90
C GLU A 81 14.46 -7.89 12.26
N GLY A 82 15.13 -8.44 13.28
CA GLY A 82 14.51 -8.53 14.60
C GLY A 82 14.65 -7.45 15.67
N THR A 83 15.79 -6.79 15.73
CA THR A 83 16.01 -5.77 16.76
C THR A 83 14.88 -4.79 17.02
N ALA A 84 14.48 -4.07 15.99
CA ALA A 84 13.42 -3.09 16.10
C ALA A 84 12.21 -3.71 16.81
N ALA A 85 11.85 -4.92 16.38
CA ALA A 85 10.72 -5.65 16.94
C ALA A 85 10.95 -5.94 18.42
N MET A 86 12.15 -6.42 18.75
CA MET A 86 12.50 -6.74 20.13
C MET A 86 12.34 -5.51 21.01
N VAL A 87 12.73 -4.37 20.47
CA VAL A 87 12.63 -3.11 21.20
C VAL A 87 11.16 -2.72 21.35
N ARG A 88 10.40 -2.96 20.29
CA ARG A 88 8.97 -2.64 20.27
C ARG A 88 8.31 -3.46 21.38
N ALA A 89 8.70 -4.72 21.46
CA ALA A 89 8.17 -5.63 22.47
C ALA A 89 8.55 -5.16 23.85
N TYR A 90 9.82 -4.78 24.01
CA TYR A 90 10.34 -4.31 25.29
C TYR A 90 9.46 -3.16 25.79
N LEU A 91 9.20 -2.21 24.91
CA LEU A 91 8.38 -1.05 25.25
C LEU A 91 6.96 -1.48 25.61
N GLU A 92 6.32 -2.21 24.71
CA GLU A 92 4.94 -2.66 24.89
C GLU A 92 4.67 -3.39 26.19
N HIS A 93 5.53 -4.34 26.53
CA HIS A 93 5.33 -5.13 27.75
C HIS A 93 5.89 -4.47 29.00
N GLY A 94 6.31 -3.21 28.87
CA GLY A 94 6.86 -2.49 30.01
C GLY A 94 7.99 -3.23 30.68
N MET A 95 8.80 -3.92 29.87
CA MET A 95 9.92 -4.69 30.39
C MET A 95 10.89 -3.83 31.20
N LYS A 96 10.73 -2.51 31.09
CA LYS A 96 11.59 -1.58 31.80
C LYS A 96 11.49 -1.77 33.32
N VAL A 97 10.40 -2.37 33.79
CA VAL A 97 10.23 -2.59 35.22
C VAL A 97 10.78 -3.93 35.69
N TRP A 98 11.39 -4.66 34.77
CA TRP A 98 11.98 -5.96 35.07
C TRP A 98 13.40 -5.69 35.48
N PRO A 99 14.05 -6.65 36.15
CA PRO A 99 15.43 -6.40 36.54
C PRO A 99 16.31 -6.27 35.29
N GLN A 100 17.06 -5.18 35.21
CA GLN A 100 17.92 -4.90 34.06
C GLN A 100 19.30 -5.54 34.25
N PRO A 101 19.97 -5.90 33.14
CA PRO A 101 19.48 -5.72 31.77
C PRO A 101 18.56 -6.87 31.36
N VAL A 102 17.67 -6.59 30.41
CA VAL A 102 16.74 -7.59 29.91
C VAL A 102 17.31 -8.24 28.64
N ARG A 103 17.72 -9.50 28.75
CA ARG A 103 18.28 -10.25 27.63
C ARG A 103 17.19 -11.08 26.95
N LEU A 104 17.06 -10.95 25.62
CA LEU A 104 16.05 -11.67 24.86
C LEU A 104 16.66 -12.38 23.65
N TRP A 105 16.08 -13.52 23.29
CA TRP A 105 16.58 -14.26 22.14
C TRP A 105 15.46 -15.02 21.44
N MET A 106 15.69 -15.39 20.19
CA MET A 106 14.72 -16.14 19.40
C MET A 106 15.40 -16.58 18.10
N ALA A 107 14.71 -17.41 17.34
CA ALA A 107 15.20 -17.91 16.06
C ALA A 107 13.97 -17.98 15.17
N GLY A 108 14.04 -17.40 13.98
CA GLY A 108 12.90 -17.43 13.10
C GLY A 108 13.21 -16.94 11.70
N PRO A 109 12.21 -16.90 10.82
CA PRO A 109 12.41 -16.44 9.45
C PRO A 109 12.37 -14.91 9.33
N MET A 110 13.15 -14.40 8.38
CA MET A 110 13.22 -12.97 8.11
C MET A 110 12.99 -12.86 6.61
N PHE A 111 12.36 -11.78 6.18
CA PHE A 111 12.05 -11.59 4.77
C PHE A 111 12.58 -10.29 4.21
N ARG A 112 13.40 -10.40 3.18
CA ARG A 112 14.00 -9.24 2.52
C ARG A 112 13.75 -9.34 1.02
N ALA A 113 13.08 -8.33 0.49
CA ALA A 113 12.73 -8.27 -0.92
C ALA A 113 13.89 -7.89 -1.83
N GLU A 114 14.95 -8.68 -1.82
CA GLU A 114 16.09 -8.38 -2.66
C GLU A 114 16.34 -9.52 -3.64
N ARG A 115 16.93 -9.20 -4.77
CA ARG A 115 17.22 -10.20 -5.82
C ARG A 115 18.18 -11.24 -5.25
N PRO A 116 17.72 -12.50 -5.20
CA PRO A 116 18.53 -13.61 -4.66
C PRO A 116 19.73 -14.03 -5.48
N GLN A 117 20.72 -14.54 -4.75
CA GLN A 117 21.96 -15.05 -5.29
C GLN A 117 22.55 -15.91 -4.19
N LYS A 118 23.74 -16.47 -4.38
CA LYS A 118 24.30 -17.35 -3.35
C LYS A 118 24.54 -16.72 -1.98
N GLY A 119 23.66 -17.07 -1.04
CA GLY A 119 23.76 -16.56 0.31
C GLY A 119 22.65 -15.58 0.58
N ARG A 120 22.14 -14.94 -0.47
CA ARG A 120 21.05 -13.98 -0.31
C ARG A 120 19.71 -14.61 -0.68
N TYR A 121 18.94 -14.99 0.33
CA TYR A 121 17.63 -15.59 0.13
C TYR A 121 16.60 -14.52 0.43
N ARG A 122 15.39 -14.70 -0.09
CA ARG A 122 14.33 -13.73 0.16
C ARG A 122 13.72 -14.05 1.52
N GLN A 123 13.80 -15.32 1.90
CA GLN A 123 13.33 -15.78 3.19
C GLN A 123 14.47 -16.58 3.79
N PHE A 124 15.03 -16.07 4.86
CA PHE A 124 16.13 -16.73 5.54
C PHE A 124 15.77 -16.84 7.01
N HIS A 125 16.63 -17.49 7.79
CA HIS A 125 16.39 -17.66 9.22
C HIS A 125 17.62 -17.23 10.00
N GLN A 126 17.41 -16.51 11.09
CA GLN A 126 18.53 -16.06 11.91
C GLN A 126 18.25 -16.14 13.40
N VAL A 127 19.31 -16.38 14.18
CA VAL A 127 19.21 -16.45 15.64
C VAL A 127 19.48 -15.01 16.06
N ASN A 128 18.64 -14.49 16.94
CA ASN A 128 18.77 -13.10 17.36
C ASN A 128 18.92 -12.94 18.86
N TYR A 129 19.95 -12.20 19.28
CA TYR A 129 20.22 -11.95 20.70
C TYR A 129 20.15 -10.45 20.99
N GLU A 130 19.63 -10.09 22.15
CA GLU A 130 19.47 -8.70 22.57
C GLU A 130 19.72 -8.51 24.07
N ALA A 131 20.30 -7.37 24.41
CA ALA A 131 20.58 -7.01 25.81
C ALA A 131 20.14 -5.56 25.96
N LEU A 132 18.96 -5.36 26.56
CA LEU A 132 18.40 -4.03 26.71
C LEU A 132 18.40 -3.46 28.14
N GLY A 133 18.47 -2.14 28.22
CA GLY A 133 18.45 -1.46 29.51
C GLY A 133 19.75 -0.96 30.12
N SER A 134 20.87 -1.08 29.40
CA SER A 134 22.15 -0.62 29.94
C SER A 134 23.19 -0.21 28.90
N GLU A 135 23.99 0.79 29.27
CA GLU A 135 25.03 1.33 28.41
C GLU A 135 26.38 0.67 28.70
N ASN A 136 26.46 -0.04 29.83
CA ASN A 136 27.69 -0.70 30.25
C ASN A 136 28.34 -1.53 29.14
N PRO A 137 29.57 -1.17 28.75
CA PRO A 137 30.33 -1.85 27.69
C PRO A 137 30.56 -3.34 27.90
N ILE A 138 30.26 -3.87 29.08
CA ILE A 138 30.44 -5.29 29.37
C ILE A 138 29.48 -6.10 28.49
N LEU A 139 28.26 -5.59 28.35
CA LEU A 139 27.23 -6.23 27.54
C LEU A 139 27.65 -6.30 26.08
N ASP A 140 28.36 -5.28 25.61
CA ASP A 140 28.85 -5.22 24.24
C ASP A 140 29.87 -6.34 24.05
N ALA A 141 30.77 -6.49 25.03
CA ALA A 141 31.80 -7.52 24.96
C ALA A 141 31.10 -8.88 24.99
N GLU A 142 30.15 -9.02 25.92
CA GLU A 142 29.37 -10.24 26.09
C GLU A 142 28.69 -10.63 24.77
N ALA A 143 28.05 -9.65 24.14
CA ALA A 143 27.37 -9.87 22.88
C ALA A 143 28.33 -10.51 21.88
N VAL A 144 29.50 -9.91 21.72
CA VAL A 144 30.50 -10.43 20.80
C VAL A 144 30.94 -11.84 21.20
N VAL A 145 31.13 -12.06 22.49
CA VAL A 145 31.56 -13.37 22.98
C VAL A 145 30.50 -14.42 22.70
N LEU A 146 29.24 -14.10 22.98
CA LEU A 146 28.13 -15.02 22.76
C LEU A 146 28.07 -15.44 21.30
N LEU A 147 28.07 -14.47 20.39
CA LEU A 147 28.03 -14.78 18.96
C LEU A 147 29.22 -15.67 18.61
N TYR A 148 30.40 -15.32 19.11
CA TYR A 148 31.61 -16.07 18.86
C TYR A 148 31.44 -17.50 19.37
N GLU A 149 30.90 -17.65 20.57
CA GLU A 149 30.69 -18.96 21.18
C GLU A 149 29.68 -19.83 20.44
N CYS A 150 28.58 -19.26 19.98
CA CYS A 150 27.58 -20.03 19.26
C CYS A 150 28.22 -20.74 18.07
N LEU A 151 29.04 -20.01 17.32
CA LEU A 151 29.72 -20.56 16.16
C LEU A 151 30.85 -21.49 16.57
N LYS A 152 31.50 -21.18 17.68
CA LYS A 152 32.61 -21.98 18.19
C LYS A 152 32.11 -23.36 18.63
N GLU A 153 31.04 -23.36 19.41
CA GLU A 153 30.43 -24.59 19.93
C GLU A 153 30.01 -25.53 18.81
N LEU A 154 29.60 -24.96 17.67
CA LEU A 154 29.18 -25.76 16.53
C LEU A 154 30.36 -26.53 15.92
N GLY A 155 31.57 -26.18 16.33
CA GLY A 155 32.76 -26.85 15.81
C GLY A 155 33.54 -25.99 14.83
N LEU A 156 32.99 -24.83 14.47
CA LEU A 156 33.65 -23.93 13.54
C LEU A 156 34.95 -23.42 14.16
N ARG A 157 36.01 -23.40 13.37
CA ARG A 157 37.30 -22.94 13.85
C ARG A 157 37.82 -21.74 13.07
N ARG A 158 37.61 -21.73 11.76
CA ARG A 158 38.09 -20.64 10.92
C ARG A 158 37.16 -19.42 10.82
N LEU A 159 37.01 -18.70 11.94
CA LEU A 159 36.18 -17.50 11.99
C LEU A 159 37.06 -16.24 12.02
N LYS A 160 36.51 -15.11 11.59
CA LYS A 160 37.23 -13.84 11.59
C LYS A 160 36.37 -12.74 12.19
N VAL A 161 36.59 -12.46 13.47
CA VAL A 161 35.83 -11.44 14.19
C VAL A 161 36.32 -10.05 13.81
N LYS A 162 35.40 -9.13 13.56
CA LYS A 162 35.74 -7.76 13.20
C LYS A 162 35.00 -6.75 14.07
N LEU A 163 35.77 -5.97 14.84
CA LEU A 163 35.21 -4.98 15.75
C LEU A 163 35.48 -3.56 15.27
N SER A 164 34.62 -2.62 15.68
CA SER A 164 34.74 -1.23 15.30
C SER A 164 33.69 -0.41 16.04
N SER A 165 33.51 0.83 15.64
CA SER A 165 32.52 1.71 16.27
C SER A 165 32.13 2.81 15.30
N VAL A 166 30.90 3.31 15.47
CA VAL A 166 30.40 4.38 14.65
C VAL A 166 30.27 5.65 15.48
N GLY A 167 30.75 5.60 16.72
CA GLY A 167 30.70 6.78 17.58
C GLY A 167 29.34 7.15 18.21
N ASP A 168 29.09 8.45 18.46
CA ASP A 168 27.85 8.99 19.06
C ASP A 168 27.10 9.75 17.97
N PRO A 169 25.86 10.21 18.24
CA PRO A 169 25.12 10.95 17.20
C PRO A 169 25.89 12.16 16.67
N GLU A 170 26.64 12.84 17.54
CA GLU A 170 27.43 14.01 17.15
C GLU A 170 28.56 13.60 16.20
N ASP A 171 29.32 12.59 16.60
CA ASP A 171 30.43 12.08 15.79
C ASP A 171 29.89 11.62 14.44
N ARG A 172 28.75 10.93 14.49
CA ARG A 172 28.07 10.41 13.31
C ARG A 172 27.75 11.56 12.36
N ALA A 173 27.23 12.66 12.92
CA ALA A 173 26.88 13.84 12.14
C ALA A 173 28.10 14.45 11.47
N ARG A 174 29.17 14.63 12.25
CA ARG A 174 30.40 15.22 11.74
C ARG A 174 31.02 14.41 10.61
N TYR A 175 31.02 13.08 10.75
CA TYR A 175 31.59 12.24 9.72
C TYR A 175 30.77 12.39 8.44
N ASN A 176 29.45 12.45 8.59
CA ASN A 176 28.56 12.61 7.44
C ASN A 176 28.90 13.90 6.69
N ALA A 177 28.98 15.01 7.44
CA ALA A 177 29.33 16.30 6.86
C ALA A 177 30.65 16.18 6.09
N TYR A 178 31.64 15.54 6.71
CA TYR A 178 32.95 15.33 6.10
C TYR A 178 32.81 14.64 4.76
N LEU A 179 32.09 13.52 4.76
CA LEU A 179 31.87 12.73 3.55
C LEU A 179 31.25 13.58 2.45
N ARG A 180 30.28 14.42 2.84
CA ARG A 180 29.61 15.29 1.89
C ARG A 180 30.58 16.25 1.24
N GLU A 181 31.37 16.92 2.07
CA GLU A 181 32.36 17.89 1.60
C GLU A 181 33.40 17.29 0.65
N VAL A 182 33.82 16.06 0.96
CA VAL A 182 34.82 15.38 0.14
C VAL A 182 34.23 14.77 -1.14
N LEU A 183 33.05 14.20 -1.02
CA LEU A 183 32.39 13.54 -2.14
C LEU A 183 31.57 14.43 -3.08
N SER A 184 30.85 15.41 -2.55
CA SER A 184 30.02 16.27 -3.38
C SER A 184 30.70 16.89 -4.62
N PRO A 185 31.92 17.43 -4.48
CA PRO A 185 32.58 18.01 -5.66
C PRO A 185 32.92 16.95 -6.72
N HIS A 186 32.89 15.68 -6.31
CA HIS A 186 33.19 14.56 -7.19
C HIS A 186 31.91 13.73 -7.39
N ARG A 187 30.77 14.30 -7.00
CA ARG A 187 29.46 13.66 -7.08
C ARG A 187 29.19 12.93 -8.39
N GLU A 188 29.66 13.50 -9.49
CA GLU A 188 29.46 12.93 -10.81
C GLU A 188 30.11 11.55 -11.03
N ALA A 189 31.03 11.17 -10.17
CA ALA A 189 31.72 9.89 -10.32
C ALA A 189 31.10 8.78 -9.46
N LEU A 190 29.97 9.08 -8.82
CA LEU A 190 29.30 8.12 -7.96
C LEU A 190 28.23 7.32 -8.69
N SER A 191 27.92 6.14 -8.16
CA SER A 191 26.89 5.29 -8.73
C SER A 191 25.56 5.93 -8.37
N GLU A 192 24.57 5.81 -9.25
CA GLU A 192 23.24 6.39 -9.01
C GLU A 192 22.74 6.14 -7.60
N ASP A 193 22.97 4.92 -7.12
CA ASP A 193 22.59 4.51 -5.78
C ASP A 193 23.27 5.41 -4.73
N SER A 194 24.59 5.52 -4.85
CA SER A 194 25.40 6.32 -3.93
C SER A 194 25.01 7.80 -3.96
N LYS A 195 24.68 8.31 -5.14
CA LYS A 195 24.28 9.70 -5.32
C LYS A 195 23.10 10.05 -4.42
N GLU A 196 22.20 9.09 -4.23
CA GLU A 196 21.03 9.29 -3.39
C GLU A 196 21.47 9.24 -1.92
N ARG A 197 22.26 8.22 -1.60
CA ARG A 197 22.77 8.03 -0.24
C ARG A 197 23.54 9.23 0.26
N LEU A 198 24.12 9.98 -0.68
CA LEU A 198 24.89 11.17 -0.37
C LEU A 198 24.03 12.23 0.32
N GLU A 199 22.73 12.18 0.06
CA GLU A 199 21.79 13.13 0.65
C GLU A 199 21.50 12.84 2.12
N GLU A 200 21.11 11.60 2.40
CA GLU A 200 20.82 11.23 3.78
C GLU A 200 21.64 10.02 4.20
N ASN A 201 22.44 10.21 5.24
CA ASN A 201 23.31 9.16 5.78
C ASN A 201 24.33 8.68 4.75
N PRO A 202 25.23 9.59 4.33
CA PRO A 202 26.30 9.31 3.35
C PRO A 202 27.16 8.10 3.66
N MET A 203 27.30 7.75 4.94
CA MET A 203 28.11 6.60 5.35
C MET A 203 27.89 5.36 4.50
N ARG A 204 26.66 5.18 4.04
CA ARG A 204 26.28 4.03 3.23
C ARG A 204 27.15 3.88 1.99
N ILE A 205 27.58 5.02 1.43
CA ILE A 205 28.40 5.02 0.23
C ILE A 205 29.71 4.27 0.46
N LEU A 206 30.07 4.07 1.73
CA LEU A 206 31.29 3.35 2.09
C LEU A 206 31.07 1.86 1.89
N ASP A 207 29.91 1.39 2.35
CA ASP A 207 29.55 -0.02 2.24
C ASP A 207 28.78 -0.38 0.98
N SER A 208 28.92 0.41 -0.08
CA SER A 208 28.23 0.14 -1.32
C SER A 208 29.05 -0.77 -2.22
N LYS A 209 28.42 -1.25 -3.28
CA LYS A 209 29.08 -2.13 -4.25
C LYS A 209 29.59 -1.30 -5.44
N SER A 210 29.85 -1.99 -6.55
CA SER A 210 30.35 -1.37 -7.78
C SER A 210 31.78 -0.87 -7.62
N GLU A 211 32.53 -0.98 -8.71
CA GLU A 211 33.91 -0.54 -8.71
C GLU A 211 33.97 0.99 -8.74
N ARG A 212 32.96 1.60 -9.35
CA ARG A 212 32.86 3.05 -9.47
C ARG A 212 33.11 3.75 -8.14
N ASP A 213 32.41 3.29 -7.10
CA ASP A 213 32.52 3.88 -5.78
C ASP A 213 33.84 3.58 -5.07
N GLN A 214 34.19 2.30 -4.99
CA GLN A 214 35.41 1.85 -4.32
C GLN A 214 36.69 2.54 -4.79
N ALA A 215 36.92 2.56 -6.10
CA ALA A 215 38.12 3.19 -6.65
C ALA A 215 38.20 4.66 -6.25
N LEU A 216 37.05 5.35 -6.34
CA LEU A 216 36.98 6.76 -5.99
C LEU A 216 37.35 6.99 -4.52
N LEU A 217 36.71 6.22 -3.63
CA LEU A 217 36.99 6.33 -2.19
C LEU A 217 38.48 6.19 -1.92
N LYS A 218 39.11 5.23 -2.59
CA LYS A 218 40.54 5.00 -2.43
C LYS A 218 41.38 6.20 -2.84
N GLU A 219 41.21 6.65 -4.09
CA GLU A 219 42.00 7.78 -4.57
C GLU A 219 41.71 9.08 -3.83
N LEU A 220 40.51 9.23 -3.30
CA LEU A 220 40.17 10.43 -2.52
C LEU A 220 40.76 10.35 -1.11
N GLY A 221 41.22 9.16 -0.73
CA GLY A 221 41.80 8.97 0.58
C GLY A 221 40.80 9.23 1.69
N VAL A 222 39.58 8.72 1.52
CA VAL A 222 38.54 8.91 2.51
C VAL A 222 38.94 8.23 3.82
N ARG A 223 39.06 9.05 4.85
CA ARG A 223 39.44 8.63 6.18
C ARG A 223 38.31 7.86 6.89
N PRO A 224 38.67 6.78 7.63
CA PRO A 224 37.76 5.91 8.39
C PRO A 224 36.90 6.64 9.43
N MET A 225 35.73 6.08 9.72
CA MET A 225 34.82 6.64 10.71
C MET A 225 35.52 6.66 12.08
N LEU A 226 36.42 5.71 12.29
CA LEU A 226 37.18 5.61 13.53
C LEU A 226 37.88 6.90 13.92
N ASP A 227 38.51 7.55 12.95
CA ASP A 227 39.22 8.78 13.25
C ASP A 227 38.30 9.92 13.72
N PHE A 228 36.99 9.73 13.59
CA PHE A 228 36.05 10.77 14.01
C PHE A 228 35.33 10.47 15.31
N LEU A 229 35.79 9.46 16.03
CA LEU A 229 35.16 9.11 17.30
C LEU A 229 35.46 10.17 18.36
N GLY A 230 34.45 10.49 19.16
CA GLY A 230 34.67 11.47 20.22
C GLY A 230 35.41 10.80 21.36
N GLU A 231 35.55 11.52 22.46
CA GLU A 231 36.24 11.00 23.63
C GLU A 231 35.49 9.84 24.29
N GLU A 232 34.22 10.07 24.61
CA GLU A 232 33.40 9.06 25.28
C GLU A 232 33.23 7.79 24.45
N ALA A 233 33.03 7.94 23.16
CA ALA A 233 32.85 6.81 22.27
C ALA A 233 34.11 5.97 22.28
N ARG A 234 35.25 6.65 22.17
CA ARG A 234 36.56 6.00 22.16
C ARG A 234 36.79 5.25 23.47
N ALA A 235 36.39 5.86 24.57
CA ALA A 235 36.53 5.28 25.90
C ALA A 235 35.77 3.96 25.98
N HIS A 236 34.50 4.02 25.59
CA HIS A 236 33.61 2.87 25.60
C HIS A 236 34.19 1.72 24.77
N LEU A 237 34.64 2.04 23.56
CA LEU A 237 35.20 1.03 22.67
C LEU A 237 36.43 0.35 23.29
N LYS A 238 37.24 1.12 24.01
CA LYS A 238 38.43 0.57 24.62
C LYS A 238 38.01 -0.41 25.72
N GLU A 239 36.92 -0.10 26.41
CA GLU A 239 36.41 -0.95 27.47
C GLU A 239 36.04 -2.30 26.88
N VAL A 240 35.39 -2.27 25.72
CA VAL A 240 34.98 -3.50 25.04
C VAL A 240 36.24 -4.29 24.69
N GLU A 241 37.18 -3.65 24.02
CA GLU A 241 38.43 -4.29 23.64
C GLU A 241 39.13 -4.91 24.83
N ARG A 242 39.17 -4.18 25.94
CA ARG A 242 39.81 -4.65 27.16
C ARG A 242 39.21 -6.00 27.56
N HIS A 243 37.88 -6.04 27.59
CA HIS A 243 37.16 -7.25 27.97
C HIS A 243 37.41 -8.40 27.01
N LEU A 244 37.32 -8.12 25.71
CA LEU A 244 37.54 -9.14 24.69
C LEU A 244 38.94 -9.73 24.78
N GLU A 245 39.93 -8.86 24.95
CA GLU A 245 41.32 -9.27 25.09
C GLU A 245 41.48 -10.19 26.31
N ARG A 246 40.89 -9.80 27.45
CA ARG A 246 40.96 -10.60 28.66
C ARG A 246 40.35 -11.98 28.44
N LEU A 247 39.22 -12.02 27.74
CA LEU A 247 38.54 -13.27 27.47
C LEU A 247 39.21 -14.02 26.32
N SER A 248 40.31 -13.47 25.81
CA SER A 248 41.07 -14.07 24.72
C SER A 248 40.30 -14.29 23.41
N VAL A 249 39.39 -13.38 23.10
CA VAL A 249 38.60 -13.47 21.87
C VAL A 249 39.38 -12.80 20.74
N PRO A 250 39.92 -13.58 19.80
CA PRO A 250 40.69 -13.02 18.69
C PRO A 250 39.84 -12.16 17.75
N TYR A 251 40.16 -10.88 17.66
CA TYR A 251 39.43 -9.98 16.79
C TYR A 251 40.37 -9.06 16.03
N GLU A 252 39.82 -8.38 15.03
CA GLU A 252 40.58 -7.45 14.21
C GLU A 252 39.82 -6.14 14.24
N LEU A 253 40.49 -5.06 14.60
CA LEU A 253 39.84 -3.77 14.66
C LEU A 253 39.75 -3.18 13.26
N GLU A 254 38.53 -3.06 12.75
CA GLU A 254 38.30 -2.53 11.40
C GLU A 254 38.20 -1.02 11.36
N PRO A 255 38.83 -0.41 10.34
CA PRO A 255 38.85 1.04 10.11
C PRO A 255 37.47 1.67 9.99
N ALA A 256 36.62 1.07 9.19
CA ALA A 256 35.29 1.59 8.98
C ALA A 256 34.35 0.43 8.81
N LEU A 257 33.66 0.07 9.89
CA LEU A 257 32.72 -1.03 9.84
C LEU A 257 31.34 -0.42 9.77
N VAL A 258 30.97 0.03 8.58
CA VAL A 258 29.64 0.61 8.38
C VAL A 258 28.73 -0.59 8.40
N ARG A 259 27.67 -0.51 9.19
CA ARG A 259 26.75 -1.61 9.26
C ARG A 259 25.60 -1.33 8.30
N GLY A 260 24.77 -2.33 8.02
CA GLY A 260 23.67 -2.14 7.11
C GLY A 260 22.42 -1.50 7.71
N LEU A 261 22.50 -1.08 8.96
CA LEU A 261 21.36 -0.48 9.63
C LEU A 261 21.74 0.83 10.31
N ASP A 262 20.84 1.83 10.22
CA ASP A 262 21.08 3.14 10.80
C ASP A 262 20.85 3.34 12.29
N TYR A 263 20.28 2.36 12.98
CA TYR A 263 20.04 2.51 14.41
C TYR A 263 21.28 2.30 15.28
N TYR A 264 22.36 1.85 14.64
CA TYR A 264 23.61 1.59 15.32
C TYR A 264 24.31 2.85 15.85
N VAL A 265 24.80 2.72 17.08
CA VAL A 265 25.52 3.80 17.74
C VAL A 265 26.63 3.12 18.55
N ARG A 266 27.86 3.56 18.35
CA ARG A 266 29.02 3.00 19.04
C ARG A 266 29.41 1.63 18.51
N THR A 267 29.54 0.64 19.39
CA THR A 267 29.97 -0.70 19.02
C THR A 267 29.33 -1.30 17.77
N ALA A 268 30.16 -1.89 16.91
CA ALA A 268 29.72 -2.53 15.68
C ALA A 268 30.67 -3.69 15.40
N PHE A 269 30.11 -4.87 15.16
CA PHE A 269 30.93 -6.06 14.90
C PHE A 269 30.27 -7.04 13.93
N GLU A 270 31.11 -7.92 13.37
CA GLU A 270 30.66 -8.93 12.41
C GLU A 270 31.65 -10.09 12.44
N VAL A 271 31.17 -11.31 12.28
CA VAL A 271 32.05 -12.48 12.24
C VAL A 271 31.93 -13.03 10.82
N HIS A 272 33.07 -13.27 10.18
CA HIS A 272 33.05 -13.78 8.81
C HIS A 272 33.77 -15.11 8.62
N HIS A 273 33.49 -15.74 7.49
CA HIS A 273 34.08 -17.00 7.13
C HIS A 273 34.39 -16.90 5.65
N GLU A 274 35.68 -16.89 5.33
CA GLU A 274 36.13 -16.76 3.95
C GLU A 274 36.05 -18.06 3.15
N GLU A 275 34.91 -18.73 3.20
CA GLU A 275 34.71 -19.99 2.47
C GLU A 275 33.23 -20.15 2.11
N ILE A 276 32.61 -19.03 1.78
CA ILE A 276 31.20 -18.98 1.42
C ILE A 276 31.15 -18.07 0.18
N GLY A 277 32.30 -17.57 -0.22
CA GLY A 277 32.36 -16.69 -1.37
C GLY A 277 31.89 -15.30 -0.95
N ALA A 278 31.14 -14.63 -1.81
CA ALA A 278 30.60 -13.31 -1.49
C ALA A 278 29.61 -13.52 -0.36
N GLN A 279 29.47 -12.52 0.50
CA GLN A 279 28.58 -12.61 1.66
C GLN A 279 29.14 -13.64 2.64
N SER A 280 30.27 -13.28 3.24
CA SER A 280 30.96 -14.13 4.21
C SER A 280 30.48 -13.86 5.63
N ALA A 281 29.68 -12.82 5.79
CA ALA A 281 29.17 -12.43 7.09
C ALA A 281 28.29 -13.49 7.74
N LEU A 282 28.86 -14.30 8.62
CA LEU A 282 28.06 -15.31 9.30
C LEU A 282 27.02 -14.62 10.16
N GLY A 283 27.45 -13.55 10.83
CA GLY A 283 26.55 -12.80 11.69
C GLY A 283 27.07 -11.40 11.98
N GLY A 284 26.21 -10.55 12.52
CA GLY A 284 26.61 -9.19 12.83
C GLY A 284 25.73 -8.55 13.89
N GLY A 285 26.18 -7.43 14.44
CA GLY A 285 25.42 -6.75 15.47
C GLY A 285 26.12 -5.51 15.94
N GLY A 286 25.60 -4.92 17.01
CA GLY A 286 26.17 -3.70 17.56
C GLY A 286 25.22 -3.02 18.52
N ARG A 287 25.65 -1.90 19.08
CA ARG A 287 24.83 -1.15 20.01
C ARG A 287 23.86 -0.29 19.21
N TYR A 288 22.71 0.05 19.79
CA TYR A 288 21.71 0.81 19.07
C TYR A 288 20.83 1.67 19.98
N ASP A 289 21.47 2.38 20.90
CA ASP A 289 20.74 3.24 21.83
C ASP A 289 19.97 4.27 21.01
N GLY A 290 18.80 4.66 21.48
CA GLY A 290 18.02 5.64 20.75
C GLY A 290 16.92 5.05 19.89
N LEU A 291 17.11 3.80 19.46
CA LEU A 291 16.11 3.12 18.64
C LEU A 291 14.74 3.15 19.33
N SER A 292 14.73 2.85 20.63
CA SER A 292 13.50 2.85 21.41
C SER A 292 12.77 4.18 21.27
N GLU A 293 13.54 5.26 21.30
CA GLU A 293 12.99 6.60 21.18
C GLU A 293 12.43 6.85 19.78
N LEU A 294 13.04 6.23 18.78
CA LEU A 294 12.56 6.37 17.41
C LEU A 294 11.16 5.77 17.29
N LEU A 295 10.89 4.75 18.12
CA LEU A 295 9.59 4.08 18.14
C LEU A 295 8.65 4.78 19.12
N GLY A 296 9.08 5.94 19.60
CA GLY A 296 8.28 6.72 20.53
C GLY A 296 8.31 6.27 21.97
N GLY A 297 9.46 5.80 22.45
CA GLY A 297 9.57 5.38 23.83
C GLY A 297 10.72 6.07 24.54
N PRO A 298 10.91 5.80 25.85
CA PRO A 298 12.00 6.41 26.61
C PRO A 298 13.34 5.93 26.09
N ARG A 299 14.43 6.46 26.63
CA ARG A 299 15.75 6.04 26.20
C ARG A 299 16.02 4.67 26.80
N VAL A 300 16.37 3.72 25.93
CA VAL A 300 16.67 2.36 26.37
C VAL A 300 17.90 1.91 25.60
N PRO A 301 19.04 1.82 26.29
CA PRO A 301 20.29 1.39 25.64
C PRO A 301 20.20 -0.09 25.32
N GLY A 302 20.93 -0.55 24.31
CA GLY A 302 20.89 -1.96 23.97
C GLY A 302 21.94 -2.40 22.98
N VAL A 303 22.35 -3.66 23.09
CA VAL A 303 23.35 -4.28 22.22
C VAL A 303 22.82 -5.65 21.85
N GLY A 304 23.30 -6.20 20.75
CA GLY A 304 22.87 -7.53 20.34
C GLY A 304 23.43 -7.93 18.98
N PHE A 305 23.07 -9.12 18.53
CA PHE A 305 23.55 -9.61 17.25
C PHE A 305 22.53 -10.56 16.64
N ALA A 306 22.84 -11.06 15.46
CA ALA A 306 21.99 -11.98 14.74
C ALA A 306 22.81 -12.64 13.64
N PHE A 307 22.75 -13.96 13.56
CA PHE A 307 23.50 -14.67 12.53
C PHE A 307 22.59 -15.53 11.64
N GLY A 308 22.91 -15.58 10.36
CA GLY A 308 22.13 -16.35 9.41
C GLY A 308 22.39 -17.83 9.51
N VAL A 309 21.37 -18.58 9.91
CA VAL A 309 21.47 -20.02 10.06
C VAL A 309 21.93 -20.70 8.76
N GLU A 310 21.48 -20.18 7.63
CA GLU A 310 21.86 -20.73 6.34
C GLU A 310 23.37 -20.56 6.13
N ARG A 311 23.86 -19.35 6.36
CA ARG A 311 25.28 -19.02 6.20
C ARG A 311 26.08 -19.96 7.11
N VAL A 312 25.65 -20.06 8.36
CA VAL A 312 26.33 -20.92 9.33
C VAL A 312 26.37 -22.37 8.83
N ALA A 313 25.28 -22.81 8.21
CA ALA A 313 25.19 -24.16 7.67
C ALA A 313 26.25 -24.35 6.58
N LEU A 314 26.40 -23.34 5.72
CA LEU A 314 27.39 -23.40 4.64
C LEU A 314 28.79 -23.49 5.22
N ALA A 315 29.03 -22.69 6.26
CA ALA A 315 30.32 -22.67 6.95
C ALA A 315 30.65 -24.05 7.50
N LEU A 316 29.70 -24.65 8.21
CA LEU A 316 29.89 -25.97 8.77
C LEU A 316 30.22 -26.97 7.67
N GLU A 317 29.45 -26.92 6.59
CA GLU A 317 29.66 -27.81 5.45
C GLU A 317 31.05 -27.60 4.88
N ALA A 318 31.44 -26.33 4.74
CA ALA A 318 32.76 -25.99 4.21
C ALA A 318 33.84 -26.61 5.06
N GLU A 319 33.66 -26.57 6.38
CA GLU A 319 34.64 -27.14 7.29
C GLU A 319 34.53 -28.65 7.46
N GLY A 320 33.84 -29.30 6.53
CA GLY A 320 33.69 -30.75 6.57
C GLY A 320 32.80 -31.33 7.64
N PHE A 321 31.84 -30.55 8.13
CA PHE A 321 30.92 -31.04 9.14
C PHE A 321 29.68 -31.62 8.48
N GLY A 322 29.45 -32.90 8.69
CA GLY A 322 28.31 -33.56 8.09
C GLY A 322 27.29 -34.02 9.12
N LEU A 323 26.24 -34.66 8.62
CA LEU A 323 25.18 -35.17 9.45
C LEU A 323 25.09 -36.66 9.18
N PRO A 324 24.76 -37.46 10.20
CA PRO A 324 24.65 -38.90 10.04
C PRO A 324 23.34 -39.35 9.44
N GLU A 325 23.12 -40.64 9.53
CA GLU A 325 21.93 -41.21 8.95
C GLU A 325 20.64 -41.13 9.71
N GLU A 326 19.61 -40.75 8.97
CA GLU A 326 18.26 -40.63 9.48
C GLU A 326 17.84 -42.01 9.97
N LYS A 327 17.39 -42.09 11.22
CA LYS A 327 16.96 -43.35 11.80
C LYS A 327 15.76 -43.93 11.06
N GLY A 328 15.73 -45.25 10.93
CA GLY A 328 14.62 -45.90 10.28
C GLY A 328 13.64 -46.42 11.32
N PRO A 329 12.52 -47.01 10.89
CA PRO A 329 11.52 -47.53 11.83
C PRO A 329 12.04 -48.72 12.62
N ASP A 330 11.62 -48.84 13.87
CA ASP A 330 12.04 -49.95 14.71
C ASP A 330 11.53 -51.26 14.12
N LEU A 331 10.33 -51.21 13.57
CA LEU A 331 9.70 -52.37 12.96
C LEU A 331 8.92 -51.96 11.73
N TYR A 332 9.06 -52.77 10.67
CA TYR A 332 8.35 -52.55 9.43
C TYR A 332 7.54 -53.81 9.17
N LEU A 333 6.23 -53.71 9.30
CA LEU A 333 5.35 -54.85 9.08
C LEU A 333 5.02 -55.01 7.60
N ILE A 334 5.20 -56.24 7.11
CA ILE A 334 4.92 -56.57 5.73
C ILE A 334 3.78 -57.60 5.65
N PRO A 335 2.64 -57.21 5.06
CA PRO A 335 1.47 -58.09 4.91
C PRO A 335 1.67 -59.08 3.76
N LEU A 336 1.34 -60.33 4.02
CA LEU A 336 1.49 -61.37 3.00
C LEU A 336 0.13 -61.68 2.33
N THR A 337 -0.94 -61.19 2.95
CA THR A 337 -2.30 -61.39 2.43
C THR A 337 -3.04 -60.05 2.53
N GLU A 338 -4.10 -59.88 1.77
CA GLU A 338 -4.86 -58.63 1.79
C GLU A 338 -5.48 -58.39 3.16
N GLU A 339 -5.89 -59.48 3.81
CA GLU A 339 -6.50 -59.40 5.13
C GLU A 339 -5.48 -58.93 6.16
N ALA A 340 -4.20 -59.15 5.85
CA ALA A 340 -3.09 -58.77 6.73
C ALA A 340 -2.77 -57.28 6.80
N VAL A 341 -2.94 -56.57 5.68
CA VAL A 341 -2.63 -55.14 5.65
C VAL A 341 -3.32 -54.38 6.77
N ALA A 342 -4.62 -54.58 6.94
CA ALA A 342 -5.35 -53.89 7.99
C ALA A 342 -4.84 -54.32 9.35
N GLU A 343 -4.51 -55.60 9.48
CA GLU A 343 -4.01 -56.13 10.75
C GLU A 343 -2.65 -55.54 11.10
N ALA A 344 -1.84 -55.28 10.07
CA ALA A 344 -0.51 -54.70 10.26
C ALA A 344 -0.70 -53.31 10.85
N PHE A 345 -1.65 -52.58 10.29
CA PHE A 345 -1.98 -51.23 10.75
C PHE A 345 -2.37 -51.27 12.22
N TYR A 346 -3.27 -52.20 12.57
CA TYR A 346 -3.73 -52.33 13.95
C TYR A 346 -2.59 -52.63 14.90
N LEU A 347 -1.70 -53.55 14.48
CA LEU A 347 -0.55 -53.91 15.30
C LEU A 347 0.36 -52.70 15.50
N ALA A 348 0.63 -52.00 14.40
CA ALA A 348 1.48 -50.81 14.42
C ALA A 348 0.94 -49.80 15.43
N GLU A 349 -0.35 -49.51 15.36
CA GLU A 349 -0.97 -48.56 16.27
C GLU A 349 -0.84 -48.96 17.73
N ALA A 350 -0.79 -50.26 17.99
CA ALA A 350 -0.66 -50.75 19.35
C ALA A 350 0.75 -50.53 19.89
N LEU A 351 1.72 -50.55 18.97
CA LEU A 351 3.12 -50.34 19.31
C LEU A 351 3.47 -48.87 19.49
N ARG A 352 2.76 -48.00 18.77
CA ARG A 352 2.98 -46.55 18.83
C ARG A 352 2.42 -45.94 20.12
N PRO A 353 2.99 -44.81 20.58
CA PRO A 353 4.10 -44.07 19.99
C PRO A 353 5.46 -44.44 20.58
N ARG A 354 5.44 -45.29 21.62
CA ARG A 354 6.65 -45.73 22.30
C ARG A 354 7.62 -46.47 21.38
N LEU A 355 7.09 -47.01 20.28
CA LEU A 355 7.88 -47.75 19.31
C LEU A 355 7.49 -47.22 17.94
N ARG A 356 8.47 -47.02 17.07
CA ARG A 356 8.18 -46.53 15.73
C ARG A 356 7.89 -47.71 14.81
N ALA A 357 6.61 -47.90 14.51
CA ALA A 357 6.16 -49.00 13.67
C ALA A 357 5.51 -48.53 12.37
N GLU A 358 6.07 -48.99 11.25
CA GLU A 358 5.54 -48.67 9.94
C GLU A 358 5.08 -49.96 9.26
N TYR A 359 4.38 -49.84 8.14
CA TYR A 359 3.86 -51.01 7.46
C TYR A 359 3.57 -50.72 5.99
N ALA A 360 3.44 -51.77 5.19
CA ALA A 360 3.13 -51.64 3.77
C ALA A 360 1.60 -51.62 3.60
N LEU A 361 1.10 -50.93 2.59
CA LEU A 361 -0.35 -50.85 2.36
C LEU A 361 -0.87 -51.85 1.33
N ALA A 362 -0.06 -52.85 1.03
CA ALA A 362 -0.43 -53.87 0.05
C ALA A 362 0.35 -55.14 0.32
N PRO A 363 -0.24 -56.30 0.00
CA PRO A 363 0.43 -57.59 0.22
C PRO A 363 1.60 -57.74 -0.75
N ARG A 364 2.64 -58.45 -0.32
CA ARG A 364 3.80 -58.67 -1.18
C ARG A 364 4.61 -59.87 -0.73
N LYS A 365 5.49 -60.34 -1.62
CA LYS A 365 6.32 -61.49 -1.32
C LYS A 365 7.30 -61.19 -0.20
N PRO A 366 7.61 -62.18 0.64
CA PRO A 366 8.54 -61.99 1.75
C PRO A 366 9.82 -61.25 1.34
N ALA A 367 10.48 -61.73 0.30
CA ALA A 367 11.71 -61.13 -0.19
C ALA A 367 11.57 -59.65 -0.54
N LYS A 368 10.47 -59.31 -1.20
CA LYS A 368 10.20 -57.94 -1.61
C LYS A 368 9.97 -57.04 -0.40
N GLY A 369 9.13 -57.49 0.53
CA GLY A 369 8.87 -56.71 1.72
C GLY A 369 10.11 -56.53 2.56
N LEU A 370 10.98 -57.55 2.54
CA LEU A 370 12.21 -57.50 3.28
C LEU A 370 13.11 -56.44 2.67
N GLU A 371 13.15 -56.37 1.34
CA GLU A 371 13.97 -55.37 0.65
C GLU A 371 13.51 -53.96 1.05
N GLU A 372 12.20 -53.77 1.11
CA GLU A 372 11.64 -52.47 1.48
C GLU A 372 11.98 -52.11 2.92
N ALA A 373 11.98 -53.11 3.81
CA ALA A 373 12.32 -52.89 5.20
C ALA A 373 13.76 -52.40 5.28
N LEU A 374 14.62 -53.01 4.46
CA LEU A 374 16.03 -52.65 4.41
C LEU A 374 16.17 -51.25 3.84
N LYS A 375 15.43 -50.98 2.78
CA LYS A 375 15.46 -49.67 2.12
C LYS A 375 15.09 -48.58 3.12
N ARG A 376 14.15 -48.88 4.01
CA ARG A 376 13.68 -47.92 5.00
C ARG A 376 14.57 -47.87 6.25
N GLY A 377 15.60 -48.71 6.28
CA GLY A 377 16.50 -48.74 7.43
C GLY A 377 15.83 -49.24 8.69
N ALA A 378 14.88 -50.14 8.52
CA ALA A 378 14.14 -50.70 9.66
C ALA A 378 15.04 -51.64 10.43
N ALA A 379 14.88 -51.64 11.75
CA ALA A 379 15.69 -52.52 12.61
C ALA A 379 15.15 -53.95 12.48
N PHE A 380 13.84 -54.07 12.65
CA PHE A 380 13.16 -55.35 12.57
C PHE A 380 12.12 -55.39 11.47
N ALA A 381 12.04 -56.54 10.80
CA ALA A 381 11.06 -56.74 9.76
C ALA A 381 10.02 -57.66 10.41
N GLY A 382 8.74 -57.41 10.16
CA GLY A 382 7.71 -58.24 10.73
C GLY A 382 6.79 -58.81 9.67
N PHE A 383 6.63 -60.13 9.65
CA PHE A 383 5.79 -60.81 8.68
C PHE A 383 4.41 -61.14 9.20
N LEU A 384 3.39 -60.82 8.40
CA LEU A 384 2.01 -61.13 8.75
C LEU A 384 1.33 -61.87 7.62
N GLY A 385 1.39 -63.19 7.71
CA GLY A 385 0.77 -64.06 6.73
C GLY A 385 -0.37 -64.81 7.39
N GLU A 386 -0.99 -65.71 6.64
CA GLU A 386 -2.11 -66.48 7.15
C GLU A 386 -1.83 -67.16 8.51
N ASP A 387 -0.72 -67.90 8.56
CA ASP A 387 -0.34 -68.63 9.78
C ASP A 387 -0.36 -67.78 11.04
N GLU A 388 0.42 -66.70 11.04
CA GLU A 388 0.49 -65.81 12.19
C GLU A 388 -0.82 -65.11 12.48
N LEU A 389 -1.56 -64.76 11.44
CA LEU A 389 -2.85 -64.10 11.62
C LEU A 389 -3.78 -64.98 12.45
N ARG A 390 -3.89 -66.23 12.04
CA ARG A 390 -4.75 -67.16 12.74
C ARG A 390 -4.19 -67.58 14.09
N ALA A 391 -2.87 -67.55 14.24
CA ALA A 391 -2.22 -67.91 15.50
C ALA A 391 -2.06 -66.73 16.48
N GLY A 392 -2.39 -65.52 16.03
CA GLY A 392 -2.28 -64.35 16.88
C GLY A 392 -0.82 -64.05 17.22
N GLU A 393 0.07 -64.42 16.30
CA GLU A 393 1.50 -64.24 16.46
C GLU A 393 2.02 -63.36 15.34
N VAL A 394 3.33 -63.11 15.35
CA VAL A 394 4.00 -62.30 14.33
C VAL A 394 5.40 -62.86 14.17
N THR A 395 5.91 -62.87 12.95
CA THR A 395 7.26 -63.35 12.68
C THR A 395 8.21 -62.17 12.55
N LEU A 396 9.01 -61.93 13.59
CA LEU A 396 9.97 -60.83 13.59
C LEU A 396 11.32 -61.31 13.08
N LYS A 397 12.08 -60.40 12.47
CA LYS A 397 13.38 -60.76 11.93
C LYS A 397 14.31 -59.55 12.00
N ARG A 398 15.34 -59.63 12.83
CA ARG A 398 16.28 -58.52 12.93
C ARG A 398 17.06 -58.51 11.62
N LEU A 399 16.91 -57.44 10.86
CA LEU A 399 17.58 -57.31 9.56
C LEU A 399 19.09 -57.38 9.62
N ALA A 400 19.63 -57.14 10.82
CA ALA A 400 21.06 -57.16 11.08
C ALA A 400 21.66 -58.57 11.15
N THR A 401 21.22 -59.34 12.14
CA THR A 401 21.73 -60.70 12.32
C THR A 401 20.93 -61.76 11.56
N GLY A 402 19.75 -61.38 11.08
CA GLY A 402 18.91 -62.32 10.36
C GLY A 402 18.19 -63.23 11.34
N GLU A 403 18.30 -62.90 12.62
CA GLU A 403 17.66 -63.67 13.68
C GLU A 403 16.14 -63.56 13.57
N GLN A 404 15.49 -64.68 13.31
CA GLN A 404 14.05 -64.70 13.17
C GLN A 404 13.38 -65.30 14.40
N VAL A 405 12.30 -64.68 14.84
CA VAL A 405 11.57 -65.12 16.03
C VAL A 405 10.07 -65.09 15.75
N ARG A 406 9.36 -66.09 16.26
CA ARG A 406 7.92 -66.17 16.12
C ARG A 406 7.35 -66.00 17.53
N LEU A 407 6.55 -64.97 17.75
CA LEU A 407 5.98 -64.76 19.09
C LEU A 407 4.60 -64.12 19.02
N SER A 408 3.85 -64.24 20.13
CA SER A 408 2.52 -63.68 20.19
C SER A 408 2.54 -62.16 20.17
N ARG A 409 1.49 -61.57 19.60
CA ARG A 409 1.37 -60.13 19.51
C ARG A 409 1.72 -59.41 20.81
N GLU A 410 1.38 -60.02 21.94
CA GLU A 410 1.64 -59.44 23.26
C GLU A 410 3.13 -59.28 23.56
N GLU A 411 3.92 -60.31 23.24
CA GLU A 411 5.35 -60.29 23.50
C GLU A 411 6.14 -59.32 22.63
N VAL A 412 5.61 -59.01 21.44
CA VAL A 412 6.27 -58.12 20.49
C VAL A 412 6.81 -56.81 21.08
N PRO A 413 5.94 -56.01 21.75
CA PRO A 413 6.43 -54.76 22.32
C PRO A 413 7.63 -54.96 23.25
N GLY A 414 7.49 -55.90 24.18
CA GLY A 414 8.55 -56.19 25.11
C GLY A 414 9.84 -56.65 24.43
N TYR A 415 9.72 -57.62 23.53
CA TYR A 415 10.86 -58.16 22.81
C TYR A 415 11.62 -57.06 22.07
N LEU A 416 10.90 -56.25 21.30
CA LEU A 416 11.52 -55.16 20.54
C LEU A 416 12.23 -54.17 21.43
N LEU A 417 11.57 -53.74 22.51
CA LEU A 417 12.14 -52.77 23.44
C LEU A 417 13.44 -53.21 24.11
N GLN A 418 13.47 -54.42 24.63
CA GLN A 418 14.68 -54.92 25.28
C GLN A 418 15.81 -55.18 24.27
N ALA A 419 15.44 -55.44 23.02
CA ALA A 419 16.41 -55.73 21.97
C ALA A 419 16.93 -54.48 21.25
N LEU A 420 16.35 -53.32 21.57
CA LEU A 420 16.77 -52.08 20.93
C LEU A 420 17.03 -50.92 21.89
N GLY A 421 16.65 -51.12 23.16
CA GLY A 421 16.85 -50.08 24.15
C GLY A 421 18.03 -50.35 25.06
N THR B 2 5.16 4.05 20.63
CA THR B 2 3.87 4.20 19.91
C THR B 2 3.33 2.87 19.40
N ALA B 3 4.09 2.25 18.49
CA ALA B 3 3.71 0.98 17.89
C ALA B 3 3.43 -0.14 18.88
N ARG B 4 2.52 -1.02 18.49
CA ARG B 4 2.11 -2.17 19.30
C ARG B 4 2.10 -3.37 18.36
N ALA B 5 1.94 -4.56 18.93
CA ALA B 5 1.88 -5.77 18.12
C ALA B 5 0.51 -5.69 17.46
N VAL B 6 0.50 -5.77 16.13
CA VAL B 6 -0.75 -5.68 15.36
C VAL B 6 -1.83 -6.59 15.93
N ARG B 7 -3.05 -6.06 16.04
CA ARG B 7 -4.19 -6.81 16.58
C ARG B 7 -4.33 -8.15 15.87
N GLY B 8 -4.43 -9.21 16.68
CA GLY B 8 -4.56 -10.54 16.13
C GLY B 8 -3.28 -11.34 16.27
N THR B 9 -2.19 -10.64 16.58
CA THR B 9 -0.88 -11.26 16.78
C THR B 9 -0.38 -10.87 18.16
N LYS B 10 0.61 -11.59 18.66
CA LYS B 10 1.16 -11.29 19.97
C LYS B 10 2.52 -11.95 20.17
N ASP B 11 3.26 -11.44 21.14
CA ASP B 11 4.59 -11.95 21.44
C ASP B 11 4.48 -13.19 22.31
N LEU B 12 5.17 -14.24 21.90
CA LEU B 12 5.17 -15.49 22.63
C LEU B 12 6.39 -15.63 23.52
N PHE B 13 6.16 -15.71 24.82
CA PHE B 13 7.24 -15.87 25.78
C PHE B 13 6.69 -16.43 27.09
N GLY B 14 7.58 -16.87 27.97
CA GLY B 14 7.16 -17.41 29.24
C GLY B 14 6.39 -18.72 29.12
N LYS B 15 5.50 -18.95 30.08
CA LYS B 15 4.69 -20.16 30.11
C LYS B 15 3.93 -20.43 28.82
N GLU B 16 3.29 -19.39 28.29
CA GLU B 16 2.52 -19.51 27.05
C GLU B 16 3.39 -20.11 25.94
N LEU B 17 4.60 -19.58 25.79
CA LEU B 17 5.53 -20.06 24.76
C LEU B 17 5.89 -21.52 25.02
N ARG B 18 6.19 -21.83 26.27
CA ARG B 18 6.57 -23.18 26.66
C ARG B 18 5.48 -24.22 26.35
N MET B 19 4.23 -23.86 26.62
CA MET B 19 3.10 -24.76 26.37
C MET B 19 3.06 -25.09 24.89
N HIS B 20 3.24 -24.08 24.05
CA HIS B 20 3.25 -24.28 22.60
C HIS B 20 4.33 -25.29 22.23
N GLN B 21 5.49 -25.13 22.86
CA GLN B 21 6.62 -26.00 22.59
C GLN B 21 6.34 -27.43 23.04
N ARG B 22 5.58 -27.58 24.13
CA ARG B 22 5.22 -28.91 24.61
C ARG B 22 4.26 -29.57 23.63
N ILE B 23 3.26 -28.81 23.18
CA ILE B 23 2.28 -29.28 22.23
C ILE B 23 2.97 -29.79 20.97
N VAL B 24 3.81 -28.95 20.37
CA VAL B 24 4.51 -29.36 19.17
C VAL B 24 5.45 -30.54 19.43
N ALA B 25 6.03 -30.59 20.62
CA ALA B 25 6.95 -31.67 20.98
C ALA B 25 6.23 -33.01 20.93
N THR B 26 5.07 -33.07 21.56
CA THR B 26 4.25 -34.28 21.60
C THR B 26 3.78 -34.70 20.21
N ALA B 27 3.26 -33.73 19.44
CA ALA B 27 2.80 -34.00 18.09
C ALA B 27 3.94 -34.59 17.26
N ARG B 28 5.16 -34.07 17.47
CA ARG B 28 6.35 -34.54 16.75
C ARG B 28 6.58 -36.02 17.03
N LYS B 29 6.41 -36.42 18.28
CA LYS B 29 6.62 -37.80 18.67
C LYS B 29 5.61 -38.77 18.02
N VAL B 30 4.32 -38.55 18.25
CA VAL B 30 3.30 -39.43 17.69
C VAL B 30 3.35 -39.50 16.17
N LEU B 31 3.44 -38.33 15.52
CA LEU B 31 3.48 -38.26 14.07
C LEU B 31 4.68 -38.99 13.49
N GLU B 32 5.86 -38.73 14.02
CA GLU B 32 7.07 -39.38 13.48
C GLU B 32 7.10 -40.86 13.79
N ALA B 33 6.39 -41.27 14.83
CA ALA B 33 6.31 -42.67 15.21
C ALA B 33 5.55 -43.41 14.10
N ALA B 34 4.66 -42.67 13.43
CA ALA B 34 3.86 -43.21 12.34
C ALA B 34 4.63 -43.18 11.01
N GLY B 35 5.86 -42.67 11.05
CA GLY B 35 6.68 -42.59 9.86
C GLY B 35 6.60 -41.27 9.12
N ALA B 36 6.09 -40.24 9.78
CA ALA B 36 5.97 -38.91 9.15
C ALA B 36 7.32 -38.19 9.11
N LEU B 37 7.59 -37.55 7.98
CA LEU B 37 8.82 -36.81 7.77
C LEU B 37 8.53 -35.31 7.91
N GLU B 38 9.41 -34.59 8.60
CA GLU B 38 9.22 -33.15 8.78
C GLU B 38 9.59 -32.43 7.48
N LEU B 39 8.70 -31.54 7.04
CA LEU B 39 8.88 -30.76 5.82
C LEU B 39 8.30 -29.38 6.11
N VAL B 40 9.13 -28.35 6.01
CA VAL B 40 8.68 -26.98 6.26
C VAL B 40 8.64 -26.15 4.98
N THR B 41 7.46 -25.65 4.64
CA THR B 41 7.29 -24.85 3.45
C THR B 41 7.44 -23.37 3.79
N PRO B 42 7.73 -22.53 2.77
CA PRO B 42 7.90 -21.08 2.94
C PRO B 42 6.65 -20.41 3.51
N ILE B 43 6.84 -19.26 4.13
CA ILE B 43 5.75 -18.48 4.72
C ILE B 43 4.76 -18.00 3.66
N PHE B 44 5.23 -17.85 2.43
CA PHE B 44 4.35 -17.43 1.34
C PHE B 44 4.54 -18.23 0.07
N GLU B 45 3.49 -18.35 -0.72
CA GLU B 45 3.52 -19.08 -1.98
C GLU B 45 2.92 -18.17 -3.04
N GLU B 46 3.02 -18.57 -4.30
CA GLU B 46 2.43 -17.79 -5.39
C GLU B 46 0.94 -17.79 -5.08
N THR B 47 0.32 -16.62 -5.09
CA THR B 47 -1.10 -16.50 -4.78
C THR B 47 -2.01 -17.59 -5.38
N GLN B 48 -1.67 -18.06 -6.59
CA GLN B 48 -2.47 -19.09 -7.26
C GLN B 48 -2.58 -20.40 -6.46
N VAL B 49 -1.49 -20.83 -5.83
CA VAL B 49 -1.45 -22.07 -5.05
C VAL B 49 -2.62 -22.11 -4.07
N PHE B 50 -2.98 -20.97 -3.51
CA PHE B 50 -4.09 -20.91 -2.57
C PHE B 50 -5.43 -20.66 -3.24
N GLU B 51 -5.43 -19.89 -4.32
CA GLU B 51 -6.66 -19.59 -5.05
C GLU B 51 -7.24 -20.88 -5.63
N LYS B 52 -6.44 -21.53 -6.45
CA LYS B 52 -6.83 -22.77 -7.11
C LYS B 52 -7.02 -23.90 -6.11
N GLY B 53 -6.07 -24.03 -5.19
CA GLY B 53 -6.13 -25.09 -4.20
C GLY B 53 -7.30 -25.03 -3.22
N VAL B 54 -7.35 -23.96 -2.44
CA VAL B 54 -8.40 -23.79 -1.43
C VAL B 54 -9.77 -23.61 -2.08
N GLY B 55 -9.77 -23.18 -3.33
CA GLY B 55 -11.02 -22.97 -4.05
C GLY B 55 -11.45 -21.52 -4.07
N ALA B 56 -11.56 -20.96 -5.27
CA ALA B 56 -11.95 -19.56 -5.47
C ALA B 56 -13.30 -19.13 -4.88
N ALA B 57 -14.04 -20.05 -4.29
CA ALA B 57 -15.35 -19.73 -3.71
C ALA B 57 -15.33 -19.61 -2.18
N THR B 58 -14.24 -20.05 -1.57
CA THR B 58 -14.14 -20.02 -0.11
C THR B 58 -13.85 -18.64 0.48
N ASP B 59 -14.29 -18.42 1.72
CA ASP B 59 -14.09 -17.16 2.42
C ASP B 59 -12.61 -16.83 2.51
N ILE B 60 -11.82 -17.85 2.80
CA ILE B 60 -10.38 -17.72 2.91
C ILE B 60 -9.81 -17.03 1.67
N VAL B 61 -10.02 -17.64 0.51
CA VAL B 61 -9.54 -17.10 -0.74
C VAL B 61 -10.17 -15.77 -1.11
N ARG B 62 -11.48 -15.68 -0.96
CA ARG B 62 -12.21 -14.46 -1.32
C ARG B 62 -11.99 -13.21 -0.48
N LYS B 63 -11.69 -13.36 0.81
CA LYS B 63 -11.49 -12.16 1.64
C LYS B 63 -10.64 -12.31 2.90
N GLU B 64 -9.88 -13.39 3.02
CA GLU B 64 -9.07 -13.58 4.23
C GLU B 64 -7.60 -13.89 3.95
N MET B 65 -7.11 -13.54 2.76
CA MET B 65 -5.73 -13.84 2.42
C MET B 65 -4.83 -12.61 2.39
N PHE B 66 -3.76 -12.64 3.17
CA PHE B 66 -2.81 -11.54 3.19
C PHE B 66 -1.98 -11.70 1.93
N THR B 67 -2.42 -11.07 0.86
CA THR B 67 -1.73 -11.16 -0.41
C THR B 67 -1.11 -9.82 -0.77
N PHE B 68 0.08 -9.87 -1.38
CA PHE B 68 0.81 -8.67 -1.77
C PHE B 68 1.60 -8.96 -3.03
N GLN B 69 2.14 -7.90 -3.62
CA GLN B 69 2.91 -8.06 -4.84
C GLN B 69 4.40 -7.96 -4.60
N ASP B 70 5.13 -8.83 -5.28
CA ASP B 70 6.58 -8.87 -5.21
C ASP B 70 7.05 -7.64 -5.98
N ARG B 71 8.14 -7.02 -5.52
CA ARG B 71 8.69 -5.85 -6.18
C ARG B 71 8.92 -6.14 -7.67
N GLY B 72 8.10 -5.51 -8.51
CA GLY B 72 8.20 -5.70 -9.94
C GLY B 72 6.97 -6.42 -10.49
N GLY B 73 6.75 -7.64 -10.03
CA GLY B 73 5.60 -8.41 -10.50
C GLY B 73 5.36 -9.61 -9.60
N ARG B 74 4.49 -10.51 -10.05
CA ARG B 74 4.14 -11.72 -9.31
C ARG B 74 3.38 -11.41 -8.02
N SER B 75 2.30 -12.14 -7.80
CA SER B 75 1.47 -11.95 -6.62
C SER B 75 1.74 -13.09 -5.65
N LEU B 76 2.11 -12.74 -4.42
CA LEU B 76 2.42 -13.71 -3.38
C LEU B 76 1.40 -13.58 -2.25
N THR B 77 1.20 -14.67 -1.52
CA THR B 77 0.24 -14.64 -0.42
C THR B 77 0.77 -15.36 0.81
N LEU B 78 0.50 -14.76 1.96
CA LEU B 78 0.90 -15.32 3.24
C LEU B 78 0.08 -16.57 3.48
N ARG B 79 0.77 -17.70 3.58
CA ARG B 79 0.15 -19.01 3.81
C ARG B 79 -0.95 -19.01 4.86
N PRO B 80 -2.20 -19.29 4.45
CA PRO B 80 -3.37 -19.34 5.35
C PRO B 80 -3.66 -20.76 5.82
N GLU B 81 -3.09 -21.74 5.14
CA GLU B 81 -3.28 -23.15 5.46
C GLU B 81 -2.15 -23.96 4.80
N GLY B 82 -1.84 -25.12 5.37
CA GLY B 82 -0.74 -25.92 4.85
C GLY B 82 -0.88 -26.96 3.74
N THR B 83 -2.01 -27.66 3.69
CA THR B 83 -2.22 -28.71 2.70
C THR B 83 -1.81 -28.41 1.25
N ALA B 84 -2.39 -27.36 0.69
CA ALA B 84 -2.09 -26.96 -0.67
C ALA B 84 -0.58 -26.88 -0.86
N ALA B 85 0.10 -26.25 0.10
CA ALA B 85 1.55 -26.10 0.06
C ALA B 85 2.24 -27.45 0.08
N MET B 86 1.81 -28.33 0.97
CA MET B 86 2.39 -29.67 1.10
C MET B 86 2.27 -30.42 -0.22
N VAL B 87 1.15 -30.24 -0.89
CA VAL B 87 0.90 -30.89 -2.18
C VAL B 87 1.81 -30.26 -3.23
N ARG B 88 1.95 -28.95 -3.17
CA ARG B 88 2.80 -28.20 -4.09
C ARG B 88 4.22 -28.75 -3.97
N ALA B 89 4.66 -28.93 -2.72
CA ALA B 89 6.00 -29.46 -2.43
C ALA B 89 6.14 -30.88 -2.95
N TYR B 90 5.12 -31.70 -2.72
CA TYR B 90 5.10 -33.09 -3.16
C TYR B 90 5.36 -33.14 -4.66
N LEU B 91 4.64 -32.31 -5.40
CA LEU B 91 4.78 -32.24 -6.85
C LEU B 91 6.18 -31.78 -7.25
N GLU B 92 6.58 -30.62 -6.72
CA GLU B 92 7.88 -30.03 -7.03
C GLU B 92 9.08 -30.94 -6.83
N HIS B 93 9.12 -31.61 -5.69
CA HIS B 93 10.24 -32.50 -5.39
C HIS B 93 10.09 -33.90 -5.98
N GLY B 94 9.08 -34.10 -6.83
CA GLY B 94 8.87 -35.39 -7.44
C GLY B 94 8.75 -36.48 -6.40
N MET B 95 8.15 -36.14 -5.27
CA MET B 95 7.96 -37.09 -4.17
C MET B 95 7.13 -38.28 -4.63
N LYS B 96 6.48 -38.13 -5.78
CA LYS B 96 5.66 -39.17 -6.37
C LYS B 96 6.48 -40.43 -6.61
N VAL B 97 7.80 -40.30 -6.53
CA VAL B 97 8.70 -41.43 -6.76
C VAL B 97 9.28 -42.06 -5.49
N TRP B 98 8.97 -41.48 -4.34
CA TRP B 98 9.44 -42.02 -3.07
C TRP B 98 8.47 -43.16 -2.76
N PRO B 99 8.85 -44.08 -1.86
CA PRO B 99 7.94 -45.17 -1.54
C PRO B 99 6.64 -44.58 -0.94
N GLN B 100 5.51 -44.97 -1.51
CA GLN B 100 4.21 -44.48 -1.07
C GLN B 100 3.66 -45.31 0.10
N PRO B 101 2.84 -44.70 0.98
CA PRO B 101 2.44 -43.29 0.89
C PRO B 101 3.49 -42.38 1.52
N VAL B 102 3.52 -41.13 1.09
CA VAL B 102 4.47 -40.15 1.62
C VAL B 102 3.80 -39.34 2.72
N ARG B 103 4.23 -39.55 3.97
CA ARG B 103 3.69 -38.84 5.12
C ARG B 103 4.57 -37.64 5.46
N LEU B 104 3.96 -36.46 5.59
CA LEU B 104 4.69 -35.22 5.89
C LEU B 104 4.06 -34.46 7.06
N TRP B 105 4.89 -33.79 7.85
CA TRP B 105 4.38 -33.03 8.98
C TRP B 105 5.24 -31.80 9.26
N MET B 106 4.67 -30.83 9.98
CA MET B 106 5.37 -29.60 10.32
C MET B 106 4.50 -28.85 11.32
N ALA B 107 5.04 -27.77 11.85
CA ALA B 107 4.34 -26.91 12.80
C ALA B 107 4.83 -25.50 12.49
N GLY B 108 3.90 -24.58 12.29
CA GLY B 108 4.31 -23.22 11.97
C GLY B 108 3.17 -22.24 12.02
N PRO B 109 3.46 -20.97 11.72
CA PRO B 109 2.43 -19.94 11.74
C PRO B 109 1.60 -19.91 10.45
N MET B 110 0.33 -19.55 10.59
CA MET B 110 -0.59 -19.43 9.47
C MET B 110 -1.21 -18.06 9.61
N PHE B 111 -1.52 -17.43 8.49
CA PHE B 111 -2.08 -16.08 8.51
C PHE B 111 -3.40 -15.97 7.78
N ARG B 112 -4.42 -15.52 8.51
CA ARG B 112 -5.75 -15.35 7.94
C ARG B 112 -6.24 -13.94 8.24
N ALA B 113 -6.53 -13.18 7.18
CA ALA B 113 -7.00 -11.81 7.30
C ALA B 113 -8.45 -11.68 7.73
N GLU B 114 -8.78 -12.18 8.92
CA GLU B 114 -10.15 -12.08 9.39
C GLU B 114 -10.20 -11.31 10.69
N ARG B 115 -11.33 -10.67 10.96
CA ARG B 115 -11.50 -9.88 12.17
C ARG B 115 -11.36 -10.79 13.38
N PRO B 116 -10.35 -10.52 14.23
CA PRO B 116 -10.09 -11.34 15.41
C PRO B 116 -11.12 -11.25 16.53
N GLN B 117 -11.20 -12.35 17.27
CA GLN B 117 -12.06 -12.50 18.43
C GLN B 117 -11.51 -13.67 19.21
N LYS B 118 -12.18 -14.10 20.27
CA LYS B 118 -11.61 -15.22 21.04
C LYS B 118 -11.45 -16.54 20.32
N GLY B 119 -10.20 -16.87 19.99
CA GLY B 119 -9.94 -18.11 19.28
C GLY B 119 -9.50 -17.82 17.86
N ARG B 120 -9.96 -16.69 17.32
CA ARG B 120 -9.60 -16.31 15.95
C ARG B 120 -8.51 -15.26 15.94
N TYR B 121 -7.30 -15.69 15.67
CA TYR B 121 -6.16 -14.79 15.60
C TYR B 121 -5.84 -14.57 14.13
N ARG B 122 -5.15 -13.49 13.83
CA ARG B 122 -4.77 -13.22 12.45
C ARG B 122 -3.52 -14.03 12.12
N GLN B 123 -2.74 -14.31 13.17
CA GLN B 123 -1.55 -15.14 13.04
C GLN B 123 -1.67 -16.19 14.13
N PHE B 124 -1.80 -17.43 13.71
CA PHE B 124 -1.93 -18.55 14.64
C PHE B 124 -0.91 -19.61 14.23
N HIS B 125 -0.80 -20.66 15.02
CA HIS B 125 0.15 -21.74 14.72
C HIS B 125 -0.57 -23.07 14.77
N GLN B 126 -0.29 -23.95 13.82
CA GLN B 126 -0.92 -25.24 13.76
C GLN B 126 0.03 -26.37 13.37
N VAL B 127 -0.23 -27.55 13.90
CA VAL B 127 0.55 -28.75 13.57
C VAL B 127 -0.20 -29.34 12.38
N ASN B 128 0.53 -29.68 11.32
CA ASN B 128 -0.08 -30.19 10.10
C ASN B 128 0.46 -31.56 9.70
N TYR B 129 -0.44 -32.50 9.46
CA TYR B 129 -0.09 -33.86 9.04
C TYR B 129 -0.70 -34.18 7.68
N GLU B 130 0.05 -34.90 6.86
CA GLU B 130 -0.36 -35.26 5.51
C GLU B 130 0.05 -36.67 5.13
N ALA B 131 -0.79 -37.35 4.35
CA ALA B 131 -0.51 -38.70 3.87
C ALA B 131 -0.88 -38.70 2.39
N LEU B 132 0.13 -38.61 1.53
CA LEU B 132 -0.08 -38.54 0.09
C LEU B 132 0.31 -39.77 -0.71
N GLY B 133 -0.41 -39.97 -1.83
CA GLY B 133 -0.13 -41.10 -2.70
C GLY B 133 -1.02 -42.33 -2.64
N SER B 134 -2.09 -42.30 -1.86
CA SER B 134 -2.97 -43.47 -1.76
C SER B 134 -4.42 -43.14 -1.39
N GLU B 135 -5.33 -43.94 -1.94
CA GLU B 135 -6.76 -43.80 -1.71
C GLU B 135 -7.24 -44.71 -0.57
N ASN B 136 -6.39 -45.65 -0.19
CA ASN B 136 -6.71 -46.61 0.87
C ASN B 136 -7.26 -45.96 2.14
N PRO B 137 -8.51 -46.28 2.50
CA PRO B 137 -9.19 -45.75 3.68
C PRO B 137 -8.48 -45.95 5.01
N ILE B 138 -7.43 -46.76 5.03
CA ILE B 138 -6.67 -47.01 6.26
C ILE B 138 -5.99 -45.70 6.70
N LEU B 139 -5.47 -44.97 5.71
CA LEU B 139 -4.78 -43.71 5.95
C LEU B 139 -5.75 -42.69 6.56
N ASP B 140 -7.01 -42.75 6.12
CA ASP B 140 -8.04 -41.84 6.61
C ASP B 140 -8.28 -42.14 8.10
N ALA B 141 -8.36 -43.42 8.43
CA ALA B 141 -8.56 -43.84 9.81
C ALA B 141 -7.35 -43.41 10.63
N GLU B 142 -6.17 -43.68 10.09
CA GLU B 142 -4.89 -43.34 10.72
C GLU B 142 -4.85 -41.85 11.03
N ALA B 143 -5.18 -41.03 10.04
CA ALA B 143 -5.19 -39.58 10.19
C ALA B 143 -6.02 -39.19 11.42
N VAL B 144 -7.24 -39.72 11.50
CA VAL B 144 -8.12 -39.42 12.62
C VAL B 144 -7.50 -39.90 13.93
N VAL B 145 -6.91 -41.09 13.92
CA VAL B 145 -6.29 -41.65 15.12
C VAL B 145 -5.13 -40.78 15.58
N LEU B 146 -4.28 -40.38 14.65
CA LEU B 146 -3.11 -39.56 14.96
C LEU B 146 -3.54 -38.25 15.60
N LEU B 147 -4.50 -37.56 15.00
CA LEU B 147 -4.99 -36.30 15.56
C LEU B 147 -5.52 -36.56 16.97
N TYR B 148 -6.32 -37.62 17.10
CA TYR B 148 -6.90 -38.00 18.38
C TYR B 148 -5.78 -38.25 19.40
N GLU B 149 -4.75 -38.97 18.99
CA GLU B 149 -3.63 -39.29 19.87
C GLU B 149 -2.82 -38.08 20.31
N CYS B 150 -2.57 -37.16 19.39
CA CYS B 150 -1.80 -35.97 19.73
C CYS B 150 -2.44 -35.25 20.92
N LEU B 151 -3.76 -35.09 20.86
CA LEU B 151 -4.49 -34.42 21.92
C LEU B 151 -4.62 -35.30 23.16
N LYS B 152 -4.70 -36.60 22.94
CA LYS B 152 -4.84 -37.57 24.03
C LYS B 152 -3.56 -37.61 24.87
N GLU B 153 -2.42 -37.69 24.18
CA GLU B 153 -1.11 -37.74 24.83
C GLU B 153 -0.86 -36.51 25.69
N LEU B 154 -1.39 -35.37 25.27
CA LEU B 154 -1.23 -34.12 26.02
C LEU B 154 -1.95 -34.17 27.37
N GLY B 155 -2.79 -35.19 27.55
CA GLY B 155 -3.52 -35.32 28.79
C GLY B 155 -4.99 -34.96 28.66
N LEU B 156 -5.38 -34.43 27.49
CA LEU B 156 -6.76 -34.04 27.25
C LEU B 156 -7.65 -35.28 27.28
N ARG B 157 -8.79 -35.16 27.94
CA ARG B 157 -9.72 -36.27 28.07
C ARG B 157 -11.08 -35.96 27.46
N ARG B 158 -11.57 -34.74 27.66
CA ARG B 158 -12.87 -34.34 27.14
C ARG B 158 -12.90 -33.85 25.69
N LEU B 159 -12.64 -34.76 24.76
CA LEU B 159 -12.66 -34.46 23.33
C LEU B 159 -13.91 -35.03 22.67
N LYS B 160 -14.31 -34.45 21.55
CA LYS B 160 -15.49 -34.91 20.81
C LYS B 160 -15.15 -35.05 19.32
N VAL B 161 -14.85 -36.28 18.90
CA VAL B 161 -14.50 -36.54 17.51
C VAL B 161 -15.76 -36.57 16.64
N LYS B 162 -15.71 -35.94 15.48
CA LYS B 162 -16.83 -35.89 14.56
C LYS B 162 -16.42 -36.31 13.15
N LEU B 163 -17.00 -37.42 12.68
CA LEU B 163 -16.70 -37.95 11.35
C LEU B 163 -17.87 -37.77 10.38
N SER B 164 -17.55 -37.72 9.10
CA SER B 164 -18.53 -37.54 8.06
C SER B 164 -17.85 -37.67 6.69
N SER B 165 -18.57 -37.32 5.63
CA SER B 165 -18.04 -37.40 4.28
C SER B 165 -18.80 -36.45 3.37
N VAL B 166 -18.12 -35.97 2.34
CA VAL B 166 -18.72 -35.06 1.38
C VAL B 166 -18.91 -35.79 0.07
N GLY B 167 -18.66 -37.10 0.11
CA GLY B 167 -18.80 -37.95 -1.04
C GLY B 167 -17.74 -37.58 -2.04
N ASP B 168 -18.10 -36.67 -2.88
CA ASP B 168 -17.17 -36.29 -3.90
C ASP B 168 -17.67 -35.00 -4.49
N PRO B 169 -16.90 -34.39 -5.40
CA PRO B 169 -17.34 -33.13 -6.01
C PRO B 169 -18.73 -33.25 -6.65
N GLU B 170 -19.02 -34.41 -7.23
CA GLU B 170 -20.31 -34.65 -7.87
C GLU B 170 -21.42 -34.66 -6.84
N ASP B 171 -21.24 -35.45 -5.79
CA ASP B 171 -22.22 -35.56 -4.71
C ASP B 171 -22.45 -34.18 -4.10
N ARG B 172 -21.33 -33.47 -3.90
CA ARG B 172 -21.33 -32.12 -3.34
C ARG B 172 -22.22 -31.21 -4.20
N ALA B 173 -22.04 -31.30 -5.50
CA ALA B 173 -22.81 -30.50 -6.46
C ALA B 173 -24.30 -30.81 -6.38
N ARG B 174 -24.62 -32.09 -6.38
CA ARG B 174 -26.01 -32.52 -6.32
C ARG B 174 -26.72 -32.07 -5.05
N TYR B 175 -26.03 -32.14 -3.92
CA TYR B 175 -26.62 -31.72 -2.65
C TYR B 175 -26.90 -30.23 -2.71
N ASN B 176 -25.96 -29.48 -3.27
CA ASN B 176 -26.12 -28.04 -3.39
C ASN B 176 -27.38 -27.71 -4.19
N ALA B 177 -27.51 -28.34 -5.36
CA ALA B 177 -28.66 -28.14 -6.22
C ALA B 177 -29.94 -28.42 -5.43
N TYR B 178 -29.93 -29.54 -4.70
CA TYR B 178 -31.08 -29.93 -3.87
C TYR B 178 -31.45 -28.82 -2.90
N LEU B 179 -30.46 -28.33 -2.16
CA LEU B 179 -30.67 -27.27 -1.19
C LEU B 179 -31.28 -26.04 -1.84
N ARG B 180 -30.80 -25.71 -3.04
CA ARG B 180 -31.30 -24.56 -3.78
C ARG B 180 -32.78 -24.72 -4.10
N GLU B 181 -33.14 -25.87 -4.66
CA GLU B 181 -34.51 -26.17 -5.04
C GLU B 181 -35.47 -26.13 -3.86
N VAL B 182 -35.03 -26.63 -2.71
CA VAL B 182 -35.85 -26.66 -1.51
C VAL B 182 -35.94 -25.31 -0.80
N LEU B 183 -34.81 -24.61 -0.75
CA LEU B 183 -34.74 -23.33 -0.07
C LEU B 183 -35.15 -22.09 -0.87
N SER B 184 -34.81 -22.04 -2.14
CA SER B 184 -35.13 -20.87 -2.97
C SER B 184 -36.59 -20.39 -2.90
N PRO B 185 -37.58 -21.30 -3.00
CA PRO B 185 -38.97 -20.85 -2.94
C PRO B 185 -39.33 -20.27 -1.57
N HIS B 186 -38.49 -20.55 -0.57
CA HIS B 186 -38.70 -20.06 0.79
C HIS B 186 -37.59 -19.06 1.13
N ARG B 187 -36.87 -18.62 0.11
CA ARG B 187 -35.75 -17.69 0.24
C ARG B 187 -36.00 -16.51 1.19
N GLU B 188 -37.23 -16.01 1.16
CA GLU B 188 -37.61 -14.87 1.99
C GLU B 188 -37.55 -15.11 3.50
N ALA B 189 -37.47 -16.37 3.91
CA ALA B 189 -37.42 -16.69 5.34
C ALA B 189 -36.00 -16.92 5.85
N LEU B 190 -35.01 -16.66 5.00
CA LEU B 190 -33.61 -16.85 5.37
C LEU B 190 -32.96 -15.59 5.93
N SER B 191 -31.90 -15.78 6.71
CA SER B 191 -31.16 -14.65 7.27
C SER B 191 -30.35 -14.07 6.13
N GLU B 192 -30.16 -12.75 6.14
CA GLU B 192 -29.40 -12.06 5.09
C GLU B 192 -28.12 -12.80 4.72
N ASP B 193 -27.44 -13.30 5.75
CA ASP B 193 -26.20 -14.06 5.58
C ASP B 193 -26.45 -15.30 4.71
N SER B 194 -27.46 -16.08 5.12
CA SER B 194 -27.83 -17.31 4.41
C SER B 194 -28.25 -17.05 2.98
N LYS B 195 -28.96 -15.95 2.75
CA LYS B 195 -29.43 -15.57 1.43
C LYS B 195 -28.27 -15.47 0.44
N GLU B 196 -27.13 -15.02 0.92
CA GLU B 196 -25.94 -14.89 0.09
C GLU B 196 -25.36 -16.28 -0.14
N ARG B 197 -25.22 -17.03 0.94
CA ARG B 197 -24.67 -18.39 0.89
C ARG B 197 -25.45 -19.29 -0.06
N LEU B 198 -26.73 -18.97 -0.24
CA LEU B 198 -27.60 -19.73 -1.12
C LEU B 198 -27.11 -19.69 -2.57
N GLU B 199 -26.37 -18.64 -2.91
CA GLU B 199 -25.83 -18.49 -4.26
C GLU B 199 -24.65 -19.38 -4.53
N GLU B 200 -23.65 -19.34 -3.65
CA GLU B 200 -22.47 -20.18 -3.81
C GLU B 200 -22.22 -21.01 -2.57
N ASN B 201 -22.23 -22.33 -2.76
CA ASN B 201 -22.02 -23.28 -1.68
C ASN B 201 -23.09 -23.18 -0.60
N PRO B 202 -24.35 -23.47 -0.97
CA PRO B 202 -25.50 -23.42 -0.06
C PRO B 202 -25.34 -24.20 1.24
N MET B 203 -24.53 -25.26 1.22
CA MET B 203 -24.29 -26.09 2.41
C MET B 203 -24.08 -25.30 3.68
N ARG B 204 -23.45 -24.14 3.54
CA ARG B 204 -23.15 -23.27 4.68
C ARG B 204 -24.39 -22.89 5.47
N ILE B 205 -25.52 -22.77 4.77
CA ILE B 205 -26.78 -22.41 5.41
C ILE B 205 -27.17 -23.44 6.47
N LEU B 206 -26.59 -24.64 6.39
CA LEU B 206 -26.86 -25.70 7.37
C LEU B 206 -26.15 -25.37 8.68
N ASP B 207 -24.89 -24.96 8.56
CA ASP B 207 -24.06 -24.63 9.71
C ASP B 207 -24.12 -23.16 10.13
N SER B 208 -25.21 -22.47 9.78
CA SER B 208 -25.34 -21.07 10.14
C SER B 208 -26.01 -20.92 11.51
N LYS B 209 -25.99 -19.69 12.03
CA LYS B 209 -26.59 -19.40 13.31
C LYS B 209 -28.01 -18.84 13.10
N SER B 210 -28.52 -18.16 14.14
CA SER B 210 -29.85 -17.57 14.12
C SER B 210 -30.95 -18.63 14.14
N GLU B 211 -32.05 -18.30 14.80
CA GLU B 211 -33.17 -19.21 14.90
C GLU B 211 -33.93 -19.27 13.58
N ARG B 212 -33.94 -18.16 12.85
CA ARG B 212 -34.62 -18.08 11.56
C ARG B 212 -34.29 -19.29 10.69
N ASP B 213 -32.99 -19.49 10.48
CA ASP B 213 -32.54 -20.58 9.63
C ASP B 213 -32.87 -21.97 10.16
N GLN B 214 -32.47 -22.23 11.40
CA GLN B 214 -32.69 -23.53 12.03
C GLN B 214 -34.13 -24.04 12.00
N ALA B 215 -35.06 -23.20 12.45
CA ALA B 215 -36.47 -23.59 12.47
C ALA B 215 -36.96 -23.95 11.07
N LEU B 216 -36.57 -23.14 10.08
CA LEU B 216 -36.97 -23.38 8.70
C LEU B 216 -36.45 -24.72 8.20
N LEU B 217 -35.16 -24.97 8.40
CA LEU B 217 -34.54 -26.23 7.98
C LEU B 217 -35.31 -27.42 8.54
N LYS B 218 -35.69 -27.31 9.81
CA LYS B 218 -36.44 -28.38 10.49
C LYS B 218 -37.79 -28.63 9.84
N GLU B 219 -38.63 -27.61 9.74
CA GLU B 219 -39.94 -27.79 9.13
C GLU B 219 -39.83 -28.29 7.69
N LEU B 220 -38.89 -27.74 6.93
CA LEU B 220 -38.72 -28.13 5.54
C LEU B 220 -38.25 -29.57 5.41
N GLY B 221 -37.79 -30.15 6.52
CA GLY B 221 -37.32 -31.52 6.52
C GLY B 221 -36.12 -31.70 5.60
N VAL B 222 -35.18 -30.77 5.67
CA VAL B 222 -33.99 -30.84 4.83
C VAL B 222 -33.19 -32.08 5.21
N ARG B 223 -33.02 -32.97 4.24
CA ARG B 223 -32.30 -34.19 4.49
C ARG B 223 -30.80 -33.98 4.49
N PRO B 224 -30.07 -34.74 5.32
CA PRO B 224 -28.62 -34.73 5.52
C PRO B 224 -27.78 -34.96 4.27
N MET B 225 -26.57 -34.40 4.26
CA MET B 225 -25.63 -34.54 3.16
C MET B 225 -25.32 -36.03 2.98
N LEU B 226 -25.36 -36.77 4.08
CA LEU B 226 -25.09 -38.21 4.08
C LEU B 226 -25.92 -38.96 3.06
N ASP B 227 -27.20 -38.60 3.00
CA ASP B 227 -28.13 -39.26 2.09
C ASP B 227 -27.74 -39.08 0.62
N PHE B 228 -26.83 -38.15 0.34
CA PHE B 228 -26.41 -37.88 -1.04
C PHE B 228 -25.03 -38.39 -1.41
N LEU B 229 -24.46 -39.23 -0.57
CA LEU B 229 -23.13 -39.76 -0.86
C LEU B 229 -23.19 -40.78 -2.00
N GLY B 230 -22.21 -40.75 -2.89
CA GLY B 230 -22.16 -41.71 -3.99
C GLY B 230 -21.85 -43.08 -3.37
N GLU B 231 -22.28 -44.20 -3.97
CA GLU B 231 -22.02 -45.52 -3.35
C GLU B 231 -20.58 -45.81 -2.94
N GLU B 232 -19.66 -45.82 -3.90
CA GLU B 232 -18.25 -46.03 -3.60
C GLU B 232 -17.82 -45.16 -2.41
N ALA B 233 -18.38 -43.94 -2.34
CA ALA B 233 -18.07 -43.02 -1.26
C ALA B 233 -18.50 -43.61 0.08
N ARG B 234 -19.72 -44.14 0.15
CA ARG B 234 -20.24 -44.72 1.37
C ARG B 234 -19.41 -45.96 1.74
N ALA B 235 -18.98 -46.72 0.73
CA ALA B 235 -18.17 -47.91 0.97
C ALA B 235 -16.90 -47.50 1.70
N HIS B 236 -16.21 -46.51 1.13
CA HIS B 236 -14.97 -45.98 1.68
C HIS B 236 -15.18 -45.51 3.11
N LEU B 237 -16.23 -44.73 3.34
CA LEU B 237 -16.53 -44.20 4.67
C LEU B 237 -16.75 -45.32 5.69
N LYS B 238 -17.39 -46.40 5.25
CA LYS B 238 -17.64 -47.52 6.15
C LYS B 238 -16.32 -48.16 6.54
N GLU B 239 -15.38 -48.21 5.59
CA GLU B 239 -14.06 -48.78 5.84
C GLU B 239 -13.38 -48.01 6.95
N VAL B 240 -13.49 -46.69 6.87
CA VAL B 240 -12.88 -45.83 7.87
C VAL B 240 -13.52 -46.13 9.23
N GLU B 241 -14.85 -46.11 9.28
CA GLU B 241 -15.59 -46.39 10.51
C GLU B 241 -15.19 -47.73 11.10
N ARG B 242 -15.07 -48.73 10.25
CA ARG B 242 -14.69 -50.07 10.68
C ARG B 242 -13.37 -50.02 11.42
N HIS B 243 -12.39 -49.36 10.83
CA HIS B 243 -11.07 -49.22 11.42
C HIS B 243 -11.12 -48.47 12.75
N LEU B 244 -11.82 -47.32 12.77
CA LEU B 244 -11.92 -46.51 13.97
C LEU B 244 -12.56 -47.28 15.11
N GLU B 245 -13.63 -48.01 14.80
CA GLU B 245 -14.35 -48.82 15.77
C GLU B 245 -13.40 -49.86 16.35
N ARG B 246 -12.64 -50.55 15.48
CA ARG B 246 -11.69 -51.56 15.92
C ARG B 246 -10.64 -50.98 16.85
N LEU B 247 -10.14 -49.80 16.52
CA LEU B 247 -9.14 -49.12 17.34
C LEU B 247 -9.76 -48.45 18.56
N SER B 248 -11.08 -48.62 18.72
CA SER B 248 -11.81 -48.06 19.85
C SER B 248 -11.79 -46.53 19.96
N VAL B 249 -11.77 -45.85 18.82
CA VAL B 249 -11.77 -44.38 18.80
C VAL B 249 -13.21 -43.88 18.85
N PRO B 250 -13.64 -43.33 19.99
CA PRO B 250 -15.00 -42.81 20.13
C PRO B 250 -15.29 -41.62 19.22
N TYR B 251 -16.23 -41.80 18.31
CA TYR B 251 -16.59 -40.73 17.37
C TYR B 251 -18.10 -40.63 17.21
N GLU B 252 -18.54 -39.54 16.61
CA GLU B 252 -19.95 -39.30 16.36
C GLU B 252 -20.08 -39.01 14.88
N LEU B 253 -20.94 -39.74 14.19
CA LEU B 253 -21.13 -39.55 12.75
C LEU B 253 -22.04 -38.34 12.53
N GLU B 254 -21.48 -37.27 11.98
CA GLU B 254 -22.23 -36.05 11.73
C GLU B 254 -22.98 -36.06 10.41
N PRO B 255 -24.23 -35.55 10.42
CA PRO B 255 -25.10 -35.47 9.24
C PRO B 255 -24.42 -34.73 8.09
N ALA B 256 -23.50 -33.83 8.42
CA ALA B 256 -22.76 -33.07 7.43
C ALA B 256 -21.71 -32.20 8.12
N LEU B 257 -20.45 -32.32 7.69
CA LEU B 257 -19.38 -31.50 8.25
C LEU B 257 -18.96 -30.47 7.21
N VAL B 258 -19.28 -29.20 7.45
CA VAL B 258 -18.91 -28.13 6.52
C VAL B 258 -17.52 -27.62 6.87
N ARG B 259 -16.52 -28.06 6.11
CA ARG B 259 -15.14 -27.62 6.34
C ARG B 259 -14.91 -26.37 5.49
N GLY B 260 -14.20 -25.40 6.06
CA GLY B 260 -13.97 -24.16 5.35
C GLY B 260 -13.17 -24.19 4.05
N LEU B 261 -12.67 -25.35 3.64
CA LEU B 261 -11.88 -25.41 2.41
C LEU B 261 -12.53 -26.30 1.35
N ASP B 262 -12.59 -25.80 0.12
CA ASP B 262 -13.23 -26.52 -0.99
C ASP B 262 -12.52 -27.69 -1.66
N TYR B 263 -11.35 -28.08 -1.18
CA TYR B 263 -10.62 -29.19 -1.82
C TYR B 263 -10.92 -30.58 -1.26
N TYR B 264 -11.80 -30.64 -0.27
CA TYR B 264 -12.17 -31.90 0.37
C TYR B 264 -13.06 -32.83 -0.44
N VAL B 265 -12.72 -34.12 -0.44
CA VAL B 265 -13.48 -35.13 -1.14
C VAL B 265 -13.51 -36.35 -0.23
N ARG B 266 -14.71 -36.87 0.02
CA ARG B 266 -14.91 -38.03 0.89
C ARG B 266 -14.73 -37.69 2.37
N THR B 267 -13.89 -38.44 3.07
CA THR B 267 -13.64 -38.26 4.50
C THR B 267 -13.49 -36.82 4.99
N ALA B 268 -14.16 -36.52 6.09
CA ALA B 268 -14.11 -35.19 6.70
C ALA B 268 -14.31 -35.39 8.20
N PHE B 269 -13.44 -34.80 9.00
CA PHE B 269 -13.51 -34.94 10.45
C PHE B 269 -13.00 -33.70 11.19
N GLU B 270 -13.39 -33.60 12.46
CA GLU B 270 -13.01 -32.50 13.34
C GLU B 270 -13.09 -32.95 14.79
N VAL B 271 -12.18 -32.49 15.62
CA VAL B 271 -12.19 -32.83 17.04
C VAL B 271 -12.51 -31.54 17.77
N HIS B 272 -13.45 -31.58 18.70
CA HIS B 272 -13.85 -30.40 19.43
C HIS B 272 -13.65 -30.51 20.93
N HIS B 273 -13.84 -29.38 21.61
CA HIS B 273 -13.70 -29.32 23.06
C HIS B 273 -14.70 -28.31 23.56
N GLU B 274 -15.55 -28.71 24.50
CA GLU B 274 -16.57 -27.83 25.05
C GLU B 274 -15.99 -26.56 25.67
N GLU B 275 -14.98 -26.76 26.52
CA GLU B 275 -14.31 -25.66 27.24
C GLU B 275 -13.56 -24.62 26.39
N ILE B 276 -14.26 -23.95 25.49
CA ILE B 276 -13.67 -22.92 24.63
C ILE B 276 -14.80 -22.01 24.15
N GLY B 277 -16.04 -22.51 24.25
CA GLY B 277 -17.18 -21.75 23.80
C GLY B 277 -17.19 -21.87 22.29
N ALA B 278 -17.42 -20.75 21.59
CA ALA B 278 -17.42 -20.76 20.13
C ALA B 278 -16.02 -21.15 19.69
N GLN B 279 -15.89 -21.71 18.48
CA GLN B 279 -14.60 -22.15 17.97
C GLN B 279 -14.09 -23.30 18.85
N SER B 280 -14.95 -24.27 19.10
CA SER B 280 -14.63 -25.43 19.90
C SER B 280 -13.76 -26.43 19.14
N ALA B 281 -13.52 -26.13 17.86
CA ALA B 281 -12.72 -26.99 16.99
C ALA B 281 -11.22 -26.94 17.25
N LEU B 282 -10.72 -27.97 17.93
CA LEU B 282 -9.29 -28.06 18.23
C LEU B 282 -8.54 -28.30 16.94
N GLY B 283 -9.07 -29.18 16.10
CA GLY B 283 -8.42 -29.49 14.83
C GLY B 283 -9.39 -30.09 13.82
N GLY B 284 -8.96 -30.17 12.57
CA GLY B 284 -9.80 -30.71 11.53
C GLY B 284 -9.01 -31.20 10.33
N GLY B 285 -9.66 -31.95 9.47
CA GLY B 285 -8.98 -32.46 8.28
C GLY B 285 -9.91 -33.32 7.45
N GLY B 286 -9.33 -33.98 6.45
CA GLY B 286 -10.11 -34.82 5.56
C GLY B 286 -9.33 -35.18 4.32
N ARG B 287 -9.95 -35.96 3.46
CA ARG B 287 -9.32 -36.38 2.21
C ARG B 287 -9.46 -35.25 1.20
N TYR B 288 -8.54 -35.16 0.25
CA TYR B 288 -8.57 -34.07 -0.72
C TYR B 288 -7.96 -34.45 -2.07
N ASP B 289 -8.34 -35.61 -2.58
CA ASP B 289 -7.84 -36.08 -3.86
C ASP B 289 -8.23 -35.04 -4.92
N GLY B 290 -7.38 -34.84 -5.92
CA GLY B 290 -7.70 -33.89 -6.96
C GLY B 290 -7.01 -32.55 -6.79
N LEU B 291 -6.71 -32.19 -5.54
CA LEU B 291 -6.03 -30.93 -5.24
C LEU B 291 -4.75 -30.81 -6.07
N SER B 292 -3.97 -31.89 -6.13
CA SER B 292 -2.72 -31.90 -6.89
C SER B 292 -2.97 -31.50 -8.32
N GLU B 293 -4.06 -31.99 -8.88
CA GLU B 293 -4.43 -31.68 -10.26
C GLU B 293 -4.83 -30.23 -10.42
N LEU B 294 -5.40 -29.64 -9.38
CA LEU B 294 -5.80 -28.23 -9.41
C LEU B 294 -4.54 -27.37 -9.53
N LEU B 295 -3.43 -27.86 -8.97
CA LEU B 295 -2.16 -27.16 -9.03
C LEU B 295 -1.37 -27.53 -10.29
N GLY B 296 -2.05 -28.25 -11.19
CA GLY B 296 -1.46 -28.68 -12.45
C GLY B 296 -0.56 -29.90 -12.39
N GLY B 297 -0.90 -30.87 -11.55
CA GLY B 297 -0.10 -32.07 -11.46
C GLY B 297 -0.94 -33.32 -11.67
N PRO B 298 -0.33 -34.51 -11.64
CA PRO B 298 -1.05 -35.77 -11.82
C PRO B 298 -2.00 -35.99 -10.64
N ARG B 299 -2.78 -37.06 -10.70
CA ARG B 299 -3.70 -37.35 -9.61
C ARG B 299 -2.89 -37.92 -8.45
N VAL B 300 -3.05 -37.31 -7.29
CA VAL B 300 -2.35 -37.75 -6.09
C VAL B 300 -3.36 -37.70 -4.95
N PRO B 301 -3.80 -38.87 -4.49
CA PRO B 301 -4.76 -38.94 -3.38
C PRO B 301 -4.06 -38.54 -2.09
N GLY B 302 -4.81 -38.02 -1.13
CA GLY B 302 -4.20 -37.62 0.13
C GLY B 302 -5.20 -37.31 1.23
N VAL B 303 -4.78 -37.56 2.47
CA VAL B 303 -5.58 -37.29 3.66
C VAL B 303 -4.67 -36.60 4.67
N GLY B 304 -5.26 -35.91 5.64
CA GLY B 304 -4.45 -35.23 6.64
C GLY B 304 -5.27 -34.36 7.54
N PHE B 305 -4.61 -33.68 8.49
CA PHE B 305 -5.31 -32.82 9.42
C PHE B 305 -4.37 -31.71 9.87
N ALA B 306 -4.90 -30.84 10.73
CA ALA B 306 -4.14 -29.72 11.28
C ALA B 306 -4.91 -29.17 12.48
N PHE B 307 -4.22 -28.98 13.60
CA PHE B 307 -4.87 -28.45 14.78
C PHE B 307 -4.21 -27.18 15.29
N GLY B 308 -5.03 -26.26 15.78
CA GLY B 308 -4.54 -24.98 16.28
C GLY B 308 -3.90 -25.11 17.65
N VAL B 309 -2.60 -24.86 17.70
CA VAL B 309 -1.84 -24.95 18.94
C VAL B 309 -2.42 -24.06 20.03
N GLU B 310 -2.92 -22.90 19.63
CA GLU B 310 -3.51 -21.96 20.59
C GLU B 310 -4.77 -22.58 21.19
N ARG B 311 -5.63 -23.12 20.34
CA ARG B 311 -6.88 -23.74 20.77
C ARG B 311 -6.53 -24.86 21.74
N VAL B 312 -5.59 -25.70 21.35
CA VAL B 312 -5.16 -26.83 22.18
C VAL B 312 -4.67 -26.32 23.54
N ALA B 313 -3.97 -25.19 23.53
CA ALA B 313 -3.46 -24.60 24.77
C ALA B 313 -4.62 -24.22 25.68
N LEU B 314 -5.65 -23.62 25.09
CA LEU B 314 -6.83 -23.22 25.84
C LEU B 314 -7.50 -24.44 26.45
N ALA B 315 -7.61 -25.50 25.65
CA ALA B 315 -8.22 -26.76 26.10
C ALA B 315 -7.45 -27.32 27.30
N LEU B 316 -6.13 -27.38 27.18
CA LEU B 316 -5.29 -27.88 28.28
C LEU B 316 -5.53 -27.05 29.53
N GLU B 317 -5.53 -25.73 29.37
CA GLU B 317 -5.75 -24.83 30.49
C GLU B 317 -7.12 -25.08 31.10
N ALA B 318 -8.12 -25.25 30.24
CA ALA B 318 -9.49 -25.51 30.69
C ALA B 318 -9.53 -26.76 31.55
N GLU B 319 -8.79 -27.79 31.13
CA GLU B 319 -8.77 -29.04 31.87
C GLU B 319 -7.82 -29.03 33.07
N GLY B 320 -7.44 -27.83 33.52
CA GLY B 320 -6.55 -27.70 34.67
C GLY B 320 -5.09 -28.09 34.49
N PHE B 321 -4.60 -28.06 33.25
CA PHE B 321 -3.21 -28.41 33.00
C PHE B 321 -2.36 -27.15 33.05
N GLY B 322 -1.41 -27.12 33.97
CA GLY B 322 -0.55 -25.98 34.12
C GLY B 322 0.90 -26.30 33.81
N LEU B 323 1.75 -25.30 34.00
CA LEU B 323 3.18 -25.42 33.75
C LEU B 323 3.87 -24.97 35.05
N PRO B 324 5.06 -25.56 35.36
CA PRO B 324 5.83 -25.20 36.58
C PRO B 324 6.66 -23.83 36.44
N GLU B 325 7.04 -23.04 37.53
CA GLU B 325 7.85 -21.72 37.53
C GLU B 325 9.13 -21.64 36.68
N GLU B 326 9.38 -20.48 36.08
CA GLU B 326 10.57 -20.26 35.24
C GLU B 326 11.82 -20.43 36.10
N LYS B 327 12.72 -21.31 35.67
CA LYS B 327 13.96 -21.54 36.40
C LYS B 327 14.84 -20.30 36.45
N GLY B 328 15.50 -20.11 37.58
CA GLY B 328 16.40 -18.97 37.73
C GLY B 328 17.83 -19.40 37.46
N PRO B 329 18.79 -18.46 37.50
CA PRO B 329 20.20 -18.80 37.26
C PRO B 329 20.78 -19.68 38.36
N ASP B 330 21.68 -20.58 37.99
CA ASP B 330 22.31 -21.47 38.95
C ASP B 330 23.13 -20.64 39.93
N LEU B 331 23.75 -19.60 39.42
CA LEU B 331 24.58 -18.71 40.22
C LEU B 331 24.41 -17.27 39.76
N TYR B 332 24.30 -16.37 40.73
CA TYR B 332 24.19 -14.95 40.45
C TYR B 332 25.33 -14.27 41.20
N LEU B 333 26.30 -13.77 40.44
CA LEU B 333 27.46 -13.11 41.01
C LEU B 333 27.17 -11.65 41.31
N ILE B 334 27.48 -11.25 42.54
CA ILE B 334 27.28 -9.87 42.99
C ILE B 334 28.62 -9.23 43.32
N PRO B 335 29.02 -8.19 42.55
CA PRO B 335 30.28 -7.47 42.74
C PRO B 335 30.16 -6.50 43.92
N LEU B 336 31.18 -6.51 44.78
CA LEU B 336 31.19 -5.62 45.94
C LEU B 336 32.07 -4.38 45.68
N THR B 337 32.85 -4.42 44.61
CA THR B 337 33.74 -3.33 44.22
C THR B 337 33.62 -3.15 42.69
N GLU B 338 34.00 -1.98 42.19
CA GLU B 338 33.90 -1.72 40.76
C GLU B 338 34.79 -2.67 39.94
N GLU B 339 35.98 -2.98 40.44
CA GLU B 339 36.89 -3.89 39.75
C GLU B 339 36.27 -5.29 39.68
N ALA B 340 35.41 -5.60 40.65
CA ALA B 340 34.76 -6.90 40.71
C ALA B 340 33.75 -7.18 39.60
N VAL B 341 33.03 -6.14 39.15
CA VAL B 341 32.03 -6.33 38.10
C VAL B 341 32.61 -7.04 36.88
N ALA B 342 33.75 -6.57 36.38
CA ALA B 342 34.36 -7.18 35.22
C ALA B 342 34.78 -8.60 35.53
N GLU B 343 35.27 -8.81 36.76
CA GLU B 343 35.72 -10.13 37.18
C GLU B 343 34.56 -11.10 37.28
N ALA B 344 33.39 -10.60 37.66
CA ALA B 344 32.18 -11.41 37.78
C ALA B 344 31.84 -11.92 36.38
N PHE B 345 31.90 -11.03 35.41
CA PHE B 345 31.63 -11.34 34.02
C PHE B 345 32.55 -12.46 33.54
N TYR B 346 33.85 -12.30 33.80
CA TYR B 346 34.84 -13.28 33.40
C TYR B 346 34.56 -14.64 34.03
N LEU B 347 34.23 -14.63 35.32
CA LEU B 347 33.93 -15.87 36.02
C LEU B 347 32.70 -16.53 35.39
N ALA B 348 31.66 -15.72 35.17
CA ALA B 348 30.41 -16.20 34.58
C ALA B 348 30.68 -16.90 33.25
N GLU B 349 31.44 -16.24 32.37
CA GLU B 349 31.78 -16.81 31.07
C GLU B 349 32.52 -18.14 31.16
N ALA B 350 33.28 -18.32 32.23
CA ALA B 350 34.04 -19.55 32.43
C ALA B 350 33.11 -20.69 32.82
N LEU B 351 32.02 -20.34 33.49
CA LEU B 351 31.03 -21.31 33.94
C LEU B 351 30.06 -21.72 32.83
N ARG B 352 29.81 -20.80 31.90
CA ARG B 352 28.91 -21.02 30.77
C ARG B 352 29.55 -21.93 29.71
N PRO B 353 28.72 -22.66 28.93
CA PRO B 353 27.26 -22.71 28.97
C PRO B 353 26.71 -23.86 29.82
N ARG B 354 27.61 -24.71 30.30
CA ARG B 354 27.24 -25.86 31.13
C ARG B 354 26.51 -25.46 32.43
N LEU B 355 26.73 -24.22 32.86
CA LEU B 355 26.12 -23.69 34.07
C LEU B 355 25.57 -22.32 33.72
N ARG B 356 24.38 -22.01 34.23
CA ARG B 356 23.76 -20.73 33.96
C ARG B 356 24.22 -19.72 35.00
N ALA B 357 25.14 -18.85 34.61
CA ALA B 357 25.69 -17.85 35.50
C ALA B 357 25.38 -16.41 35.07
N GLU B 358 24.74 -15.67 35.96
CA GLU B 358 24.40 -14.28 35.71
C GLU B 358 25.15 -13.42 36.72
N TYR B 359 25.13 -12.10 36.51
CA TYR B 359 25.84 -11.18 37.39
C TYR B 359 25.28 -9.77 37.30
N ALA B 360 25.60 -8.95 38.31
CA ALA B 360 25.15 -7.56 38.34
C ALA B 360 26.19 -6.70 37.62
N LEU B 361 25.75 -5.60 37.01
CA LEU B 361 26.66 -4.72 36.28
C LEU B 361 27.14 -3.52 37.08
N ALA B 362 26.96 -3.58 38.39
CA ALA B 362 27.37 -2.49 39.29
C ALA B 362 27.59 -3.04 40.69
N PRO B 363 28.49 -2.41 41.45
CA PRO B 363 28.78 -2.85 42.81
C PRO B 363 27.60 -2.53 43.73
N ARG B 364 27.39 -3.35 44.74
CA ARG B 364 26.30 -3.14 45.68
C ARG B 364 26.55 -3.85 47.00
N LYS B 365 25.85 -3.42 48.04
CA LYS B 365 25.96 -4.02 49.37
C LYS B 365 25.53 -5.49 49.31
N PRO B 366 26.15 -6.35 50.15
CA PRO B 366 25.82 -7.78 50.21
C PRO B 366 24.31 -8.06 50.28
N ALA B 367 23.64 -7.43 51.23
CA ALA B 367 22.19 -7.62 51.43
C ALA B 367 21.39 -7.31 50.16
N LYS B 368 21.73 -6.23 49.48
CA LYS B 368 21.04 -5.81 48.26
C LYS B 368 21.23 -6.81 47.14
N GLY B 369 22.47 -7.21 46.92
CA GLY B 369 22.76 -8.18 45.87
C GLY B 369 22.10 -9.52 46.16
N LEU B 370 22.01 -9.86 47.44
CA LEU B 370 21.39 -11.10 47.86
C LEU B 370 19.91 -11.01 47.53
N GLU B 371 19.36 -9.83 47.77
CA GLU B 371 17.96 -9.54 47.49
C GLU B 371 17.65 -9.82 46.01
N GLU B 372 18.52 -9.32 45.14
CA GLU B 372 18.38 -9.50 43.69
C GLU B 372 18.55 -10.94 43.25
N ALA B 373 19.44 -11.67 43.91
CA ALA B 373 19.67 -13.07 43.58
C ALA B 373 18.37 -13.83 43.86
N LEU B 374 17.72 -13.49 44.98
CA LEU B 374 16.47 -14.11 45.38
C LEU B 374 15.40 -13.70 44.38
N LYS B 375 15.45 -12.43 44.01
CA LYS B 375 14.53 -11.80 43.05
C LYS B 375 14.61 -12.43 41.65
N ARG B 376 15.71 -13.12 41.37
CA ARG B 376 15.93 -13.79 40.10
C ARG B 376 15.80 -15.30 40.23
N GLY B 377 15.48 -15.77 41.44
CA GLY B 377 15.33 -17.19 41.67
C GLY B 377 16.62 -17.97 41.49
N ALA B 378 17.72 -17.33 41.81
CA ALA B 378 19.04 -17.96 41.68
C ALA B 378 19.20 -19.02 42.76
N ALA B 379 19.86 -20.12 42.41
CA ALA B 379 20.10 -21.18 43.36
C ALA B 379 21.20 -20.75 44.33
N PHE B 380 22.31 -20.28 43.76
CA PHE B 380 23.46 -19.83 44.53
C PHE B 380 23.78 -18.37 44.29
N ALA B 381 24.16 -17.69 45.35
CA ALA B 381 24.56 -16.28 45.28
C ALA B 381 26.08 -16.33 45.41
N GLY B 382 26.77 -15.52 44.61
CA GLY B 382 28.22 -15.51 44.68
C GLY B 382 28.75 -14.11 44.95
N PHE B 383 29.55 -13.96 46.00
CA PHE B 383 30.12 -12.67 46.37
C PHE B 383 31.53 -12.46 45.86
N LEU B 384 31.78 -11.30 45.26
CA LEU B 384 33.11 -10.96 44.77
C LEU B 384 33.54 -9.61 45.31
N GLY B 385 34.23 -9.65 46.43
CA GLY B 385 34.72 -8.43 47.06
C GLY B 385 36.24 -8.43 47.02
N GLU B 386 36.84 -7.44 47.67
CA GLU B 386 38.29 -7.29 47.72
C GLU B 386 39.07 -8.53 48.17
N ASP B 387 38.59 -9.18 49.22
CA ASP B 387 39.24 -10.37 49.75
C ASP B 387 39.34 -11.51 48.75
N GLU B 388 38.19 -11.93 48.22
CA GLU B 388 38.16 -13.03 47.26
C GLU B 388 38.87 -12.70 45.96
N LEU B 389 38.79 -11.45 45.50
CA LEU B 389 39.48 -11.04 44.28
C LEU B 389 40.97 -11.30 44.41
N ARG B 390 41.54 -10.83 45.52
CA ARG B 390 42.96 -10.99 45.80
C ARG B 390 43.34 -12.44 46.08
N ALA B 391 42.41 -13.17 46.67
CA ALA B 391 42.66 -14.58 47.01
C ALA B 391 42.33 -15.56 45.88
N GLY B 392 41.73 -15.06 44.79
CA GLY B 392 41.39 -15.93 43.67
C GLY B 392 40.30 -16.93 44.07
N GLU B 393 39.47 -16.52 45.01
CA GLU B 393 38.38 -17.36 45.51
C GLU B 393 37.05 -16.64 45.28
N VAL B 394 35.97 -17.28 45.70
CA VAL B 394 34.62 -16.73 45.56
C VAL B 394 33.81 -17.22 46.74
N THR B 395 32.92 -16.38 47.26
CA THR B 395 32.09 -16.76 48.39
C THR B 395 30.70 -17.15 47.88
N LEU B 396 30.43 -18.45 47.86
CA LEU B 396 29.14 -18.97 47.40
C LEU B 396 28.19 -19.12 48.56
N LYS B 397 26.89 -18.98 48.29
CA LYS B 397 25.89 -19.10 49.33
C LYS B 397 24.60 -19.65 48.75
N ARG B 398 24.23 -20.86 49.16
CA ARG B 398 22.99 -21.45 48.67
C ARG B 398 21.87 -20.66 49.32
N LEU B 399 21.07 -20.00 48.50
CA LEU B 399 19.96 -19.17 48.98
C LEU B 399 18.85 -19.89 49.76
N ALA B 400 18.61 -21.16 49.46
CA ALA B 400 17.54 -21.91 50.15
C ALA B 400 17.80 -22.18 51.64
N THR B 401 19.05 -22.44 51.99
CA THR B 401 19.42 -22.73 53.38
C THR B 401 20.26 -21.63 54.02
N GLY B 402 21.05 -20.94 53.21
CA GLY B 402 21.91 -19.89 53.72
C GLY B 402 23.34 -20.38 53.88
N GLU B 403 23.57 -21.67 53.65
CA GLU B 403 24.90 -22.26 53.77
C GLU B 403 25.87 -21.49 52.87
N GLN B 404 27.00 -21.09 53.45
CA GLN B 404 28.00 -20.32 52.74
C GLN B 404 29.33 -21.06 52.67
N VAL B 405 29.98 -20.98 51.51
CA VAL B 405 31.26 -21.64 51.28
C VAL B 405 32.22 -20.69 50.57
N ARG B 406 33.49 -20.77 50.95
CA ARG B 406 34.54 -19.96 50.34
C ARG B 406 35.46 -20.95 49.64
N LEU B 407 35.60 -20.82 48.32
CA LEU B 407 36.45 -21.73 47.58
C LEU B 407 37.12 -21.06 46.38
N SER B 408 38.19 -21.68 45.88
CA SER B 408 38.92 -21.13 44.75
C SER B 408 38.08 -21.21 43.48
N ARG B 409 38.29 -20.25 42.59
CA ARG B 409 37.58 -20.17 41.33
C ARG B 409 37.48 -21.52 40.60
N GLU B 410 38.54 -22.32 40.66
CA GLU B 410 38.56 -23.62 39.98
C GLU B 410 37.53 -24.62 40.49
N GLU B 411 37.36 -24.66 41.81
CA GLU B 411 36.42 -25.59 42.44
C GLU B 411 34.96 -25.23 42.21
N VAL B 412 34.68 -23.93 42.03
CA VAL B 412 33.32 -23.45 41.82
C VAL B 412 32.48 -24.28 40.84
N PRO B 413 32.97 -24.51 39.60
CA PRO B 413 32.19 -25.30 38.64
C PRO B 413 31.81 -26.67 39.22
N GLY B 414 32.81 -27.38 39.76
CA GLY B 414 32.57 -28.69 40.33
C GLY B 414 31.59 -28.66 41.48
N TYR B 415 31.81 -27.77 42.44
CA TYR B 415 30.96 -27.64 43.60
C TYR B 415 29.50 -27.41 43.20
N LEU B 416 29.27 -26.43 42.34
CA LEU B 416 27.93 -26.10 41.88
C LEU B 416 27.25 -27.28 41.18
N LEU B 417 27.97 -27.93 40.28
CA LEU B 417 27.41 -29.07 39.54
C LEU B 417 26.97 -30.24 40.40
N GLN B 418 27.81 -30.66 41.34
CA GLN B 418 27.47 -31.77 42.21
C GLN B 418 26.36 -31.40 43.19
N ALA B 419 26.24 -30.11 43.50
CA ALA B 419 25.23 -29.64 44.44
C ALA B 419 23.88 -29.31 43.78
N LEU B 420 23.82 -29.37 42.46
CA LEU B 420 22.59 -29.06 41.74
C LEU B 420 22.20 -30.09 40.69
N GLY B 421 23.11 -31.02 40.40
CA GLY B 421 22.82 -32.05 39.40
C GLY B 421 22.47 -33.39 40.02
N THR C 2 15.99 11.40 -15.50
CA THR C 2 15.58 9.99 -15.75
C THR C 2 14.09 9.85 -16.05
N ALA C 3 13.26 10.19 -15.05
CA ALA C 3 11.81 10.11 -15.15
C ALA C 3 11.21 10.88 -16.34
N ARG C 4 10.11 10.34 -16.85
CA ARG C 4 9.38 10.92 -17.97
C ARG C 4 7.91 10.91 -17.57
N ALA C 5 7.08 11.57 -18.39
CA ALA C 5 5.64 11.59 -18.14
C ALA C 5 5.19 10.18 -18.50
N VAL C 6 4.55 9.50 -17.55
CA VAL C 6 4.09 8.14 -17.75
C VAL C 6 3.35 7.99 -19.08
N ARG C 7 3.66 6.90 -19.80
CA ARG C 7 3.04 6.62 -21.10
C ARG C 7 1.51 6.70 -21.01
N GLY C 8 0.92 7.46 -21.91
CA GLY C 8 -0.52 7.62 -21.93
C GLY C 8 -0.94 8.99 -21.41
N THR C 9 0.00 9.69 -20.77
CA THR C 9 -0.26 11.02 -20.24
C THR C 9 0.78 11.96 -20.84
N LYS C 10 0.53 13.25 -20.74
CA LYS C 10 1.46 14.24 -21.29
C LYS C 10 1.22 15.62 -20.72
N ASP C 11 2.23 16.49 -20.84
CA ASP C 11 2.13 17.84 -20.35
C ASP C 11 1.41 18.72 -21.36
N LEU C 12 0.42 19.44 -20.87
CA LEU C 12 -0.37 20.32 -21.72
C LEU C 12 0.10 21.76 -21.61
N PHE C 13 0.55 22.30 -22.73
CA PHE C 13 1.01 23.67 -22.79
C PHE C 13 1.01 24.15 -24.24
N GLY C 14 1.13 25.46 -24.41
CA GLY C 14 1.14 26.03 -25.74
C GLY C 14 -0.18 25.91 -26.47
N LYS C 15 -0.12 25.83 -27.80
CA LYS C 15 -1.31 25.72 -28.64
C LYS C 15 -2.23 24.58 -28.24
N GLU C 16 -1.65 23.41 -28.00
CA GLU C 16 -2.43 22.24 -27.61
C GLU C 16 -3.30 22.57 -26.39
N LEU C 17 -2.70 23.18 -25.38
CA LEU C 17 -3.41 23.54 -24.15
C LEU C 17 -4.52 24.55 -24.46
N ARG C 18 -4.20 25.55 -25.27
CA ARG C 18 -5.17 26.57 -25.65
C ARG C 18 -6.40 26.01 -26.37
N MET C 19 -6.17 25.06 -27.27
CA MET C 19 -7.27 24.44 -28.01
C MET C 19 -8.23 23.78 -27.03
N HIS C 20 -7.67 23.08 -26.05
CA HIS C 20 -8.48 22.41 -25.02
C HIS C 20 -9.34 23.43 -24.31
N GLN C 21 -8.74 24.57 -24.01
CA GLN C 21 -9.45 25.63 -23.31
C GLN C 21 -10.57 26.23 -24.17
N ARG C 22 -10.35 26.29 -25.48
CA ARG C 22 -11.37 26.80 -26.39
C ARG C 22 -12.55 25.83 -26.45
N ILE C 23 -12.21 24.55 -26.56
CA ILE C 23 -13.21 23.49 -26.61
C ILE C 23 -14.10 23.54 -25.37
N VAL C 24 -13.48 23.56 -24.18
CA VAL C 24 -14.25 23.62 -22.95
C VAL C 24 -15.02 24.94 -22.84
N ALA C 25 -14.44 26.02 -23.36
CA ALA C 25 -15.08 27.33 -23.30
C ALA C 25 -16.42 27.31 -24.04
N THR C 26 -16.39 26.77 -25.26
CA THR C 26 -17.58 26.67 -26.10
C THR C 26 -18.62 25.76 -25.47
N ALA C 27 -18.19 24.59 -25.01
CA ALA C 27 -19.10 23.64 -24.37
C ALA C 27 -19.79 24.31 -23.18
N ARG C 28 -19.05 25.11 -22.42
CA ARG C 28 -19.58 25.83 -21.27
C ARG C 28 -20.72 26.75 -21.68
N LYS C 29 -20.54 27.42 -22.81
CA LYS C 29 -21.56 28.35 -23.31
C LYS C 29 -22.87 27.64 -23.70
N VAL C 30 -22.79 26.69 -24.63
CA VAL C 30 -23.99 25.98 -25.08
C VAL C 30 -24.70 25.26 -23.95
N LEU C 31 -23.95 24.53 -23.14
CA LEU C 31 -24.53 23.78 -22.04
C LEU C 31 -25.23 24.66 -21.01
N GLU C 32 -24.56 25.74 -20.59
CA GLU C 32 -25.15 26.63 -19.60
C GLU C 32 -26.33 27.41 -20.16
N ALA C 33 -26.35 27.57 -21.49
CA ALA C 33 -27.43 28.27 -22.15
C ALA C 33 -28.69 27.42 -22.00
N ALA C 34 -28.49 26.11 -21.89
CA ALA C 34 -29.60 25.16 -21.73
C ALA C 34 -30.02 25.04 -20.26
N GLY C 35 -29.34 25.78 -19.38
CA GLY C 35 -29.66 25.75 -17.97
C GLY C 35 -28.83 24.76 -17.16
N ALA C 36 -27.71 24.32 -17.72
CA ALA C 36 -26.85 23.37 -17.01
C ALA C 36 -26.01 24.08 -15.94
N LEU C 37 -25.88 23.43 -14.79
CA LEU C 37 -25.11 23.96 -13.67
C LEU C 37 -23.77 23.21 -13.60
N GLU C 38 -22.69 23.93 -13.37
CA GLU C 38 -21.36 23.30 -13.27
C GLU C 38 -21.23 22.63 -11.91
N LEU C 39 -20.79 21.37 -11.93
CA LEU C 39 -20.61 20.56 -10.72
C LEU C 39 -19.37 19.71 -10.98
N VAL C 40 -18.37 19.86 -10.11
CA VAL C 40 -17.13 19.10 -10.26
C VAL C 40 -16.98 18.07 -9.14
N THR C 41 -16.86 16.81 -9.53
CA THR C 41 -16.69 15.74 -8.56
C THR C 41 -15.21 15.42 -8.35
N PRO C 42 -14.88 14.79 -7.22
CA PRO C 42 -13.50 14.41 -6.89
C PRO C 42 -12.87 13.49 -7.94
N ILE C 43 -11.54 13.50 -7.98
CA ILE C 43 -10.78 12.68 -8.92
C ILE C 43 -11.00 11.18 -8.67
N PHE C 44 -11.33 10.83 -7.44
CA PHE C 44 -11.58 9.43 -7.10
C PHE C 44 -12.82 9.25 -6.24
N GLU C 45 -13.44 8.08 -6.36
CA GLU C 45 -14.64 7.74 -5.60
C GLU C 45 -14.41 6.36 -4.99
N GLU C 46 -15.30 5.95 -4.08
CA GLU C 46 -15.18 4.63 -3.47
C GLU C 46 -15.30 3.68 -4.64
N THR C 47 -14.38 2.74 -4.76
CA THR C 47 -14.37 1.77 -5.85
C THR C 47 -15.76 1.23 -6.25
N GLN C 48 -16.65 1.03 -5.27
CA GLN C 48 -17.99 0.50 -5.52
C GLN C 48 -18.80 1.36 -6.49
N VAL C 49 -18.72 2.68 -6.36
CA VAL C 49 -19.46 3.62 -7.20
C VAL C 49 -19.27 3.25 -8.68
N PHE C 50 -18.08 2.80 -9.05
CA PHE C 50 -17.80 2.44 -10.44
C PHE C 50 -18.10 0.98 -10.74
N GLU C 51 -17.90 0.10 -9.76
CA GLU C 51 -18.16 -1.33 -9.94
C GLU C 51 -19.65 -1.54 -10.19
N LYS C 52 -20.45 -1.10 -9.22
CA LYS C 52 -21.90 -1.23 -9.29
C LYS C 52 -22.49 -0.39 -10.42
N GLY C 53 -22.05 0.86 -10.52
CA GLY C 53 -22.55 1.75 -11.55
C GLY C 53 -22.28 1.36 -12.99
N VAL C 54 -21.00 1.30 -13.35
CA VAL C 54 -20.59 0.96 -14.70
C VAL C 54 -20.93 -0.48 -15.07
N GLY C 55 -21.10 -1.32 -14.03
CA GLY C 55 -21.43 -2.71 -14.26
C GLY C 55 -20.24 -3.64 -14.17
N ALA C 56 -20.30 -4.55 -13.21
CA ALA C 56 -19.21 -5.52 -12.97
C ALA C 56 -18.80 -6.41 -14.15
N ALA C 57 -19.49 -6.28 -15.28
CA ALA C 57 -19.16 -7.11 -16.45
C ALA C 57 -18.38 -6.35 -17.53
N THR C 58 -18.31 -5.03 -17.39
CA THR C 58 -17.63 -4.22 -18.39
C THR C 58 -16.10 -4.26 -18.30
N ASP C 59 -15.45 -4.02 -19.44
CA ASP C 59 -13.99 -4.02 -19.53
C ASP C 59 -13.41 -2.99 -18.57
N ILE C 60 -14.05 -1.83 -18.53
CA ILE C 60 -13.64 -0.74 -17.67
C ILE C 60 -13.48 -1.24 -16.24
N VAL C 61 -14.57 -1.74 -15.67
CA VAL C 61 -14.56 -2.25 -14.30
C VAL C 61 -13.63 -3.45 -14.12
N ARG C 62 -13.73 -4.39 -15.04
CA ARG C 62 -12.94 -5.62 -14.96
C ARG C 62 -11.42 -5.51 -15.12
N LYS C 63 -10.93 -4.56 -15.89
CA LYS C 63 -9.48 -4.47 -16.09
C LYS C 63 -8.91 -3.11 -16.52
N GLU C 64 -9.68 -2.04 -16.37
CA GLU C 64 -9.18 -0.73 -16.78
C GLU C 64 -9.34 0.36 -15.73
N MET C 65 -9.48 -0.03 -14.47
CA MET C 65 -9.65 0.95 -13.42
C MET C 65 -8.43 1.12 -12.53
N PHE C 66 -7.93 2.34 -12.43
CA PHE C 66 -6.77 2.61 -11.57
C PHE C 66 -7.34 2.66 -10.16
N THR C 67 -7.32 1.52 -9.49
CA THR C 67 -7.84 1.42 -8.14
C THR C 67 -6.71 1.14 -7.14
N PHE C 68 -6.84 1.73 -5.95
CA PHE C 68 -5.84 1.59 -4.89
C PHE C 68 -6.56 1.61 -3.54
N GLN C 69 -5.95 1.06 -2.49
CA GLN C 69 -6.63 1.04 -1.19
C GLN C 69 -6.27 2.21 -0.26
N ASP C 70 -7.29 2.77 0.38
CA ASP C 70 -7.12 3.90 1.30
C ASP C 70 -6.46 3.52 2.63
N ARG C 71 -5.80 4.50 3.25
CA ARG C 71 -5.11 4.31 4.53
C ARG C 71 -6.08 3.88 5.64
N GLY C 72 -7.37 4.14 5.42
CA GLY C 72 -8.38 3.79 6.40
C GLY C 72 -9.25 2.58 6.08
N GLY C 73 -8.94 1.85 5.02
CA GLY C 73 -9.73 0.68 4.69
C GLY C 73 -10.45 0.73 3.36
N ARG C 74 -11.16 1.82 3.10
CA ARG C 74 -11.90 2.00 1.85
C ARG C 74 -11.05 1.75 0.62
N SER C 75 -11.67 1.23 -0.43
CA SER C 75 -10.97 0.98 -1.68
C SER C 75 -11.38 2.15 -2.57
N LEU C 76 -10.41 2.86 -3.12
CA LEU C 76 -10.71 4.02 -3.96
C LEU C 76 -10.29 3.79 -5.40
N THR C 77 -10.97 4.45 -6.33
CA THR C 77 -10.63 4.30 -7.73
C THR C 77 -10.62 5.62 -8.47
N LEU C 78 -9.62 5.77 -9.34
CA LEU C 78 -9.46 6.96 -10.16
C LEU C 78 -10.60 6.97 -11.16
N ARG C 79 -11.43 8.01 -11.07
CA ARG C 79 -12.59 8.18 -11.94
C ARG C 79 -12.32 7.90 -13.43
N PRO C 80 -12.96 6.86 -13.98
CA PRO C 80 -12.80 6.47 -15.38
C PRO C 80 -13.89 7.07 -16.27
N GLU C 81 -14.96 7.54 -15.63
CA GLU C 81 -16.11 8.12 -16.33
C GLU C 81 -16.92 8.96 -15.32
N GLY C 82 -17.66 9.95 -15.82
CA GLY C 82 -18.40 10.84 -14.94
C GLY C 82 -19.83 10.58 -14.49
N THR C 83 -20.66 9.98 -15.34
CA THR C 83 -22.07 9.73 -15.00
C THR C 83 -22.36 9.17 -13.62
N ALA C 84 -21.77 8.02 -13.31
CA ALA C 84 -21.96 7.38 -12.03
C ALA C 84 -21.73 8.38 -10.91
N ALA C 85 -20.63 9.14 -11.02
CA ALA C 85 -20.27 10.15 -10.03
C ALA C 85 -21.33 11.24 -9.94
N MET C 86 -21.79 11.73 -11.09
CA MET C 86 -22.81 12.77 -11.13
C MET C 86 -24.07 12.29 -10.41
N VAL C 87 -24.41 11.02 -10.61
CA VAL C 87 -25.59 10.44 -9.98
C VAL C 87 -25.35 10.33 -8.47
N ARG C 88 -24.13 9.94 -8.10
CA ARG C 88 -23.74 9.79 -6.71
C ARG C 88 -23.93 11.14 -6.02
N ALA C 89 -23.49 12.19 -6.71
CA ALA C 89 -23.59 13.56 -6.21
C ALA C 89 -25.04 13.96 -6.07
N TYR C 90 -25.83 13.66 -7.09
CA TYR C 90 -27.25 13.97 -7.11
C TYR C 90 -27.91 13.41 -5.85
N LEU C 91 -27.62 12.14 -5.57
CA LEU C 91 -28.16 11.47 -4.40
C LEU C 91 -27.70 12.11 -3.11
N GLU C 92 -26.39 12.23 -2.97
CA GLU C 92 -25.78 12.82 -1.77
C GLU C 92 -26.30 14.19 -1.38
N HIS C 93 -26.39 15.09 -2.35
CA HIS C 93 -26.85 16.44 -2.08
C HIS C 93 -28.36 16.60 -2.08
N GLY C 94 -29.07 15.48 -2.14
CA GLY C 94 -30.53 15.52 -2.14
C GLY C 94 -31.07 16.40 -3.24
N MET C 95 -30.47 16.30 -4.43
CA MET C 95 -30.88 17.11 -5.57
C MET C 95 -32.29 16.79 -6.06
N LYS C 96 -32.96 15.85 -5.39
CA LYS C 96 -34.32 15.47 -5.74
C LYS C 96 -35.31 16.58 -5.40
N VAL C 97 -34.93 17.44 -4.45
CA VAL C 97 -35.79 18.55 -4.02
C VAL C 97 -35.61 19.79 -4.88
N TRP C 98 -34.56 19.82 -5.68
CA TRP C 98 -34.32 20.95 -6.57
C TRP C 98 -35.34 20.80 -7.69
N PRO C 99 -35.72 21.91 -8.35
CA PRO C 99 -36.70 21.82 -9.44
C PRO C 99 -36.14 20.92 -10.55
N GLN C 100 -36.94 19.94 -10.96
CA GLN C 100 -36.53 18.98 -11.99
C GLN C 100 -36.85 19.50 -13.38
N PRO C 101 -36.07 19.09 -14.40
CA PRO C 101 -34.92 18.19 -14.26
C PRO C 101 -33.66 18.94 -13.83
N VAL C 102 -32.75 18.24 -13.18
CA VAL C 102 -31.50 18.84 -12.73
C VAL C 102 -30.39 18.57 -13.77
N ARG C 103 -29.98 19.62 -14.46
CA ARG C 103 -28.94 19.52 -15.48
C ARG C 103 -27.57 19.88 -14.87
N LEU C 104 -26.57 19.02 -15.08
CA LEU C 104 -25.23 19.23 -14.55
C LEU C 104 -24.16 19.06 -15.61
N TRP C 105 -23.08 19.82 -15.51
CA TRP C 105 -21.99 19.71 -16.47
C TRP C 105 -20.65 19.99 -15.83
N MET C 106 -19.58 19.53 -16.47
CA MET C 106 -18.22 19.75 -15.99
C MET C 106 -17.24 19.31 -17.09
N ALA C 107 -15.97 19.57 -16.87
CA ALA C 107 -14.92 19.19 -17.80
C ALA C 107 -13.73 18.84 -16.93
N GLY C 108 -13.16 17.67 -17.14
CA GLY C 108 -12.02 17.27 -16.31
C GLY C 108 -11.33 16.05 -16.83
N PRO C 109 -10.29 15.57 -16.13
CA PRO C 109 -9.54 14.39 -16.54
C PRO C 109 -10.22 13.09 -16.12
N MET C 110 -10.06 12.06 -16.94
CA MET C 110 -10.61 10.74 -16.68
C MET C 110 -9.43 9.80 -16.84
N PHE C 111 -9.43 8.72 -16.07
CA PHE C 111 -8.32 7.78 -16.10
C PHE C 111 -8.78 6.35 -16.37
N ARG C 112 -8.25 5.78 -17.44
CA ARG C 112 -8.57 4.41 -17.84
C ARG C 112 -7.27 3.62 -18.03
N ALA C 113 -7.12 2.55 -17.25
CA ALA C 113 -5.93 1.70 -17.30
C ALA C 113 -5.87 0.78 -18.50
N GLU C 114 -5.85 1.35 -19.71
CA GLU C 114 -5.79 0.53 -20.91
C GLU C 114 -4.54 0.86 -21.70
N ARG C 115 -4.06 -0.12 -22.46
CA ARG C 115 -2.85 0.07 -23.27
C ARG C 115 -3.11 1.17 -24.29
N PRO C 116 -2.32 2.25 -24.22
CA PRO C 116 -2.47 3.39 -25.11
C PRO C 116 -2.09 3.17 -26.57
N GLN C 117 -2.72 3.94 -27.42
CA GLN C 117 -2.51 3.94 -28.87
C GLN C 117 -3.13 5.23 -29.36
N LYS C 118 -3.14 5.48 -30.68
CA LYS C 118 -3.70 6.74 -31.15
C LYS C 118 -5.14 7.02 -30.83
N GLY C 119 -5.36 7.91 -29.86
CA GLY C 119 -6.71 8.28 -29.47
C GLY C 119 -7.00 7.74 -28.10
N ARG C 120 -6.33 6.66 -27.72
CA ARG C 120 -6.54 6.05 -26.41
C ARG C 120 -5.42 6.44 -25.44
N TYR C 121 -5.73 7.39 -24.56
CA TYR C 121 -4.77 7.86 -23.57
C TYR C 121 -5.17 7.25 -22.25
N ARG C 122 -4.23 7.19 -21.32
CA ARG C 122 -4.53 6.64 -20.00
C ARG C 122 -5.17 7.73 -19.17
N GLN C 123 -4.84 8.97 -19.51
CA GLN C 123 -5.42 10.13 -18.86
C GLN C 123 -5.90 11.05 -19.97
N PHE C 124 -7.21 11.21 -20.06
CA PHE C 124 -7.80 12.06 -21.09
C PHE C 124 -8.73 13.04 -20.40
N HIS C 125 -9.32 13.94 -21.18
CA HIS C 125 -10.23 14.94 -20.63
C HIS C 125 -11.51 14.95 -21.45
N GLN C 126 -12.65 15.03 -20.77
CA GLN C 126 -13.93 15.05 -21.45
C GLN C 126 -14.93 16.02 -20.81
N VAL C 127 -15.80 16.57 -21.66
CA VAL C 127 -16.85 17.47 -21.22
C VAL C 127 -18.03 16.55 -20.95
N ASN C 128 -18.67 16.69 -19.80
CA ASN C 128 -19.76 15.80 -19.42
C ASN C 128 -21.05 16.55 -19.12
N TYR C 129 -22.14 16.12 -19.75
CA TYR C 129 -23.46 16.72 -19.57
C TYR C 129 -24.42 15.68 -19.02
N GLU C 130 -25.30 16.11 -18.13
CA GLU C 130 -26.28 15.22 -17.48
C GLU C 130 -27.63 15.93 -17.26
N ALA C 131 -28.71 15.16 -17.40
CA ALA C 131 -30.08 15.66 -17.19
C ALA C 131 -30.78 14.62 -16.33
N LEU C 132 -30.91 14.90 -15.05
CA LEU C 132 -31.51 13.96 -14.11
C LEU C 132 -32.88 14.34 -13.58
N GLY C 133 -33.67 13.31 -13.28
CA GLY C 133 -35.00 13.51 -12.72
C GLY C 133 -36.22 13.35 -13.63
N SER C 134 -36.02 12.94 -14.89
CA SER C 134 -37.16 12.79 -15.79
C SER C 134 -36.96 11.77 -16.90
N GLU C 135 -38.06 11.13 -17.27
CA GLU C 135 -38.08 10.10 -18.31
C GLU C 135 -38.46 10.70 -19.67
N ASN C 136 -38.98 11.92 -19.64
CA ASN C 136 -39.42 12.61 -20.85
C ASN C 136 -38.39 12.58 -21.97
N PRO C 137 -38.72 11.97 -23.12
CA PRO C 137 -37.86 11.86 -24.30
C PRO C 137 -37.32 13.16 -24.88
N ILE C 138 -37.86 14.30 -24.42
CA ILE C 138 -37.40 15.61 -24.89
C ILE C 138 -35.94 15.82 -24.46
N LEU C 139 -35.63 15.42 -23.23
CA LEU C 139 -34.29 15.54 -22.67
C LEU C 139 -33.30 14.72 -23.47
N ASP C 140 -33.74 13.57 -23.97
CA ASP C 140 -32.91 12.68 -24.76
C ASP C 140 -32.55 13.38 -26.06
N ALA C 141 -33.56 14.01 -26.69
CA ALA C 141 -33.35 14.73 -27.93
C ALA C 141 -32.40 15.90 -27.65
N GLU C 142 -32.70 16.62 -26.58
CA GLU C 142 -31.90 17.78 -26.14
C GLU C 142 -30.45 17.37 -25.97
N ALA C 143 -30.22 16.26 -25.27
CA ALA C 143 -28.88 15.77 -25.02
C ALA C 143 -28.13 15.62 -26.36
N VAL C 144 -28.78 14.96 -27.31
CA VAL C 144 -28.17 14.75 -28.63
C VAL C 144 -27.89 16.10 -29.31
N VAL C 145 -28.85 17.01 -29.21
CA VAL C 145 -28.71 18.32 -29.83
C VAL C 145 -27.55 19.10 -29.22
N LEU C 146 -27.46 19.09 -27.89
CA LEU C 146 -26.39 19.79 -27.18
C LEU C 146 -25.03 19.29 -27.62
N LEU C 147 -24.84 17.96 -27.62
CA LEU C 147 -23.57 17.39 -28.05
C LEU C 147 -23.27 17.81 -29.47
N TYR C 148 -24.28 17.71 -30.33
CA TYR C 148 -24.15 18.09 -31.73
C TYR C 148 -23.73 19.56 -31.83
N GLU C 149 -24.40 20.42 -31.06
CA GLU C 149 -24.10 21.85 -31.06
C GLU C 149 -22.70 22.21 -30.58
N CYS C 150 -22.23 21.55 -29.51
CA CYS C 150 -20.89 21.83 -28.98
C CYS C 150 -19.86 21.67 -30.09
N LEU C 151 -19.97 20.58 -30.83
CA LEU C 151 -19.05 20.29 -31.92
C LEU C 151 -19.30 21.19 -33.12
N LYS C 152 -20.56 21.54 -33.34
CA LYS C 152 -20.95 22.40 -34.46
C LYS C 152 -20.39 23.82 -34.27
N GLU C 153 -20.59 24.36 -33.07
CA GLU C 153 -20.12 25.70 -32.72
C GLU C 153 -18.62 25.84 -32.90
N LEU C 154 -17.88 24.76 -32.64
CA LEU C 154 -16.43 24.77 -32.78
C LEU C 154 -16.00 24.93 -34.24
N GLY C 155 -16.95 24.80 -35.15
CA GLY C 155 -16.66 24.95 -36.56
C GLY C 155 -16.65 23.62 -37.30
N LEU C 156 -16.75 22.52 -36.56
CA LEU C 156 -16.76 21.20 -37.18
C LEU C 156 -17.98 21.05 -38.07
N ARG C 157 -17.78 20.48 -39.25
CA ARG C 157 -18.85 20.30 -40.21
C ARG C 157 -19.08 18.84 -40.57
N ARG C 158 -17.99 18.08 -40.71
CA ARG C 158 -18.10 16.66 -41.06
C ARG C 158 -18.31 15.68 -39.89
N LEU C 159 -19.49 15.76 -39.27
CA LEU C 159 -19.84 14.89 -38.14
C LEU C 159 -20.85 13.84 -38.61
N LYS C 160 -20.89 12.71 -37.89
CA LYS C 160 -21.81 11.63 -38.21
C LYS C 160 -22.53 11.18 -36.93
N VAL C 161 -23.74 11.67 -36.74
CA VAL C 161 -24.54 11.32 -35.56
C VAL C 161 -25.16 9.93 -35.73
N LYS C 162 -25.11 9.12 -34.68
CA LYS C 162 -25.67 7.77 -34.72
C LYS C 162 -26.58 7.51 -33.54
N LEU C 163 -27.85 7.28 -33.83
CA LEU C 163 -28.86 7.04 -32.78
C LEU C 163 -29.31 5.59 -32.76
N SER C 164 -29.79 5.13 -31.60
CA SER C 164 -30.27 3.78 -31.44
C SER C 164 -30.88 3.63 -30.04
N SER C 165 -31.16 2.41 -29.63
CA SER C 165 -31.73 2.13 -28.32
C SER C 165 -31.43 0.71 -27.90
N VAL C 166 -31.35 0.50 -26.59
CA VAL C 166 -31.06 -0.81 -26.02
C VAL C 166 -32.31 -1.34 -25.34
N GLY C 167 -33.42 -0.62 -25.48
CA GLY C 167 -34.66 -1.08 -24.87
C GLY C 167 -34.81 -0.87 -23.36
N ASP C 168 -35.52 -1.77 -22.67
CA ASP C 168 -35.81 -1.72 -21.22
C ASP C 168 -35.20 -2.98 -20.59
N PRO C 169 -35.23 -3.10 -19.25
CA PRO C 169 -34.66 -4.29 -18.62
C PRO C 169 -35.25 -5.60 -19.17
N GLU C 170 -36.54 -5.59 -19.47
CA GLU C 170 -37.22 -6.76 -20.00
C GLU C 170 -36.68 -7.11 -21.39
N ASP C 171 -36.66 -6.11 -22.27
CA ASP C 171 -36.15 -6.29 -23.63
C ASP C 171 -34.70 -6.78 -23.57
N ARG C 172 -33.93 -6.18 -22.67
CA ARG C 172 -32.53 -6.51 -22.46
C ARG C 172 -32.41 -8.00 -22.10
N ALA C 173 -33.28 -8.44 -21.19
CA ALA C 173 -33.29 -9.84 -20.74
C ALA C 173 -33.60 -10.78 -21.90
N ARG C 174 -34.64 -10.47 -22.66
CA ARG C 174 -35.05 -11.29 -23.78
C ARG C 174 -33.98 -11.42 -24.85
N TYR C 175 -33.29 -10.32 -25.15
CA TYR C 175 -32.23 -10.36 -26.15
C TYR C 175 -31.11 -11.26 -25.66
N ASN C 176 -30.79 -11.16 -24.37
CA ASN C 176 -29.74 -11.98 -23.79
C ASN C 176 -30.07 -13.46 -23.95
N ALA C 177 -31.29 -13.83 -23.57
CA ALA C 177 -31.76 -15.20 -23.69
C ALA C 177 -31.59 -15.67 -25.15
N TYR C 178 -32.01 -14.82 -26.08
CA TYR C 178 -31.92 -15.11 -27.51
C TYR C 178 -30.47 -15.44 -27.88
N LEU C 179 -29.56 -14.55 -27.50
CA LEU C 179 -28.14 -14.72 -27.79
C LEU C 179 -27.63 -16.04 -27.24
N ARG C 180 -28.06 -16.40 -26.04
CA ARG C 180 -27.65 -17.63 -25.41
C ARG C 180 -28.09 -18.83 -26.24
N GLU C 181 -29.37 -18.86 -26.61
CA GLU C 181 -29.95 -19.95 -27.40
C GLU C 181 -29.26 -20.13 -28.75
N VAL C 182 -28.91 -19.02 -29.39
CA VAL C 182 -28.26 -19.06 -30.70
C VAL C 182 -26.77 -19.39 -30.62
N LEU C 183 -26.11 -18.83 -29.62
CA LEU C 183 -24.67 -19.02 -29.45
C LEU C 183 -24.22 -20.26 -28.68
N SER C 184 -24.93 -20.65 -27.64
CA SER C 184 -24.55 -21.81 -26.83
C SER C 184 -24.25 -23.09 -27.61
N PRO C 185 -25.10 -23.48 -28.59
CA PRO C 185 -24.82 -24.71 -29.34
C PRO C 185 -23.55 -24.59 -30.19
N HIS C 186 -23.09 -23.35 -30.38
CA HIS C 186 -21.88 -23.08 -31.16
C HIS C 186 -20.81 -22.51 -30.23
N ARG C 187 -21.03 -22.65 -28.93
CA ARG C 187 -20.13 -22.15 -27.89
C ARG C 187 -18.65 -22.42 -28.14
N GLU C 188 -18.36 -23.59 -28.70
CA GLU C 188 -16.99 -24.00 -28.99
C GLU C 188 -16.24 -23.12 -30.00
N ALA C 189 -16.97 -22.31 -30.76
CA ALA C 189 -16.34 -21.44 -31.76
C ALA C 189 -16.09 -20.03 -31.26
N LEU C 190 -16.34 -19.79 -29.96
CA LEU C 190 -16.15 -18.47 -29.37
C LEU C 190 -14.78 -18.28 -28.76
N SER C 191 -14.35 -17.03 -28.64
CA SER C 191 -13.07 -16.69 -28.03
C SER C 191 -13.26 -16.89 -26.54
N GLU C 192 -12.20 -17.34 -25.85
CA GLU C 192 -12.24 -17.57 -24.41
C GLU C 192 -12.95 -16.44 -23.66
N ASP C 193 -12.66 -15.21 -24.07
CA ASP C 193 -13.26 -14.02 -23.49
C ASP C 193 -14.78 -14.06 -23.65
N SER C 194 -15.23 -14.29 -24.88
CA SER C 194 -16.65 -14.34 -25.21
C SER C 194 -17.37 -15.47 -24.46
N LYS C 195 -16.70 -16.61 -24.32
CA LYS C 195 -17.26 -17.77 -23.63
C LYS C 195 -17.69 -17.42 -22.21
N GLU C 196 -16.94 -16.52 -21.58
CA GLU C 196 -17.27 -16.08 -20.22
C GLU C 196 -18.45 -15.12 -20.29
N ARG C 197 -18.37 -14.16 -21.21
CA ARG C 197 -19.42 -13.15 -21.41
C ARG C 197 -20.76 -13.80 -21.70
N LEU C 198 -20.73 -14.99 -22.27
CA LEU C 198 -21.93 -15.74 -22.62
C LEU C 198 -22.76 -16.07 -21.37
N GLU C 199 -22.08 -16.15 -20.23
CA GLU C 199 -22.74 -16.46 -18.96
C GLU C 199 -23.53 -15.28 -18.41
N GLU C 200 -22.87 -14.13 -18.30
CA GLU C 200 -23.53 -12.94 -17.79
C GLU C 200 -23.41 -11.78 -18.75
N ASN C 201 -24.56 -11.30 -19.21
CA ASN C 201 -24.64 -10.19 -20.15
C ASN C 201 -23.98 -10.53 -21.49
N PRO C 202 -24.53 -11.53 -22.21
CA PRO C 202 -24.03 -11.99 -23.50
C PRO C 202 -23.83 -10.90 -24.55
N MET C 203 -24.60 -9.82 -24.47
CA MET C 203 -24.51 -8.71 -25.41
C MET C 203 -23.08 -8.29 -25.73
N ARG C 204 -22.22 -8.38 -24.73
CA ARG C 204 -20.81 -8.03 -24.88
C ARG C 204 -20.13 -8.75 -26.03
N ILE C 205 -20.54 -9.99 -26.27
CA ILE C 205 -19.96 -10.79 -27.33
C ILE C 205 -20.15 -10.13 -28.70
N LEU C 206 -21.09 -9.18 -28.78
CA LEU C 206 -21.35 -8.45 -30.02
C LEU C 206 -20.24 -7.44 -30.23
N ASP C 207 -19.89 -6.72 -29.17
CA ASP C 207 -18.85 -5.69 -29.22
C ASP C 207 -17.45 -6.21 -28.88
N SER C 208 -17.21 -7.49 -29.09
CA SER C 208 -15.89 -8.05 -28.81
C SER C 208 -14.99 -7.97 -30.03
N LYS C 209 -13.71 -8.26 -29.82
CA LYS C 209 -12.72 -8.24 -30.90
C LYS C 209 -12.52 -9.65 -31.45
N SER C 210 -11.41 -9.85 -32.14
CA SER C 210 -11.05 -11.14 -32.74
C SER C 210 -11.96 -11.48 -33.91
N GLU C 211 -11.38 -12.14 -34.91
CA GLU C 211 -12.12 -12.53 -36.09
C GLU C 211 -13.02 -13.72 -35.76
N ARG C 212 -12.57 -14.52 -34.79
CA ARG C 212 -13.27 -15.72 -34.31
C ARG C 212 -14.75 -15.46 -34.02
N ASP C 213 -15.02 -14.35 -33.32
CA ASP C 213 -16.37 -13.96 -32.94
C ASP C 213 -17.17 -13.34 -34.08
N GLN C 214 -16.60 -12.33 -34.72
CA GLN C 214 -17.25 -11.61 -35.81
C GLN C 214 -17.77 -12.49 -36.94
N ALA C 215 -16.91 -13.35 -37.49
CA ALA C 215 -17.30 -14.24 -38.58
C ALA C 215 -18.48 -15.11 -38.16
N LEU C 216 -18.42 -15.64 -36.94
CA LEU C 216 -19.49 -16.50 -36.43
C LEU C 216 -20.82 -15.74 -36.36
N LEU C 217 -20.79 -14.57 -35.75
CA LEU C 217 -21.98 -13.74 -35.63
C LEU C 217 -22.63 -13.51 -36.99
N LYS C 218 -21.80 -13.24 -37.99
CA LYS C 218 -22.28 -13.01 -39.35
C LYS C 218 -22.97 -14.23 -39.93
N GLU C 219 -22.28 -15.37 -39.95
CA GLU C 219 -22.84 -16.60 -40.48
C GLU C 219 -24.10 -17.05 -39.75
N LEU C 220 -24.14 -16.83 -38.44
CA LEU C 220 -25.30 -17.22 -37.63
C LEU C 220 -26.48 -16.28 -37.85
N GLY C 221 -26.21 -15.14 -38.50
CA GLY C 221 -27.26 -14.16 -38.77
C GLY C 221 -27.86 -13.62 -37.50
N VAL C 222 -27.02 -13.29 -36.54
CA VAL C 222 -27.49 -12.76 -35.26
C VAL C 222 -28.17 -11.42 -35.50
N ARG C 223 -29.46 -11.36 -35.17
CA ARG C 223 -30.20 -10.14 -35.36
C ARG C 223 -29.90 -9.09 -34.29
N PRO C 224 -29.95 -7.81 -34.68
CA PRO C 224 -29.70 -6.63 -33.87
C PRO C 224 -30.59 -6.49 -32.63
N MET C 225 -30.06 -5.82 -31.61
CA MET C 225 -30.78 -5.57 -30.37
C MET C 225 -32.04 -4.75 -30.68
N LEU C 226 -31.95 -3.92 -31.72
CA LEU C 226 -33.07 -3.08 -32.15
C LEU C 226 -34.33 -3.88 -32.39
N ASP C 227 -34.18 -5.04 -33.02
CA ASP C 227 -35.28 -5.94 -33.33
C ASP C 227 -35.98 -6.51 -32.09
N PHE C 228 -35.46 -6.20 -30.91
CA PHE C 228 -36.05 -6.68 -29.67
C PHE C 228 -36.58 -5.59 -28.75
N LEU C 229 -36.66 -4.36 -29.26
CA LEU C 229 -37.16 -3.26 -28.45
C LEU C 229 -38.65 -3.41 -28.20
N GLY C 230 -39.08 -3.09 -26.98
CA GLY C 230 -40.48 -3.19 -26.67
C GLY C 230 -41.22 -2.03 -27.27
N GLU C 231 -42.54 -2.11 -27.05
CA GLU C 231 -43.52 -1.14 -27.48
C GLU C 231 -43.26 0.18 -26.78
N GLU C 232 -43.08 0.14 -25.45
CA GLU C 232 -42.80 1.37 -24.74
C GLU C 232 -41.45 1.95 -25.14
N ALA C 233 -40.44 1.07 -25.26
CA ALA C 233 -39.09 1.49 -25.65
C ALA C 233 -39.12 2.11 -27.04
N ARG C 234 -39.80 1.42 -27.96
CA ARG C 234 -39.94 1.85 -29.35
C ARG C 234 -40.63 3.22 -29.39
N ALA C 235 -41.70 3.34 -28.60
CA ALA C 235 -42.47 4.57 -28.52
C ALA C 235 -41.56 5.73 -28.16
N HIS C 236 -40.84 5.56 -27.06
CA HIS C 236 -39.91 6.57 -26.55
C HIS C 236 -38.89 6.97 -27.61
N LEU C 237 -38.29 5.97 -28.27
CA LEU C 237 -37.29 6.22 -29.30
C LEU C 237 -37.87 7.03 -30.46
N LYS C 238 -39.13 6.76 -30.80
CA LYS C 238 -39.77 7.48 -31.89
C LYS C 238 -39.93 8.94 -31.49
N GLU C 239 -40.24 9.17 -30.22
CA GLU C 239 -40.40 10.53 -29.69
C GLU C 239 -39.12 11.30 -29.89
N VAL C 240 -38.00 10.66 -29.57
CA VAL C 240 -36.70 11.28 -29.72
C VAL C 240 -36.49 11.62 -31.19
N GLU C 241 -36.66 10.63 -32.06
CA GLU C 241 -36.49 10.83 -33.50
C GLU C 241 -37.35 11.99 -34.01
N ARG C 242 -38.60 12.04 -33.55
CA ARG C 242 -39.53 13.08 -33.96
C ARG C 242 -38.92 14.45 -33.65
N HIS C 243 -38.42 14.60 -32.42
CA HIS C 243 -37.82 15.85 -32.00
C HIS C 243 -36.57 16.20 -32.82
N LEU C 244 -35.67 15.23 -32.99
CA LEU C 244 -34.45 15.44 -33.75
C LEU C 244 -34.75 15.87 -35.18
N GLU C 245 -35.69 15.18 -35.80
CA GLU C 245 -36.10 15.49 -37.17
C GLU C 245 -36.61 16.93 -37.25
N ARG C 246 -37.46 17.32 -36.30
CA ARG C 246 -38.02 18.67 -36.26
C ARG C 246 -36.91 19.72 -36.14
N LEU C 247 -35.93 19.43 -35.29
CA LEU C 247 -34.82 20.35 -35.08
C LEU C 247 -33.80 20.24 -36.22
N SER C 248 -34.09 19.40 -37.21
CA SER C 248 -33.22 19.19 -38.36
C SER C 248 -31.82 18.66 -38.07
N VAL C 249 -31.71 17.80 -37.05
CA VAL C 249 -30.43 17.22 -36.68
C VAL C 249 -30.21 15.95 -37.50
N PRO C 250 -29.27 16.00 -38.47
CA PRO C 250 -29.00 14.84 -39.31
C PRO C 250 -28.39 13.66 -38.53
N TYR C 251 -29.10 12.55 -38.51
CA TYR C 251 -28.65 11.37 -37.80
C TYR C 251 -28.90 10.11 -38.62
N GLU C 252 -28.27 9.02 -38.20
CA GLU C 252 -28.42 7.73 -38.86
C GLU C 252 -28.81 6.75 -37.77
N LEU C 253 -29.91 6.03 -38.00
CA LEU C 253 -30.39 5.07 -37.02
C LEU C 253 -29.58 3.78 -37.14
N GLU C 254 -28.77 3.49 -36.12
CA GLU C 254 -27.93 2.30 -36.11
C GLU C 254 -28.64 1.05 -35.60
N PRO C 255 -28.41 -0.09 -36.29
CA PRO C 255 -29.00 -1.39 -35.98
C PRO C 255 -28.68 -1.87 -34.57
N ALA C 256 -27.39 -1.80 -34.24
CA ALA C 256 -26.91 -2.22 -32.95
C ALA C 256 -25.73 -1.33 -32.58
N LEU C 257 -26.03 -0.32 -31.76
CA LEU C 257 -25.02 0.62 -31.30
C LEU C 257 -24.82 0.23 -29.83
N VAL C 258 -24.12 -0.87 -29.62
CA VAL C 258 -23.86 -1.36 -28.26
C VAL C 258 -22.83 -0.46 -27.57
N ARG C 259 -23.27 0.18 -26.49
CA ARG C 259 -22.42 1.08 -25.73
C ARG C 259 -21.42 0.27 -24.89
N GLY C 260 -20.38 0.95 -24.42
CA GLY C 260 -19.37 0.29 -23.60
C GLY C 260 -19.65 0.18 -22.11
N LEU C 261 -20.70 0.85 -21.64
CA LEU C 261 -21.04 0.81 -20.22
C LEU C 261 -22.39 0.13 -20.05
N ASP C 262 -22.54 -0.64 -18.97
CA ASP C 262 -23.79 -1.37 -18.72
C ASP C 262 -24.95 -0.71 -17.98
N TYR C 263 -24.82 0.56 -17.63
CA TYR C 263 -25.90 1.24 -16.90
C TYR C 263 -26.97 1.85 -17.80
N TYR C 264 -26.73 1.79 -19.11
CA TYR C 264 -27.65 2.36 -20.10
C TYR C 264 -28.97 1.62 -20.23
N VAL C 265 -29.99 2.36 -20.69
CA VAL C 265 -31.33 1.84 -20.90
C VAL C 265 -32.00 2.79 -21.89
N ARG C 266 -32.56 2.22 -22.96
CA ARG C 266 -33.23 2.99 -23.99
C ARG C 266 -32.26 3.75 -24.88
N THR C 267 -32.47 5.06 -25.04
CA THR C 267 -31.63 5.90 -25.90
C THR C 267 -30.12 5.71 -25.81
N ALA C 268 -29.48 5.63 -26.97
CA ALA C 268 -28.04 5.45 -27.06
C ALA C 268 -27.58 6.16 -28.33
N PHE C 269 -26.56 6.99 -28.21
CA PHE C 269 -26.05 7.74 -29.36
C PHE C 269 -24.55 8.01 -29.29
N GLU C 270 -23.97 8.34 -30.44
CA GLU C 270 -22.55 8.65 -30.58
C GLU C 270 -22.33 9.51 -31.80
N VAL C 271 -21.40 10.46 -31.72
CA VAL C 271 -21.08 11.31 -32.85
C VAL C 271 -19.68 10.94 -33.27
N HIS C 272 -19.47 10.74 -34.56
CA HIS C 272 -18.15 10.35 -35.05
C HIS C 272 -17.60 11.31 -36.09
N HIS C 273 -16.29 11.27 -36.27
CA HIS C 273 -15.61 12.10 -37.26
C HIS C 273 -14.74 11.16 -38.08
N GLU C 274 -14.93 11.22 -39.39
CA GLU C 274 -14.20 10.36 -40.32
C GLU C 274 -12.68 10.51 -40.36
N GLU C 275 -12.18 11.74 -40.47
CA GLU C 275 -10.73 11.95 -40.53
C GLU C 275 -10.03 11.97 -39.16
N ILE C 276 -9.93 10.81 -38.51
CA ILE C 276 -9.24 10.71 -37.21
C ILE C 276 -8.56 9.35 -37.15
N GLY C 277 -9.24 8.33 -37.67
CA GLY C 277 -8.67 7.00 -37.67
C GLY C 277 -9.52 6.01 -36.90
N ALA C 278 -8.88 4.92 -36.47
CA ALA C 278 -9.53 3.85 -35.73
C ALA C 278 -10.47 4.33 -34.63
N GLN C 279 -10.08 5.39 -33.94
CA GLN C 279 -10.89 5.95 -32.87
C GLN C 279 -11.62 7.19 -33.39
N SER C 280 -12.73 6.96 -34.07
CA SER C 280 -13.51 8.05 -34.65
C SER C 280 -14.60 8.66 -33.76
N ALA C 281 -14.89 8.02 -32.63
CA ALA C 281 -15.94 8.52 -31.74
C ALA C 281 -15.57 9.80 -30.98
N LEU C 282 -16.15 10.92 -31.40
CA LEU C 282 -15.87 12.20 -30.73
C LEU C 282 -16.52 12.20 -29.35
N GLY C 283 -17.74 11.69 -29.29
CA GLY C 283 -18.45 11.64 -28.02
C GLY C 283 -19.59 10.65 -28.05
N GLY C 284 -20.13 10.35 -26.86
CA GLY C 284 -21.23 9.41 -26.78
C GLY C 284 -22.05 9.59 -25.51
N GLY C 285 -23.20 8.95 -25.48
CA GLY C 285 -24.07 9.05 -24.31
C GLY C 285 -25.35 8.26 -24.49
N GLY C 286 -26.28 8.45 -23.56
CA GLY C 286 -27.55 7.74 -23.62
C GLY C 286 -28.27 7.82 -22.29
N ARG C 287 -29.44 7.22 -22.23
CA ARG C 287 -30.24 7.22 -21.01
C ARG C 287 -29.71 6.13 -20.09
N TYR C 288 -29.90 6.28 -18.78
CA TYR C 288 -29.38 5.33 -17.83
C TYR C 288 -30.19 5.24 -16.55
N ASP C 289 -31.50 5.15 -16.70
CA ASP C 289 -32.39 5.05 -15.54
C ASP C 289 -32.01 3.79 -14.77
N GLY C 290 -32.14 3.84 -13.44
CA GLY C 290 -31.79 2.68 -12.65
C GLY C 290 -30.42 2.75 -12.01
N LEU C 291 -29.50 3.48 -12.65
CA LEU C 291 -28.15 3.63 -12.13
C LEU C 291 -28.19 4.12 -10.68
N SER C 292 -29.02 5.12 -10.40
CA SER C 292 -29.15 5.67 -9.07
C SER C 292 -29.47 4.57 -8.07
N GLU C 293 -30.35 3.65 -8.48
CA GLU C 293 -30.74 2.54 -7.62
C GLU C 293 -29.60 1.57 -7.40
N LEU C 294 -28.72 1.44 -8.40
CA LEU C 294 -27.56 0.57 -8.28
C LEU C 294 -26.64 1.10 -7.18
N LEU C 295 -26.65 2.42 -7.01
CA LEU C 295 -25.83 3.07 -5.98
C LEU C 295 -26.58 3.15 -4.66
N GLY C 296 -27.73 2.48 -4.60
CA GLY C 296 -28.53 2.45 -3.40
C GLY C 296 -29.44 3.64 -3.17
N GLY C 297 -30.00 4.19 -4.24
CA GLY C 297 -30.88 5.33 -4.10
C GLY C 297 -32.22 5.09 -4.78
N PRO C 298 -33.15 6.05 -4.70
CA PRO C 298 -34.47 5.92 -5.31
C PRO C 298 -34.30 5.91 -6.84
N ARG C 299 -35.41 5.71 -7.55
CA ARG C 299 -35.34 5.71 -9.01
C ARG C 299 -35.20 7.15 -9.49
N VAL C 300 -34.15 7.39 -10.28
CA VAL C 300 -33.90 8.72 -10.82
C VAL C 300 -33.52 8.55 -12.29
N PRO C 301 -34.45 8.91 -13.19
CA PRO C 301 -34.19 8.80 -14.64
C PRO C 301 -33.13 9.82 -15.04
N GLY C 302 -32.39 9.55 -16.10
CA GLY C 302 -31.38 10.48 -16.54
C GLY C 302 -30.80 10.19 -17.90
N VAL C 303 -30.39 11.25 -18.60
CA VAL C 303 -29.77 11.16 -19.92
C VAL C 303 -28.57 12.10 -19.93
N GLY C 304 -27.64 11.88 -20.85
CA GLY C 304 -26.48 12.74 -20.92
C GLY C 304 -25.44 12.23 -21.88
N PHE C 305 -24.32 12.94 -21.99
CA PHE C 305 -23.26 12.55 -22.89
C PHE C 305 -21.92 13.03 -22.36
N ALA C 306 -20.87 12.73 -23.11
CA ALA C 306 -19.51 13.14 -22.77
C ALA C 306 -18.63 12.97 -24.00
N PHE C 307 -17.85 13.99 -24.33
CA PHE C 307 -16.97 13.91 -25.49
C PHE C 307 -15.52 14.15 -25.12
N GLY C 308 -14.62 13.42 -25.77
CA GLY C 308 -13.20 13.55 -25.52
C GLY C 308 -12.60 14.79 -26.15
N VAL C 309 -12.14 15.70 -25.31
CA VAL C 309 -11.55 16.94 -25.76
C VAL C 309 -10.38 16.71 -26.71
N GLU C 310 -9.61 15.66 -26.45
CA GLU C 310 -8.47 15.32 -27.30
C GLU C 310 -8.96 14.94 -28.69
N ARG C 311 -9.95 14.06 -28.74
CA ARG C 311 -10.54 13.59 -30.01
C ARG C 311 -11.05 14.81 -30.78
N VAL C 312 -11.78 15.68 -30.08
CA VAL C 312 -12.33 16.89 -30.68
C VAL C 312 -11.21 17.75 -31.25
N ALA C 313 -10.10 17.82 -30.52
CA ALA C 313 -8.95 18.61 -30.96
C ALA C 313 -8.42 18.05 -32.29
N LEU C 314 -8.32 16.73 -32.36
CA LEU C 314 -7.83 16.06 -33.57
C LEU C 314 -8.76 16.36 -34.74
N ALA C 315 -10.07 16.30 -34.47
CA ALA C 315 -11.08 16.57 -35.47
C ALA C 315 -10.90 17.99 -36.01
N LEU C 316 -10.79 18.96 -35.11
CA LEU C 316 -10.61 20.35 -35.50
C LEU C 316 -9.37 20.50 -36.39
N GLU C 317 -8.27 19.89 -35.95
CA GLU C 317 -7.02 19.93 -36.68
C GLU C 317 -7.21 19.31 -38.07
N ALA C 318 -7.90 18.18 -38.12
CA ALA C 318 -8.17 17.49 -39.37
C ALA C 318 -8.91 18.40 -40.33
N GLU C 319 -9.89 19.15 -39.81
CA GLU C 319 -10.65 20.07 -40.64
C GLU C 319 -9.95 21.40 -40.90
N GLY C 320 -8.64 21.43 -40.68
CA GLY C 320 -7.87 22.64 -40.94
C GLY C 320 -8.05 23.81 -39.99
N PHE C 321 -8.48 23.54 -38.76
CA PHE C 321 -8.65 24.60 -37.78
C PHE C 321 -7.37 24.77 -36.97
N GLY C 322 -6.78 25.96 -37.06
CA GLY C 322 -5.55 26.21 -36.34
C GLY C 322 -5.73 27.25 -35.27
N LEU C 323 -4.63 27.55 -34.60
CA LEU C 323 -4.62 28.54 -33.53
C LEU C 323 -3.61 29.60 -33.96
N PRO C 324 -3.88 30.85 -33.61
CA PRO C 324 -2.98 31.94 -33.97
C PRO C 324 -1.85 32.13 -33.05
N GLU C 325 -1.51 33.40 -33.09
CA GLU C 325 -0.39 33.76 -32.34
C GLU C 325 -0.57 34.22 -30.93
N GLU C 326 0.20 33.54 -30.09
CA GLU C 326 0.26 33.81 -28.68
C GLU C 326 0.74 35.25 -28.55
N LYS C 327 -0.01 36.06 -27.81
CA LYS C 327 0.35 37.46 -27.60
C LYS C 327 1.67 37.59 -26.86
N GLY C 328 2.46 38.59 -27.25
CA GLY C 328 3.73 38.82 -26.58
C GLY C 328 3.56 39.90 -25.53
N PRO C 329 4.63 40.23 -24.79
CA PRO C 329 4.56 41.26 -23.74
C PRO C 329 4.36 42.66 -24.34
N ASP C 330 3.61 43.49 -23.62
CA ASP C 330 3.36 44.86 -24.07
C ASP C 330 4.67 45.62 -24.14
N LEU C 331 5.53 45.35 -23.17
CA LEU C 331 6.83 45.99 -23.08
C LEU C 331 7.88 45.00 -22.61
N TYR C 332 9.05 45.05 -23.26
CA TYR C 332 10.18 44.20 -22.90
C TYR C 332 11.34 45.13 -22.58
N LEU C 333 11.69 45.23 -21.31
CA LEU C 333 12.79 46.09 -20.87
C LEU C 333 14.13 45.40 -21.02
N ILE C 334 15.06 46.10 -21.66
CA ILE C 334 16.41 45.61 -21.90
C ILE C 334 17.42 46.49 -21.15
N PRO C 335 18.12 45.91 -20.17
CA PRO C 335 19.13 46.63 -19.37
C PRO C 335 20.44 46.75 -20.15
N LEU C 336 21.01 47.95 -20.14
CA LEU C 336 22.26 48.19 -20.84
C LEU C 336 23.45 48.17 -19.87
N THR C 337 23.15 48.19 -18.58
CA THR C 337 24.18 48.15 -17.54
C THR C 337 23.70 47.17 -16.46
N GLU C 338 24.63 46.65 -15.65
CA GLU C 338 24.27 45.71 -14.59
C GLU C 338 23.32 46.34 -13.56
N GLU C 339 23.53 47.61 -13.27
CA GLU C 339 22.68 48.32 -12.32
C GLU C 339 21.26 48.48 -12.88
N ALA C 340 21.15 48.40 -14.20
CA ALA C 340 19.85 48.55 -14.87
C ALA C 340 18.93 47.35 -14.73
N VAL C 341 19.50 46.14 -14.70
CA VAL C 341 18.68 44.93 -14.59
C VAL C 341 17.69 45.00 -13.43
N ALA C 342 18.18 45.33 -12.24
CA ALA C 342 17.30 45.42 -11.08
C ALA C 342 16.28 46.52 -11.28
N GLU C 343 16.69 47.62 -11.92
CA GLU C 343 15.79 48.73 -12.15
C GLU C 343 14.70 48.37 -13.15
N ALA C 344 15.04 47.51 -14.11
CA ALA C 344 14.09 47.06 -15.11
C ALA C 344 13.00 46.28 -14.39
N PHE C 345 13.42 45.41 -13.47
CA PHE C 345 12.50 44.60 -12.67
C PHE C 345 11.54 45.51 -11.90
N TYR C 346 12.09 46.52 -11.23
CA TYR C 346 11.28 47.45 -10.45
C TYR C 346 10.27 48.16 -11.34
N LEU C 347 10.71 48.61 -12.50
CA LEU C 347 9.83 49.29 -13.43
C LEU C 347 8.71 48.35 -13.88
N ALA C 348 9.08 47.13 -14.25
CA ALA C 348 8.12 46.12 -14.69
C ALA C 348 7.04 45.91 -13.64
N GLU C 349 7.45 45.71 -12.39
CA GLU C 349 6.51 45.50 -11.30
C GLU C 349 5.55 46.65 -11.11
N ALA C 350 5.99 47.85 -11.44
CA ALA C 350 5.15 49.04 -11.30
C ALA C 350 4.08 49.07 -12.38
N LEU C 351 4.40 48.48 -13.54
CA LEU C 351 3.49 48.43 -14.68
C LEU C 351 2.46 47.30 -14.55
N ARG C 352 2.86 46.22 -13.86
CA ARG C 352 2.00 45.07 -13.64
C ARG C 352 0.92 45.35 -12.59
N PRO C 353 -0.23 44.65 -12.67
CA PRO C 353 -0.59 43.63 -13.67
C PRO C 353 -1.39 44.19 -14.85
N ARG C 354 -1.74 45.47 -14.77
CA ARG C 354 -2.52 46.13 -15.82
C ARG C 354 -1.82 46.13 -17.17
N LEU C 355 -0.50 45.98 -17.14
CA LEU C 355 0.31 45.97 -18.34
C LEU C 355 1.26 44.79 -18.22
N ARG C 356 1.45 44.05 -19.32
CA ARG C 356 2.34 42.90 -19.30
C ARG C 356 3.76 43.37 -19.61
N ALA C 357 4.59 43.45 -18.57
CA ALA C 357 5.96 43.88 -18.70
C ALA C 357 6.99 42.81 -18.34
N GLU C 358 7.85 42.50 -19.29
CA GLU C 358 8.91 41.52 -19.10
C GLU C 358 10.25 42.22 -19.22
N TYR C 359 11.34 41.55 -18.85
CA TYR C 359 12.67 42.13 -18.89
C TYR C 359 13.77 41.07 -18.96
N ALA C 360 14.96 41.49 -19.36
CA ALA C 360 16.11 40.58 -19.44
C ALA C 360 16.82 40.58 -18.08
N LEU C 361 17.43 39.46 -17.72
CA LEU C 361 18.14 39.37 -16.43
C LEU C 361 19.64 39.63 -16.52
N ALA C 362 20.07 40.22 -17.63
CA ALA C 362 21.48 40.52 -17.85
C ALA C 362 21.60 41.66 -18.84
N PRO C 363 22.66 42.47 -18.72
CA PRO C 363 22.89 43.61 -19.61
C PRO C 363 23.26 43.09 -21.00
N ARG C 364 22.90 43.83 -22.04
CA ARG C 364 23.21 43.44 -23.41
C ARG C 364 23.18 44.64 -24.33
N LYS C 365 23.78 44.48 -25.50
CA LYS C 365 23.83 45.54 -26.49
C LYS C 365 22.42 45.83 -27.01
N PRO C 366 22.13 47.10 -27.34
CA PRO C 366 20.81 47.51 -27.84
C PRO C 366 20.26 46.58 -28.93
N ALA C 367 21.03 46.34 -29.98
CA ALA C 367 20.62 45.48 -31.08
C ALA C 367 20.19 44.08 -30.62
N LYS C 368 20.96 43.50 -29.71
CA LYS C 368 20.69 42.16 -29.19
C LYS C 368 19.39 42.12 -28.40
N GLY C 369 19.23 43.09 -27.50
CA GLY C 369 18.02 43.15 -26.69
C GLY C 369 16.80 43.40 -27.56
N LEU C 370 16.99 44.15 -28.64
CA LEU C 370 15.91 44.45 -29.56
C LEU C 370 15.49 43.17 -30.26
N GLU C 371 16.45 42.35 -30.68
CA GLU C 371 16.11 41.09 -31.34
C GLU C 371 15.31 40.20 -30.40
N GLU C 372 15.68 40.18 -29.12
CA GLU C 372 14.96 39.36 -28.14
C GLU C 372 13.54 39.87 -27.94
N ALA C 373 13.37 41.18 -27.98
CA ALA C 373 12.06 41.80 -27.82
C ALA C 373 11.20 41.34 -29.00
N LEU C 374 11.80 41.31 -30.19
CA LEU C 374 11.12 40.88 -31.40
C LEU C 374 10.75 39.41 -31.33
N LYS C 375 11.70 38.56 -30.93
CA LYS C 375 11.44 37.14 -30.83
C LYS C 375 10.27 36.92 -29.86
N ARG C 376 10.24 37.67 -28.77
CA ARG C 376 9.16 37.54 -27.77
C ARG C 376 7.83 38.15 -28.22
N GLY C 377 7.82 38.77 -29.39
CA GLY C 377 6.62 39.38 -29.91
C GLY C 377 6.16 40.56 -29.06
N ALA C 378 7.12 41.28 -28.47
CA ALA C 378 6.81 42.42 -27.64
C ALA C 378 6.33 43.57 -28.51
N ALA C 379 5.38 44.34 -28.00
CA ALA C 379 4.87 45.50 -28.74
C ALA C 379 5.90 46.63 -28.66
N PHE C 380 6.34 46.93 -27.45
CA PHE C 380 7.31 47.98 -27.21
C PHE C 380 8.58 47.44 -26.59
N ALA C 381 9.70 48.01 -27.00
CA ALA C 381 11.01 47.65 -26.46
C ALA C 381 11.36 48.84 -25.58
N GLY C 382 11.92 48.58 -24.39
CA GLY C 382 12.30 49.66 -23.50
C GLY C 382 13.77 49.58 -23.11
N PHE C 383 14.51 50.67 -23.34
CA PHE C 383 15.94 50.70 -23.03
C PHE C 383 16.25 51.37 -21.71
N LEU C 384 17.09 50.71 -20.92
CA LEU C 384 17.51 51.26 -19.63
C LEU C 384 19.02 51.27 -19.53
N GLY C 385 19.60 52.40 -19.93
CA GLY C 385 21.03 52.59 -19.88
C GLY C 385 21.36 53.65 -18.85
N GLU C 386 22.62 54.02 -18.77
CA GLU C 386 23.11 55.01 -17.82
C GLU C 386 22.34 56.34 -17.87
N ASP C 387 22.14 56.87 -19.06
CA ASP C 387 21.44 58.15 -19.24
C ASP C 387 20.05 58.17 -18.64
N GLU C 388 19.20 57.24 -19.06
CA GLU C 388 17.83 57.17 -18.55
C GLU C 388 17.77 56.86 -17.06
N LEU C 389 18.69 56.03 -16.57
CA LEU C 389 18.71 55.68 -15.16
C LEU C 389 18.88 56.94 -14.31
N ARG C 390 19.87 57.74 -14.67
CA ARG C 390 20.14 58.98 -13.94
C ARG C 390 19.04 60.02 -14.18
N ALA C 391 18.45 60.01 -15.37
CA ALA C 391 17.40 60.96 -15.71
C ALA C 391 16.00 60.54 -15.25
N GLY C 392 15.85 59.32 -14.74
CA GLY C 392 14.56 58.84 -14.28
C GLY C 392 13.59 58.69 -15.44
N GLU C 393 14.14 58.40 -16.61
CA GLU C 393 13.34 58.26 -17.83
C GLU C 393 13.57 56.86 -18.39
N VAL C 394 12.93 56.57 -19.51
CA VAL C 394 13.05 55.28 -20.20
C VAL C 394 12.91 55.56 -21.68
N THR C 395 13.65 54.80 -22.50
CA THR C 395 13.57 54.96 -23.94
C THR C 395 12.70 53.85 -24.52
N LEU C 396 11.47 54.20 -24.91
CA LEU C 396 10.54 53.24 -25.49
C LEU C 396 10.65 53.25 -27.00
N LYS C 397 10.36 52.11 -27.62
CA LYS C 397 10.45 52.00 -29.07
C LYS C 397 9.43 51.00 -29.56
N ARG C 398 8.43 51.46 -30.30
CA ARG C 398 7.43 50.54 -30.84
C ARG C 398 8.14 49.74 -31.92
N LEU C 399 8.22 48.43 -31.71
CA LEU C 399 8.90 47.54 -32.65
C LEU C 399 8.29 47.53 -34.04
N ALA C 400 7.03 47.98 -34.12
CA ALA C 400 6.29 48.03 -35.37
C ALA C 400 6.65 49.23 -36.25
N THR C 401 6.38 50.43 -35.74
CA THR C 401 6.65 51.66 -36.49
C THR C 401 8.12 52.12 -36.42
N GLY C 402 8.83 51.67 -35.38
CA GLY C 402 10.21 52.05 -35.20
C GLY C 402 10.30 53.36 -34.44
N GLU C 403 9.12 53.91 -34.11
CA GLU C 403 9.00 55.16 -33.40
C GLU C 403 9.57 55.05 -31.99
N GLN C 404 10.58 55.87 -31.72
CA GLN C 404 11.24 55.88 -30.42
C GLN C 404 10.86 57.13 -29.63
N VAL C 405 10.61 56.94 -28.34
CA VAL C 405 10.21 58.03 -27.46
C VAL C 405 10.98 57.94 -26.15
N ARG C 406 11.38 59.09 -25.62
CA ARG C 406 12.10 59.19 -24.35
C ARG C 406 11.14 59.91 -23.39
N LEU C 407 10.76 59.25 -22.30
CA LEU C 407 9.85 59.87 -21.35
C LEU C 407 10.11 59.42 -19.91
N SER C 408 9.61 60.18 -18.96
CA SER C 408 9.80 59.87 -17.54
C SER C 408 9.04 58.61 -17.16
N ARG C 409 9.58 57.87 -16.20
CA ARG C 409 8.98 56.64 -15.72
C ARG C 409 7.47 56.75 -15.44
N GLU C 410 7.05 57.87 -14.86
CA GLU C 410 5.63 58.09 -14.52
C GLU C 410 4.67 58.13 -15.71
N GLU C 411 5.16 58.56 -16.87
CA GLU C 411 4.32 58.65 -18.06
C GLU C 411 4.21 57.33 -18.81
N VAL C 412 5.26 56.52 -18.73
CA VAL C 412 5.30 55.23 -19.40
C VAL C 412 3.98 54.45 -19.36
N PRO C 413 3.39 54.25 -18.16
CA PRO C 413 2.12 53.51 -18.09
C PRO C 413 1.05 54.13 -18.98
N GLY C 414 0.88 55.44 -18.85
CA GLY C 414 -0.12 56.14 -19.65
C GLY C 414 0.14 56.05 -21.14
N TYR C 415 1.37 56.33 -21.55
CA TYR C 415 1.75 56.28 -22.95
C TYR C 415 1.46 54.91 -23.56
N LEU C 416 1.93 53.86 -22.89
CA LEU C 416 1.72 52.50 -23.37
C LEU C 416 0.24 52.13 -23.50
N LEU C 417 -0.54 52.45 -22.47
CA LEU C 417 -1.97 52.15 -22.47
C LEU C 417 -2.76 52.79 -23.59
N GLN C 418 -2.56 54.09 -23.81
CA GLN C 418 -3.29 54.78 -24.87
C GLN C 418 -2.81 54.35 -26.26
N ALA C 419 -1.57 53.88 -26.35
CA ALA C 419 -1.01 53.44 -27.62
C ALA C 419 -1.29 51.98 -27.95
N LEU C 420 -1.88 51.25 -27.02
CA LEU C 420 -2.18 49.83 -27.24
C LEU C 420 -3.60 49.43 -26.88
N GLY C 421 -4.34 50.33 -26.23
CA GLY C 421 -5.71 50.04 -25.84
C GLY C 421 -6.73 50.70 -26.75
N THR D 2 -26.12 4.95 -1.14
CA THR D 2 -25.16 4.53 -0.08
C THR D 2 -23.89 5.38 -0.09
N ALA D 3 -23.13 5.28 -1.18
CA ALA D 3 -21.87 6.00 -1.34
C ALA D 3 -21.96 7.51 -1.16
N ARG D 4 -20.87 8.08 -0.64
CA ARG D 4 -20.75 9.51 -0.39
C ARG D 4 -19.40 9.94 -0.95
N ALA D 5 -19.18 11.25 -1.00
CA ALA D 5 -17.91 11.77 -1.48
C ALA D 5 -16.94 11.44 -0.35
N VAL D 6 -15.87 10.74 -0.69
CA VAL D 6 -14.86 10.34 0.29
C VAL D 6 -14.42 11.50 1.19
N ARG D 7 -14.35 11.24 2.49
CA ARG D 7 -13.97 12.26 3.46
C ARG D 7 -12.69 12.95 3.05
N GLY D 8 -12.73 14.28 3.02
CA GLY D 8 -11.57 15.05 2.63
C GLY D 8 -11.73 15.67 1.26
N THR D 9 -12.73 15.19 0.53
CA THR D 9 -13.02 15.69 -0.82
C THR D 9 -14.47 16.14 -0.81
N LYS D 10 -14.86 16.92 -1.82
CA LYS D 10 -16.24 17.39 -1.92
C LYS D 10 -16.56 17.90 -3.31
N ASP D 11 -17.85 17.98 -3.61
CA ASP D 11 -18.30 18.45 -4.90
C ASP D 11 -18.31 19.97 -4.94
N LEU D 12 -17.70 20.52 -5.99
CA LEU D 12 -17.63 21.95 -6.14
C LEU D 12 -18.68 22.47 -7.10
N PHE D 13 -19.57 23.32 -6.58
CA PHE D 13 -20.62 23.91 -7.38
C PHE D 13 -21.14 25.16 -6.70
N GLY D 14 -21.91 25.94 -7.45
CA GLY D 14 -22.47 27.17 -6.91
C GLY D 14 -21.42 28.22 -6.59
N LYS D 15 -21.72 29.04 -5.59
CA LYS D 15 -20.83 30.11 -5.16
C LYS D 15 -19.42 29.65 -4.83
N GLU D 16 -19.30 28.55 -4.10
CA GLU D 16 -18.00 28.02 -3.74
C GLU D 16 -17.15 27.78 -4.98
N LEU D 17 -17.74 27.16 -5.99
CA LEU D 17 -17.03 26.86 -7.24
C LEU D 17 -16.63 28.17 -7.93
N ARG D 18 -17.54 29.11 -7.99
CA ARG D 18 -17.29 30.40 -8.62
C ARG D 18 -16.12 31.17 -7.97
N MET D 19 -16.05 31.13 -6.64
CA MET D 19 -14.99 31.81 -5.91
C MET D 19 -13.65 31.24 -6.35
N HIS D 20 -13.59 29.91 -6.45
CA HIS D 20 -12.37 29.23 -6.87
C HIS D 20 -11.96 29.72 -8.24
N GLN D 21 -12.94 29.87 -9.11
CA GLN D 21 -12.70 30.33 -10.47
C GLN D 21 -12.18 31.76 -10.49
N ARG D 22 -12.68 32.59 -9.57
CA ARG D 22 -12.24 33.98 -9.48
C ARG D 22 -10.80 34.03 -9.01
N ILE D 23 -10.50 33.25 -7.99
CA ILE D 23 -9.16 33.17 -7.44
C ILE D 23 -8.16 32.78 -8.53
N VAL D 24 -8.45 31.69 -9.25
CA VAL D 24 -7.55 31.25 -10.31
C VAL D 24 -7.50 32.27 -11.44
N ALA D 25 -8.61 32.94 -11.70
CA ALA D 25 -8.66 33.95 -12.76
C ALA D 25 -7.66 35.07 -12.49
N THR D 26 -7.69 35.59 -11.26
CA THR D 26 -6.79 36.66 -10.84
C THR D 26 -5.33 36.23 -10.88
N ALA D 27 -5.05 35.05 -10.31
CA ALA D 27 -3.70 34.52 -10.30
C ALA D 27 -3.16 34.41 -11.73
N ARG D 28 -4.02 33.99 -12.66
CA ARG D 28 -3.65 33.87 -14.07
C ARG D 28 -3.19 35.20 -14.63
N LYS D 29 -3.90 36.27 -14.27
CA LYS D 29 -3.57 37.60 -14.74
C LYS D 29 -2.21 38.09 -14.26
N VAL D 30 -2.03 38.15 -12.94
CA VAL D 30 -0.77 38.63 -12.39
C VAL D 30 0.43 37.80 -12.82
N LEU D 31 0.30 36.48 -12.75
CA LEU D 31 1.38 35.58 -13.13
C LEU D 31 1.77 35.71 -14.59
N GLU D 32 0.79 35.71 -15.48
CA GLU D 32 1.10 35.82 -16.91
C GLU D 32 1.62 37.20 -17.28
N ALA D 33 1.26 38.20 -16.47
CA ALA D 33 1.73 39.57 -16.70
C ALA D 33 3.25 39.58 -16.47
N ALA D 34 3.72 38.67 -15.62
CA ALA D 34 5.13 38.54 -15.30
C ALA D 34 5.85 37.69 -16.32
N GLY D 35 5.12 37.20 -17.32
CA GLY D 35 5.70 36.37 -18.35
C GLY D 35 5.63 34.87 -18.09
N ALA D 36 4.78 34.47 -17.16
CA ALA D 36 4.64 33.05 -16.83
C ALA D 36 3.81 32.33 -17.90
N LEU D 37 4.25 31.13 -18.24
CA LEU D 37 3.57 30.29 -19.23
C LEU D 37 2.79 29.19 -18.51
N GLU D 38 1.57 28.92 -18.95
CA GLU D 38 0.76 27.87 -18.32
C GLU D 38 1.27 26.50 -18.77
N LEU D 39 1.48 25.61 -17.81
CA LEU D 39 1.96 24.25 -18.06
C LEU D 39 1.23 23.36 -17.08
N VAL D 40 0.48 22.37 -17.58
CA VAL D 40 -0.26 21.45 -16.71
C VAL D 40 0.32 20.05 -16.76
N THR D 41 0.74 19.55 -15.61
CA THR D 41 1.31 18.22 -15.51
C THR D 41 0.24 17.20 -15.16
N PRO D 42 0.49 15.91 -15.44
CA PRO D 42 -0.44 14.81 -15.15
C PRO D 42 -0.77 14.72 -13.67
N ILE D 43 -1.93 14.13 -13.37
CA ILE D 43 -2.39 13.94 -11.99
C ILE D 43 -1.45 13.04 -11.19
N PHE D 44 -0.74 12.16 -11.89
CA PHE D 44 0.21 11.26 -11.22
C PHE D 44 1.53 11.15 -11.97
N GLU D 45 2.59 10.87 -11.21
CA GLU D 45 3.94 10.75 -11.76
C GLU D 45 4.51 9.45 -11.21
N GLU D 46 5.66 9.02 -11.72
CA GLU D 46 6.31 7.82 -11.22
C GLU D 46 6.62 8.14 -9.76
N THR D 47 6.26 7.25 -8.85
CA THR D 47 6.47 7.46 -7.42
C THR D 47 7.83 8.07 -7.06
N GLN D 48 8.88 7.73 -7.80
CA GLN D 48 10.21 8.25 -7.52
C GLN D 48 10.31 9.77 -7.58
N VAL D 49 9.64 10.38 -8.56
CA VAL D 49 9.66 11.84 -8.75
C VAL D 49 9.36 12.54 -7.42
N PHE D 50 8.47 11.98 -6.63
CA PHE D 50 8.11 12.58 -5.35
C PHE D 50 9.00 12.11 -4.20
N GLU D 51 9.43 10.86 -4.24
CA GLU D 51 10.29 10.31 -3.20
C GLU D 51 11.62 11.07 -3.17
N LYS D 52 12.31 11.05 -4.30
CA LYS D 52 13.60 11.70 -4.45
C LYS D 52 13.47 13.22 -4.36
N GLY D 53 12.47 13.76 -5.04
CA GLY D 53 12.26 15.20 -5.05
C GLY D 53 11.90 15.83 -3.71
N VAL D 54 10.76 15.43 -3.16
CA VAL D 54 10.27 15.97 -1.89
C VAL D 54 11.18 15.56 -0.72
N GLY D 55 11.93 14.48 -0.92
CA GLY D 55 12.83 14.01 0.11
C GLY D 55 12.25 12.86 0.93
N ALA D 56 12.93 11.72 0.87
CA ALA D 56 12.52 10.51 1.59
C ALA D 56 12.32 10.62 3.11
N ALA D 57 12.63 11.78 3.68
CA ALA D 57 12.49 11.96 5.12
C ALA D 57 11.24 12.75 5.52
N THR D 58 10.59 13.38 4.54
CA THR D 58 9.40 14.19 4.82
C THR D 58 8.14 13.39 5.10
N ASP D 59 7.23 13.98 5.87
CA ASP D 59 5.96 13.35 6.21
C ASP D 59 5.19 13.00 4.96
N ILE D 60 5.19 13.92 4.00
CA ILE D 60 4.50 13.75 2.74
C ILE D 60 4.89 12.42 2.11
N VAL D 61 6.19 12.25 1.83
CA VAL D 61 6.70 11.04 1.21
C VAL D 61 6.53 9.80 2.09
N ARG D 62 6.86 9.93 3.37
CA ARG D 62 6.77 8.82 4.30
C ARG D 62 5.40 8.26 4.64
N LYS D 63 4.36 9.09 4.63
CA LYS D 63 3.03 8.60 5.00
C LYS D 63 1.81 9.37 4.50
N GLU D 64 1.99 10.23 3.52
CA GLU D 64 0.86 11.02 3.02
C GLU D 64 0.72 10.98 1.50
N MET D 65 1.29 9.98 0.86
CA MET D 65 1.19 9.90 -0.59
C MET D 65 0.26 8.80 -1.09
N PHE D 66 -0.73 9.18 -1.90
CA PHE D 66 -1.65 8.21 -2.47
C PHE D 66 -0.91 7.53 -3.60
N THR D 67 -0.22 6.44 -3.28
CA THR D 67 0.56 5.72 -4.27
C THR D 67 -0.08 4.36 -4.56
N PHE D 68 0.00 3.96 -5.81
CA PHE D 68 -0.58 2.69 -6.26
C PHE D 68 0.24 2.08 -7.39
N GLN D 69 -0.15 0.87 -7.76
CA GLN D 69 0.52 0.13 -8.82
C GLN D 69 -0.26 0.24 -10.13
N ASP D 70 0.49 0.34 -11.21
CA ASP D 70 -0.07 0.44 -12.56
C ASP D 70 -0.29 -0.97 -13.12
N ARG D 71 -1.23 -1.10 -14.05
CA ARG D 71 -1.51 -2.38 -14.68
C ARG D 71 -0.34 -2.68 -15.62
N GLY D 72 0.80 -2.99 -15.00
CA GLY D 72 2.01 -3.26 -15.74
C GLY D 72 3.19 -3.37 -14.79
N GLY D 73 2.97 -2.99 -13.53
CA GLY D 73 4.04 -3.07 -12.55
C GLY D 73 4.48 -1.73 -11.98
N ARG D 74 4.59 -0.72 -12.84
CA ARG D 74 5.02 0.62 -12.44
C ARG D 74 4.30 1.22 -11.22
N SER D 75 5.08 1.75 -10.29
CA SER D 75 4.53 2.37 -9.10
C SER D 75 4.31 3.85 -9.42
N LEU D 76 3.07 4.30 -9.27
CA LEU D 76 2.67 5.68 -9.55
C LEU D 76 2.11 6.34 -8.30
N THR D 77 2.17 7.66 -8.23
CA THR D 77 1.67 8.37 -7.08
C THR D 77 0.88 9.63 -7.45
N LEU D 78 -0.23 9.82 -6.77
CA LEU D 78 -1.10 10.97 -6.98
C LEU D 78 -0.34 12.20 -6.50
N ARG D 79 -0.08 13.10 -7.43
CA ARG D 79 0.63 14.35 -7.17
C ARG D 79 0.21 15.07 -5.88
N PRO D 80 1.13 15.15 -4.90
CA PRO D 80 0.88 15.81 -3.61
C PRO D 80 1.34 17.28 -3.63
N GLU D 81 2.18 17.62 -4.60
CA GLU D 81 2.74 18.97 -4.74
C GLU D 81 3.25 19.15 -6.17
N GLY D 82 3.32 20.38 -6.65
CA GLY D 82 3.73 20.62 -8.03
C GLY D 82 5.16 20.83 -8.47
N THR D 83 5.97 21.48 -7.65
CA THR D 83 7.35 21.78 -7.99
C THR D 83 8.17 20.66 -8.65
N ALA D 84 8.28 19.53 -7.94
CA ALA D 84 9.03 18.40 -8.44
C ALA D 84 8.58 18.08 -9.88
N ALA D 85 7.27 18.09 -10.08
CA ALA D 85 6.69 17.80 -11.40
C ALA D 85 7.13 18.84 -12.42
N MET D 86 7.01 20.11 -12.04
CA MET D 86 7.40 21.21 -12.92
C MET D 86 8.86 21.06 -13.35
N VAL D 87 9.71 20.65 -12.42
CA VAL D 87 11.13 20.45 -12.71
C VAL D 87 11.30 19.24 -13.63
N ARG D 88 10.51 18.20 -13.38
CA ARG D 88 10.54 16.97 -14.18
C ARG D 88 10.20 17.36 -15.62
N ALA D 89 9.19 18.21 -15.76
CA ALA D 89 8.73 18.67 -17.07
C ALA D 89 9.83 19.50 -17.73
N TYR D 90 10.43 20.40 -16.96
CA TYR D 90 11.49 21.27 -17.44
C TYR D 90 12.59 20.41 -18.07
N LEU D 91 13.01 19.38 -17.35
CA LEU D 91 14.04 18.47 -17.82
C LEU D 91 13.60 17.73 -19.09
N GLU D 92 12.45 17.08 -19.01
CA GLU D 92 11.91 16.29 -20.11
C GLU D 92 11.80 17.05 -21.43
N HIS D 93 11.24 18.25 -21.37
CA HIS D 93 11.07 19.04 -22.58
C HIS D 93 12.29 19.84 -23.00
N GLY D 94 13.40 19.60 -22.33
CA GLY D 94 14.63 20.31 -22.64
C GLY D 94 14.42 21.81 -22.61
N MET D 95 13.56 22.27 -21.70
CA MET D 95 13.25 23.69 -21.55
C MET D 95 14.50 24.49 -21.23
N LYS D 96 15.58 23.80 -20.88
CA LYS D 96 16.86 24.42 -20.57
C LYS D 96 17.45 25.18 -21.75
N VAL D 97 16.95 24.90 -22.95
CA VAL D 97 17.45 25.57 -24.15
C VAL D 97 16.64 26.82 -24.48
N TRP D 98 15.52 26.99 -23.79
CA TRP D 98 14.65 28.15 -23.99
C TRP D 98 15.27 29.37 -23.34
N PRO D 99 14.82 30.58 -23.70
CA PRO D 99 15.42 31.75 -23.05
C PRO D 99 15.12 31.71 -21.55
N GLN D 100 16.18 31.81 -20.75
CA GLN D 100 16.06 31.78 -19.30
C GLN D 100 15.81 33.17 -18.72
N PRO D 101 15.11 33.26 -17.58
CA PRO D 101 14.57 32.11 -16.84
C PRO D 101 13.23 31.65 -17.39
N VAL D 102 12.91 30.38 -17.18
CA VAL D 102 11.66 29.82 -17.66
C VAL D 102 10.62 29.86 -16.54
N ARG D 103 9.62 30.73 -16.69
CA ARG D 103 8.55 30.86 -15.70
C ARG D 103 7.33 30.00 -16.08
N LEU D 104 6.86 29.18 -15.15
CA LEU D 104 5.72 28.29 -15.41
C LEU D 104 4.66 28.41 -14.33
N TRP D 105 3.39 28.24 -14.70
CA TRP D 105 2.31 28.32 -13.74
C TRP D 105 1.15 27.41 -14.13
N MET D 106 0.32 27.07 -13.15
CA MET D 106 -0.85 26.22 -13.35
C MET D 106 -1.70 26.26 -12.08
N ALA D 107 -2.87 25.66 -12.16
CA ALA D 107 -3.80 25.58 -11.04
C ALA D 107 -4.46 24.22 -11.18
N GLY D 108 -4.46 23.43 -10.12
CA GLY D 108 -5.07 22.12 -10.19
C GLY D 108 -5.20 21.46 -8.84
N PRO D 109 -5.69 20.22 -8.82
CA PRO D 109 -5.86 19.50 -7.56
C PRO D 109 -4.58 18.80 -7.11
N MET D 110 -4.41 18.70 -5.80
CA MET D 110 -3.27 18.05 -5.19
C MET D 110 -3.87 17.06 -4.20
N PHE D 111 -3.20 15.93 -4.01
CA PHE D 111 -3.70 14.90 -3.11
C PHE D 111 -2.70 14.52 -2.03
N ARG D 112 -3.13 14.66 -0.78
CA ARG D 112 -2.31 14.32 0.36
C ARG D 112 -3.08 13.39 1.28
N ALA D 113 -2.55 12.19 1.50
CA ALA D 113 -3.17 11.19 2.36
C ALA D 113 -3.04 11.46 3.85
N GLU D 114 -3.58 12.58 4.32
CA GLU D 114 -3.49 12.90 5.74
C GLU D 114 -4.89 13.04 6.30
N ARG D 115 -5.01 12.79 7.61
CA ARG D 115 -6.30 12.86 8.29
C ARG D 115 -6.83 14.30 8.19
N PRO D 116 -8.00 14.48 7.56
CA PRO D 116 -8.59 15.80 7.39
C PRO D 116 -9.13 16.48 8.64
N GLN D 117 -9.10 17.80 8.58
CA GLN D 117 -9.59 18.66 9.64
C GLN D 117 -9.80 20.03 8.98
N LYS D 118 -10.17 21.06 9.74
CA LYS D 118 -10.41 22.36 9.10
C LYS D 118 -9.21 22.97 8.39
N GLY D 119 -9.25 22.94 7.06
CA GLY D 119 -8.18 23.50 6.26
C GLY D 119 -7.38 22.39 5.61
N ARG D 120 -7.36 21.22 6.22
CA ARG D 120 -6.61 20.09 5.66
C ARG D 120 -7.55 19.14 4.95
N TYR D 121 -7.56 19.22 3.62
CA TYR D 121 -8.39 18.35 2.79
C TYR D 121 -7.47 17.29 2.20
N ARG D 122 -8.06 16.18 1.78
CA ARG D 122 -7.26 15.12 1.16
C ARG D 122 -7.06 15.47 -0.30
N GLN D 123 -8.00 16.23 -0.85
CA GLN D 123 -7.90 16.72 -2.21
C GLN D 123 -8.16 18.21 -2.13
N PHE D 124 -7.14 18.99 -2.45
CA PHE D 124 -7.25 20.44 -2.43
C PHE D 124 -6.75 20.96 -3.76
N HIS D 125 -6.85 22.28 -3.96
CA HIS D 125 -6.41 22.88 -5.21
C HIS D 125 -5.48 24.06 -4.90
N GLN D 126 -4.41 24.18 -5.68
CA GLN D 126 -3.47 25.27 -5.46
C GLN D 126 -2.93 25.86 -6.76
N VAL D 127 -2.64 27.16 -6.72
CA VAL D 127 -2.07 27.86 -7.86
C VAL D 127 -0.55 27.74 -7.63
N ASN D 128 0.17 27.33 -8.66
CA ASN D 128 1.60 27.10 -8.53
C ASN D 128 2.42 27.91 -9.51
N TYR D 129 3.42 28.63 -9.00
CA TYR D 129 4.30 29.44 -9.82
C TYR D 129 5.75 28.96 -9.68
N GLU D 130 6.48 29.00 -10.79
CA GLU D 130 7.87 28.54 -10.83
C GLU D 130 8.75 29.43 -11.73
N ALA D 131 10.00 29.61 -11.32
CA ALA D 131 10.98 30.40 -12.08
C ALA D 131 12.24 29.56 -12.10
N LEU D 132 12.50 28.91 -13.23
CA LEU D 132 13.66 28.04 -13.37
C LEU D 132 14.78 28.53 -14.27
N GLY D 133 16.00 28.11 -13.95
CA GLY D 133 17.17 28.49 -14.74
C GLY D 133 18.10 29.58 -14.24
N SER D 134 17.86 30.12 -13.04
CA SER D 134 18.70 31.20 -12.53
C SER D 134 18.76 31.30 -11.01
N GLU D 135 19.93 31.70 -10.53
CA GLU D 135 20.20 31.84 -9.10
C GLU D 135 19.97 33.29 -8.63
N ASN D 136 19.85 34.21 -9.59
CA ASN D 136 19.64 35.63 -9.30
C ASN D 136 18.52 35.88 -8.30
N PRO D 137 18.86 36.46 -7.13
CA PRO D 137 17.92 36.78 -6.05
C PRO D 137 16.73 37.66 -6.43
N ILE D 138 16.75 38.24 -7.63
CA ILE D 138 15.63 39.07 -8.10
C ILE D 138 14.39 38.20 -8.26
N LEU D 139 14.59 37.00 -8.78
CA LEU D 139 13.50 36.05 -9.00
C LEU D 139 12.85 35.67 -7.68
N ASP D 140 13.67 35.58 -6.63
CA ASP D 140 13.20 35.23 -5.29
C ASP D 140 12.30 36.35 -4.78
N ALA D 141 12.73 37.58 -5.00
CA ALA D 141 11.94 38.73 -4.57
C ALA D 141 10.65 38.74 -5.39
N GLU D 142 10.78 38.55 -6.69
CA GLU D 142 9.65 38.51 -7.62
C GLU D 142 8.63 37.48 -7.18
N ALA D 143 9.11 36.29 -6.87
CA ALA D 143 8.25 35.20 -6.41
C ALA D 143 7.39 35.67 -5.23
N VAL D 144 8.05 36.26 -4.22
CA VAL D 144 7.35 36.75 -3.05
C VAL D 144 6.34 37.84 -3.42
N VAL D 145 6.75 38.75 -4.30
CA VAL D 145 5.87 39.83 -4.74
C VAL D 145 4.63 39.30 -5.48
N LEU D 146 4.85 38.35 -6.38
CA LEU D 146 3.76 37.75 -7.15
C LEU D 146 2.74 37.11 -6.22
N LEU D 147 3.19 36.28 -5.29
CA LEU D 147 2.29 35.64 -4.35
C LEU D 147 1.52 36.72 -3.57
N TYR D 148 2.25 37.71 -3.10
CA TYR D 148 1.67 38.82 -2.35
C TYR D 148 0.60 39.51 -3.19
N GLU D 149 0.93 39.78 -4.46
CA GLU D 149 0.00 40.43 -5.38
C GLU D 149 -1.27 39.64 -5.68
N CYS D 150 -1.14 38.33 -5.90
CA CYS D 150 -2.29 37.50 -6.19
C CYS D 150 -3.35 37.65 -5.09
N LEU D 151 -2.90 37.62 -3.85
CA LEU D 151 -3.79 37.74 -2.71
C LEU D 151 -4.26 39.18 -2.53
N LYS D 152 -3.38 40.13 -2.85
CA LYS D 152 -3.69 41.56 -2.73
C LYS D 152 -4.78 41.95 -3.72
N GLU D 153 -4.62 41.54 -4.97
CA GLU D 153 -5.57 41.83 -6.04
C GLU D 153 -6.96 41.31 -5.72
N LEU D 154 -7.03 40.19 -5.00
CA LEU D 154 -8.31 39.59 -4.63
C LEU D 154 -9.07 40.47 -3.63
N GLY D 155 -8.38 41.47 -3.08
CA GLY D 155 -9.02 42.37 -2.13
C GLY D 155 -8.56 42.13 -0.70
N LEU D 156 -7.79 41.07 -0.50
CA LEU D 156 -7.28 40.75 0.84
C LEU D 156 -6.36 41.85 1.32
N ARG D 157 -6.52 42.23 2.58
CA ARG D 157 -5.71 43.29 3.16
C ARG D 157 -4.90 42.81 4.36
N ARG D 158 -5.51 41.98 5.20
CA ARG D 158 -4.83 41.47 6.39
C ARG D 158 -3.95 40.24 6.19
N LEU D 159 -2.84 40.43 5.46
CA LEU D 159 -1.89 39.34 5.20
C LEU D 159 -0.62 39.54 6.05
N LYS D 160 0.09 38.45 6.29
CA LYS D 160 1.33 38.50 7.07
C LYS D 160 2.43 37.72 6.35
N VAL D 161 3.28 38.44 5.63
CA VAL D 161 4.37 37.82 4.89
C VAL D 161 5.52 37.47 5.83
N LYS D 162 6.08 36.28 5.68
CA LYS D 162 7.18 35.80 6.51
C LYS D 162 8.34 35.29 5.66
N LEU D 163 9.50 35.96 5.77
CA LEU D 163 10.68 35.59 5.00
C LEU D 163 11.76 34.98 5.88
N SER D 164 12.62 34.17 5.28
CA SER D 164 13.70 33.52 5.99
C SER D 164 14.58 32.79 4.98
N SER D 165 15.49 31.95 5.48
CA SER D 165 16.39 31.18 4.63
C SER D 165 16.87 29.96 5.38
N VAL D 166 17.16 28.91 4.62
CA VAL D 166 17.66 27.66 5.19
C VAL D 166 19.15 27.52 4.84
N GLY D 167 19.68 28.59 4.26
CA GLY D 167 21.07 28.66 3.87
C GLY D 167 21.51 27.69 2.81
N ASP D 168 22.69 27.16 3.10
CA ASP D 168 23.28 26.18 2.22
C ASP D 168 23.25 24.87 2.97
N PRO D 169 23.52 23.76 2.27
CA PRO D 169 23.51 22.45 2.92
C PRO D 169 24.42 22.39 4.15
N GLU D 170 25.56 23.08 4.07
CA GLU D 170 26.52 23.11 5.17
C GLU D 170 25.92 23.83 6.39
N ASP D 171 25.39 25.03 6.14
CA ASP D 171 24.78 25.84 7.20
C ASP D 171 23.63 25.05 7.82
N ARG D 172 22.86 24.40 6.96
CA ARG D 172 21.71 23.60 7.35
C ARG D 172 22.17 22.49 8.30
N ALA D 173 23.27 21.84 7.95
CA ALA D 173 23.84 20.76 8.76
C ALA D 173 24.28 21.27 10.13
N ARG D 174 25.01 22.38 10.14
CA ARG D 174 25.49 22.96 11.38
C ARG D 174 24.38 23.37 12.32
N TYR D 175 23.31 23.95 11.79
CA TYR D 175 22.19 24.37 12.63
C TYR D 175 21.55 23.13 13.24
N ASN D 176 21.43 22.07 12.44
CA ASN D 176 20.84 20.82 12.93
C ASN D 176 21.63 20.29 14.11
N ALA D 177 22.95 20.20 13.93
CA ALA D 177 23.84 19.74 14.99
C ALA D 177 23.62 20.58 16.25
N TYR D 178 23.56 21.89 16.08
CA TYR D 178 23.35 22.82 17.19
C TYR D 178 22.06 22.47 17.94
N LEU D 179 20.97 22.32 17.19
CA LEU D 179 19.67 22.00 17.77
C LEU D 179 19.75 20.71 18.57
N ARG D 180 20.46 19.71 18.02
CA ARG D 180 20.61 18.43 18.69
C ARG D 180 21.31 18.60 20.04
N GLU D 181 22.44 19.31 20.03
CA GLU D 181 23.23 19.55 21.23
C GLU D 181 22.45 20.28 22.33
N VAL D 182 21.63 21.25 21.92
CA VAL D 182 20.85 22.04 22.86
C VAL D 182 19.59 21.30 23.35
N LEU D 183 18.95 20.59 22.44
CA LEU D 183 17.71 19.88 22.77
C LEU D 183 17.86 18.48 23.35
N SER D 184 18.82 17.69 22.88
CA SER D 184 19.00 16.33 23.37
C SER D 184 19.04 16.16 24.89
N PRO D 185 19.81 17.00 25.61
CA PRO D 185 19.84 16.84 27.08
C PRO D 185 18.49 17.16 27.74
N HIS D 186 17.61 17.80 26.98
CA HIS D 186 16.27 18.15 27.46
C HIS D 186 15.23 17.37 26.67
N ARG D 187 15.69 16.34 25.96
CA ARG D 187 14.86 15.49 25.12
C ARG D 187 13.54 15.05 25.75
N GLU D 188 13.59 14.78 27.06
CA GLU D 188 12.42 14.33 27.80
C GLU D 188 11.27 15.33 27.87
N ALA D 189 11.53 16.59 27.56
CA ALA D 189 10.49 17.62 27.60
C ALA D 189 9.85 17.89 26.24
N LEU D 190 10.20 17.08 25.25
CA LEU D 190 9.67 17.25 23.90
C LEU D 190 8.42 16.41 23.64
N SER D 191 7.62 16.85 22.68
CA SER D 191 6.42 16.12 22.30
C SER D 191 6.89 14.90 21.53
N GLU D 192 6.17 13.78 21.65
CA GLU D 192 6.53 12.53 20.96
C GLU D 192 6.90 12.78 19.51
N ASP D 193 6.14 13.66 18.86
CA ASP D 193 6.37 14.02 17.47
C ASP D 193 7.77 14.64 17.30
N SER D 194 8.06 15.63 18.12
CA SER D 194 9.34 16.33 18.10
C SER D 194 10.51 15.40 18.39
N LYS D 195 10.31 14.46 19.31
CA LYS D 195 11.34 13.49 19.70
C LYS D 195 11.85 12.72 18.48
N GLU D 196 10.96 12.45 17.54
CA GLU D 196 11.31 11.72 16.33
C GLU D 196 12.06 12.68 15.40
N ARG D 197 11.50 13.87 15.23
CA ARG D 197 12.09 14.89 14.37
C ARG D 197 13.52 15.24 14.78
N LEU D 198 13.80 15.05 16.06
CA LEU D 198 15.12 15.33 16.62
C LEU D 198 16.19 14.45 15.97
N GLU D 199 15.79 13.29 15.47
CA GLU D 199 16.71 12.37 14.83
C GLU D 199 17.11 12.81 13.43
N GLU D 200 16.12 13.11 12.60
CA GLU D 200 16.41 13.56 11.25
C GLU D 200 15.72 14.88 10.95
N ASN D 201 16.55 15.88 10.62
CA ASN D 201 16.08 17.22 10.32
C ASN D 201 15.37 17.86 11.51
N PRO D 202 16.11 18.09 12.61
CA PRO D 202 15.60 18.69 13.85
C PRO D 202 14.87 20.01 13.66
N MET D 203 15.23 20.77 12.63
CA MET D 203 14.60 22.07 12.36
C MET D 203 13.09 22.06 12.49
N ARG D 204 12.48 20.94 12.14
CA ARG D 204 11.03 20.77 12.21
C ARG D 204 10.46 21.06 13.59
N ILE D 205 11.24 20.75 14.62
CA ILE D 205 10.83 20.97 16.00
C ILE D 205 10.55 22.45 16.27
N LEU D 206 11.06 23.31 15.40
CA LEU D 206 10.85 24.75 15.53
C LEU D 206 9.44 25.09 15.09
N ASP D 207 9.04 24.52 13.96
CA ASP D 207 7.72 24.75 13.39
C ASP D 207 6.66 23.75 13.84
N SER D 208 6.85 23.14 15.02
CA SER D 208 5.87 22.20 15.53
C SER D 208 4.82 22.89 16.37
N LYS D 209 3.77 22.14 16.72
CA LYS D 209 2.69 22.67 17.53
C LYS D 209 2.90 22.29 18.99
N SER D 210 1.83 22.36 19.78
CA SER D 210 1.85 22.04 21.21
C SER D 210 2.63 23.09 22.01
N GLU D 211 2.15 23.32 23.23
CA GLU D 211 2.79 24.29 24.10
C GLU D 211 4.09 23.72 24.65
N ARG D 212 4.13 22.39 24.82
CA ARG D 212 5.30 21.68 25.33
C ARG D 212 6.60 22.06 24.63
N ASP D 213 6.55 22.15 23.30
CA ASP D 213 7.72 22.49 22.50
C ASP D 213 8.06 23.98 22.56
N GLN D 214 7.06 24.82 22.27
CA GLN D 214 7.24 26.26 22.25
C GLN D 214 7.86 26.87 23.51
N ALA D 215 7.29 26.54 24.66
CA ALA D 215 7.78 27.06 25.94
C ALA D 215 9.24 26.68 26.14
N LEU D 216 9.57 25.43 25.83
CA LEU D 216 10.93 24.94 25.99
C LEU D 216 11.90 25.73 25.10
N LEU D 217 11.56 25.85 23.82
CA LEU D 217 12.40 26.58 22.88
C LEU D 217 12.69 27.98 23.41
N LYS D 218 11.68 28.64 23.95
CA LYS D 218 11.82 29.97 24.51
C LYS D 218 12.81 30.02 25.67
N GLU D 219 12.56 29.23 26.71
CA GLU D 219 13.44 29.22 27.87
C GLU D 219 14.87 28.78 27.54
N LEU D 220 15.02 27.89 26.56
CA LEU D 220 16.35 27.43 26.16
C LEU D 220 17.08 28.50 25.34
N GLY D 221 16.34 29.51 24.90
CA GLY D 221 16.91 30.57 24.11
C GLY D 221 17.49 30.08 22.80
N VAL D 222 16.74 29.21 22.12
CA VAL D 222 17.19 28.66 20.85
C VAL D 222 17.33 29.77 19.82
N ARG D 223 18.56 29.91 19.30
CA ARG D 223 18.91 30.95 18.33
C ARG D 223 18.43 30.62 16.93
N PRO D 224 17.87 31.62 16.21
CA PRO D 224 17.34 31.51 14.85
C PRO D 224 18.31 30.92 13.82
N MET D 225 17.74 30.28 12.79
CA MET D 225 18.52 29.69 11.71
C MET D 225 19.33 30.79 11.04
N LEU D 226 18.79 32.00 11.03
CA LEU D 226 19.46 33.16 10.43
C LEU D 226 20.88 33.33 10.95
N ASP D 227 21.03 33.13 12.26
CA ASP D 227 22.31 33.23 12.98
C ASP D 227 23.37 32.27 12.46
N PHE D 228 22.95 31.31 11.64
CA PHE D 228 23.87 30.31 11.14
C PHE D 228 24.10 30.35 9.64
N LEU D 229 23.68 31.42 8.98
CA LEU D 229 23.88 31.52 7.54
C LEU D 229 25.36 31.76 7.23
N GLY D 230 25.84 31.11 6.17
CA GLY D 230 27.23 31.31 5.77
C GLY D 230 27.31 32.65 5.07
N GLU D 231 28.46 33.00 4.51
CA GLU D 231 28.55 34.28 3.84
C GLU D 231 27.64 34.43 2.62
N GLU D 232 27.76 33.51 1.67
CA GLU D 232 26.98 33.58 0.43
C GLU D 232 25.48 33.54 0.60
N ALA D 233 25.01 32.65 1.48
CA ALA D 233 23.57 32.50 1.74
C ALA D 233 23.00 33.81 2.29
N ARG D 234 23.68 34.37 3.30
CA ARG D 234 23.25 35.61 3.92
C ARG D 234 23.26 36.76 2.90
N ALA D 235 24.26 36.76 2.03
CA ALA D 235 24.40 37.78 0.99
C ALA D 235 23.15 37.75 0.10
N HIS D 236 22.85 36.56 -0.40
CA HIS D 236 21.69 36.33 -1.27
C HIS D 236 20.41 36.79 -0.58
N LEU D 237 20.22 36.40 0.67
CA LEU D 237 19.03 36.77 1.43
C LEU D 237 18.90 38.28 1.57
N LYS D 238 20.03 38.97 1.75
CA LYS D 238 20.00 40.41 1.89
C LYS D 238 19.55 41.05 0.57
N GLU D 239 19.97 40.46 -0.54
CA GLU D 239 19.59 40.93 -1.86
C GLU D 239 18.08 40.89 -1.99
N VAL D 240 17.50 39.78 -1.56
CA VAL D 240 16.05 39.60 -1.61
C VAL D 240 15.37 40.69 -0.78
N GLU D 241 15.82 40.83 0.47
CA GLU D 241 15.27 41.83 1.38
C GLU D 241 15.36 43.23 0.78
N ARG D 242 16.49 43.53 0.17
CA ARG D 242 16.72 44.82 -0.45
C ARG D 242 15.62 45.09 -1.47
N HIS D 243 15.38 44.12 -2.34
CA HIS D 243 14.38 44.24 -3.37
C HIS D 243 12.96 44.40 -2.80
N LEU D 244 12.62 43.55 -1.83
CA LEU D 244 11.31 43.60 -1.18
C LEU D 244 11.07 44.95 -0.53
N GLU D 245 12.07 45.45 0.18
CA GLU D 245 11.99 46.74 0.85
C GLU D 245 11.74 47.85 -0.17
N ARG D 246 12.47 47.83 -1.28
CA ARG D 246 12.32 48.81 -2.34
C ARG D 246 10.90 48.78 -2.93
N LEU D 247 10.38 47.58 -3.13
CA LEU D 247 9.03 47.42 -3.67
C LEU D 247 7.97 47.65 -2.60
N SER D 248 8.40 48.00 -1.39
CA SER D 248 7.51 48.26 -0.26
C SER D 248 6.62 47.08 0.17
N VAL D 249 7.15 45.87 0.07
CA VAL D 249 6.41 44.67 0.46
C VAL D 249 6.64 44.44 1.94
N PRO D 250 5.62 44.67 2.78
CA PRO D 250 5.75 44.47 4.23
C PRO D 250 5.95 43.00 4.61
N TYR D 251 7.09 42.70 5.20
CA TYR D 251 7.39 41.33 5.61
C TYR D 251 8.02 41.30 6.99
N GLU D 252 8.08 40.10 7.56
CA GLU D 252 8.67 39.89 8.88
C GLU D 252 9.71 38.81 8.70
N LEU D 253 10.94 39.08 9.13
CA LEU D 253 12.01 38.10 9.01
C LEU D 253 11.89 37.08 10.14
N GLU D 254 11.57 35.84 9.78
CA GLU D 254 11.41 34.77 10.76
C GLU D 254 12.71 34.07 11.13
N PRO D 255 12.89 33.80 12.42
CA PRO D 255 14.08 33.13 12.97
C PRO D 255 14.36 31.81 12.28
N ALA D 256 13.30 31.15 11.81
CA ALA D 256 13.42 29.88 11.11
C ALA D 256 12.09 29.49 10.49
N LEU D 257 12.06 29.45 9.16
CA LEU D 257 10.86 29.07 8.42
C LEU D 257 11.12 27.68 7.87
N VAL D 258 10.90 26.68 8.70
CA VAL D 258 11.13 25.30 8.30
C VAL D 258 10.02 24.80 7.39
N ARG D 259 10.24 24.90 6.09
CA ARG D 259 9.27 24.43 5.11
C ARG D 259 9.19 22.91 5.20
N GLY D 260 8.01 22.36 4.95
CA GLY D 260 7.81 20.92 5.03
C GLY D 260 8.51 20.04 4.00
N LEU D 261 9.15 20.64 3.01
CA LEU D 261 9.84 19.86 2.00
C LEU D 261 11.36 20.03 2.14
N ASP D 262 12.08 18.92 1.99
CA ASP D 262 13.53 18.91 2.14
C ASP D 262 14.34 19.36 0.91
N TYR D 263 13.67 19.85 -0.13
CA TYR D 263 14.39 20.30 -1.32
C TYR D 263 14.77 21.78 -1.31
N TYR D 264 14.18 22.53 -0.37
CA TYR D 264 14.43 23.96 -0.23
C TYR D 264 15.86 24.31 0.13
N VAL D 265 16.39 25.31 -0.55
CA VAL D 265 17.74 25.78 -0.29
C VAL D 265 17.67 27.30 -0.38
N ARG D 266 18.19 27.97 0.65
CA ARG D 266 18.19 29.42 0.72
C ARG D 266 16.80 30.00 1.02
N THR D 267 16.34 30.93 0.20
CA THR D 267 15.05 31.60 0.39
C THR D 267 13.87 30.70 0.77
N ALA D 268 13.11 31.15 1.76
CA ALA D 268 11.93 30.42 2.23
C ALA D 268 10.94 31.46 2.72
N PHE D 269 9.69 31.36 2.26
CA PHE D 269 8.67 32.32 2.66
C PHE D 269 7.26 31.72 2.71
N GLU D 270 6.37 32.41 3.42
CA GLU D 270 4.97 31.98 3.59
C GLU D 270 4.13 33.20 3.90
N VAL D 271 2.89 33.23 3.40
CA VAL D 271 1.98 34.33 3.67
C VAL D 271 0.86 33.77 4.51
N HIS D 272 0.51 34.48 5.58
CA HIS D 272 -0.54 34.04 6.47
C HIS D 272 -1.69 35.00 6.58
N HIS D 273 -2.76 34.54 7.24
CA HIS D 273 -3.96 35.33 7.45
C HIS D 273 -4.57 34.88 8.78
N GLU D 274 -4.71 35.82 9.71
CA GLU D 274 -5.25 35.53 11.04
C GLU D 274 -6.59 34.80 11.06
N GLU D 275 -7.59 35.37 10.42
CA GLU D 275 -8.94 34.79 10.39
C GLU D 275 -9.06 33.48 9.62
N ILE D 276 -8.53 32.40 10.20
CA ILE D 276 -8.59 31.06 9.60
C ILE D 276 -8.32 30.05 10.72
N GLY D 277 -7.51 30.47 11.70
CA GLY D 277 -7.18 29.59 12.80
C GLY D 277 -5.88 28.87 12.50
N ALA D 278 -5.77 27.63 12.98
CA ALA D 278 -4.57 26.83 12.75
C ALA D 278 -4.38 26.69 11.25
N GLN D 279 -3.14 26.58 10.81
CA GLN D 279 -2.81 26.48 9.39
C GLN D 279 -3.27 27.75 8.69
N SER D 280 -2.79 28.89 9.18
CA SER D 280 -3.15 30.19 8.61
C SER D 280 -2.32 30.49 7.36
N ALA D 281 -1.50 29.53 6.94
CA ALA D 281 -0.65 29.70 5.78
C ALA D 281 -1.41 29.64 4.46
N LEU D 282 -1.72 30.82 3.91
CA LEU D 282 -2.44 30.90 2.64
C LEU D 282 -1.61 30.28 1.54
N GLY D 283 -0.29 30.53 1.58
CA GLY D 283 0.60 29.98 0.58
C GLY D 283 2.04 29.99 1.05
N GLY D 284 2.90 29.29 0.32
CA GLY D 284 4.31 29.23 0.68
C GLY D 284 5.18 28.85 -0.49
N GLY D 285 6.49 29.03 -0.32
CA GLY D 285 7.42 28.69 -1.38
C GLY D 285 8.84 28.98 -0.98
N GLY D 286 9.75 28.87 -1.94
CA GLY D 286 11.15 29.11 -1.67
C GLY D 286 12.03 28.60 -2.79
N ARG D 287 13.33 28.79 -2.64
CA ARG D 287 14.29 28.35 -3.66
C ARG D 287 14.53 26.85 -3.45
N TYR D 288 14.89 26.15 -4.51
CA TYR D 288 15.10 24.70 -4.42
C TYR D 288 16.11 24.17 -5.44
N ASP D 289 17.25 24.86 -5.54
CA ASP D 289 18.30 24.45 -6.46
C ASP D 289 18.72 23.03 -6.07
N GLY D 290 19.09 22.23 -7.06
CA GLY D 290 19.51 20.87 -6.74
C GLY D 290 18.43 19.83 -6.97
N LEU D 291 17.17 20.23 -6.84
CA LEU D 291 16.06 19.33 -7.05
C LEU D 291 16.17 18.63 -8.41
N SER D 292 16.48 19.39 -9.44
CA SER D 292 16.62 18.85 -10.79
C SER D 292 17.62 17.71 -10.80
N GLU D 293 18.71 17.88 -10.06
CA GLU D 293 19.75 16.87 -9.98
C GLU D 293 19.27 15.64 -9.24
N LEU D 294 18.36 15.82 -8.28
CA LEU D 294 17.82 14.69 -7.53
C LEU D 294 17.02 13.81 -8.49
N LEU D 295 16.43 14.43 -9.51
CA LEU D 295 15.64 13.71 -10.51
C LEU D 295 16.53 13.23 -11.65
N GLY D 296 17.85 13.35 -11.45
CA GLY D 296 18.80 12.91 -12.44
C GLY D 296 19.06 13.86 -13.60
N GLY D 297 19.03 15.16 -13.33
CA GLY D 297 19.29 16.11 -14.40
C GLY D 297 20.41 17.06 -14.02
N PRO D 298 20.77 18.00 -14.91
CA PRO D 298 21.83 18.98 -14.65
C PRO D 298 21.37 19.92 -13.54
N ARG D 299 22.26 20.82 -13.13
CA ARG D 299 21.90 21.78 -12.08
C ARG D 299 21.01 22.84 -12.70
N VAL D 300 19.83 23.02 -12.11
CA VAL D 300 18.88 24.01 -12.57
C VAL D 300 18.33 24.73 -11.35
N PRO D 301 18.75 25.98 -11.15
CA PRO D 301 18.28 26.77 -9.99
C PRO D 301 16.81 27.13 -10.21
N GLY D 302 16.07 27.35 -9.13
CA GLY D 302 14.67 27.69 -9.27
C GLY D 302 14.01 28.17 -7.99
N VAL D 303 13.01 29.04 -8.16
CA VAL D 303 12.25 29.59 -7.03
C VAL D 303 10.79 29.54 -7.45
N GLY D 304 9.88 29.56 -6.46
CA GLY D 304 8.47 29.54 -6.76
C GLY D 304 7.61 29.43 -5.52
N PHE D 305 6.30 29.38 -5.71
CA PHE D 305 5.38 29.29 -4.59
C PHE D 305 4.12 28.57 -5.03
N ALA D 306 3.20 28.40 -4.08
CA ALA D 306 1.92 27.75 -4.33
C ALA D 306 0.99 28.07 -3.17
N PHE D 307 -0.22 28.50 -3.48
CA PHE D 307 -1.19 28.83 -2.43
C PHE D 307 -2.47 28.02 -2.56
N GLY D 308 -3.03 27.65 -1.42
CA GLY D 308 -4.25 26.85 -1.39
C GLY D 308 -5.48 27.69 -1.69
N VAL D 309 -6.12 27.39 -2.81
CA VAL D 309 -7.32 28.11 -3.23
C VAL D 309 -8.41 28.08 -2.16
N GLU D 310 -8.51 26.95 -1.47
CA GLU D 310 -9.52 26.80 -0.43
C GLU D 310 -9.22 27.77 0.72
N ARG D 311 -7.96 27.79 1.15
CA ARG D 311 -7.52 28.66 2.23
C ARG D 311 -7.81 30.11 1.84
N VAL D 312 -7.43 30.47 0.62
CA VAL D 312 -7.66 31.82 0.13
C VAL D 312 -9.16 32.14 0.15
N ALA D 313 -9.98 31.16 -0.19
CA ALA D 313 -11.43 31.34 -0.19
C ALA D 313 -11.91 31.67 1.22
N LEU D 314 -11.37 30.95 2.20
CA LEU D 314 -11.74 31.18 3.60
C LEU D 314 -11.33 32.58 4.03
N ALA D 315 -10.13 32.98 3.61
CA ALA D 315 -9.62 34.31 3.93
C ALA D 315 -10.54 35.37 3.38
N LEU D 316 -10.90 35.25 2.11
CA LEU D 316 -11.79 36.21 1.47
C LEU D 316 -13.11 36.30 2.23
N GLU D 317 -13.67 35.14 2.56
CA GLU D 317 -14.93 35.07 3.30
C GLU D 317 -14.77 35.76 4.65
N ALA D 318 -13.66 35.48 5.33
CA ALA D 318 -13.37 36.07 6.64
C ALA D 318 -13.37 37.59 6.53
N GLU D 319 -12.77 38.11 5.46
CA GLU D 319 -12.72 39.55 5.26
C GLU D 319 -14.00 40.16 4.68
N GLY D 320 -15.10 39.40 4.77
CA GLY D 320 -16.38 39.88 4.27
C GLY D 320 -16.57 39.97 2.77
N PHE D 321 -15.81 39.19 2.01
CA PHE D 321 -15.95 39.19 0.56
C PHE D 321 -16.95 38.13 0.13
N GLY D 322 -18.03 38.57 -0.50
CA GLY D 322 -19.05 37.65 -0.94
C GLY D 322 -19.18 37.58 -2.44
N LEU D 323 -20.13 36.79 -2.90
CA LEU D 323 -20.38 36.62 -4.31
C LEU D 323 -21.85 36.96 -4.55
N PRO D 324 -22.16 37.56 -5.70
CA PRO D 324 -23.54 37.94 -6.01
C PRO D 324 -24.34 36.69 -6.43
N GLU D 325 -25.63 36.74 -6.28
CA GLU D 325 -26.52 35.64 -6.65
C GLU D 325 -26.30 35.01 -8.02
N GLU D 326 -26.52 33.70 -8.06
CA GLU D 326 -26.40 32.92 -9.28
C GLU D 326 -27.42 33.46 -10.28
N LYS D 327 -26.96 33.81 -11.47
CA LYS D 327 -27.84 34.35 -12.50
C LYS D 327 -28.88 33.32 -12.93
N GLY D 328 -30.08 33.82 -13.21
CA GLY D 328 -31.15 32.94 -13.66
C GLY D 328 -31.26 32.97 -15.17
N PRO D 329 -32.17 32.19 -15.77
CA PRO D 329 -32.34 32.16 -17.22
C PRO D 329 -32.90 33.48 -17.77
N ASP D 330 -32.45 33.87 -18.95
CA ASP D 330 -32.92 35.10 -19.57
C ASP D 330 -34.41 34.99 -19.84
N LEU D 331 -34.83 33.79 -20.24
CA LEU D 331 -36.22 33.52 -20.53
C LEU D 331 -36.61 32.13 -20.05
N TYR D 332 -37.79 32.03 -19.44
CA TYR D 332 -38.32 30.77 -18.96
C TYR D 332 -39.67 30.59 -19.63
N LEU D 333 -39.74 29.66 -20.58
CA LEU D 333 -40.97 29.39 -21.31
C LEU D 333 -41.88 28.46 -20.52
N ILE D 334 -43.14 28.87 -20.39
CA ILE D 334 -44.15 28.10 -19.68
C ILE D 334 -45.26 27.67 -20.66
N PRO D 335 -45.41 26.34 -20.88
CA PRO D 335 -46.42 25.79 -21.78
C PRO D 335 -47.79 25.77 -21.10
N LEU D 336 -48.80 26.23 -21.83
CA LEU D 336 -50.16 26.25 -21.30
C LEU D 336 -50.98 25.05 -21.81
N THR D 337 -50.45 24.35 -22.80
CA THR D 337 -51.09 23.17 -23.38
C THR D 337 -50.01 22.10 -23.56
N GLU D 338 -50.41 20.83 -23.66
CA GLU D 338 -49.44 19.75 -23.84
C GLU D 338 -48.67 19.89 -25.16
N GLU D 339 -49.37 20.37 -26.18
CA GLU D 339 -48.78 20.58 -27.49
C GLU D 339 -47.70 21.67 -27.42
N ALA D 340 -47.84 22.57 -26.44
CA ALA D 340 -46.91 23.67 -26.24
C ALA D 340 -45.55 23.29 -25.68
N VAL D 341 -45.51 22.27 -24.81
CA VAL D 341 -44.25 21.86 -24.20
C VAL D 341 -43.15 21.61 -25.25
N ALA D 342 -43.46 20.81 -26.26
CA ALA D 342 -42.47 20.52 -27.29
C ALA D 342 -42.11 21.79 -28.04
N GLU D 343 -43.08 22.66 -28.25
CA GLU D 343 -42.83 23.91 -28.96
C GLU D 343 -41.93 24.83 -28.15
N ALA D 344 -42.07 24.78 -26.82
CA ALA D 344 -41.26 25.61 -25.95
C ALA D 344 -39.81 25.18 -26.11
N PHE D 345 -39.61 23.86 -26.14
CA PHE D 345 -38.30 23.28 -26.32
C PHE D 345 -37.67 23.78 -27.62
N TYR D 346 -38.44 23.70 -28.69
CA TYR D 346 -37.98 24.14 -30.02
C TYR D 346 -37.59 25.61 -30.02
N LEU D 347 -38.41 26.43 -29.38
CA LEU D 347 -38.15 27.86 -29.32
C LEU D 347 -36.87 28.08 -28.53
N ALA D 348 -36.75 27.42 -27.39
CA ALA D 348 -35.57 27.55 -26.53
C ALA D 348 -34.30 27.24 -27.32
N GLU D 349 -34.30 26.12 -28.02
CA GLU D 349 -33.14 25.72 -28.82
C GLU D 349 -32.76 26.74 -29.87
N ALA D 350 -33.73 27.48 -30.37
CA ALA D 350 -33.49 28.50 -31.39
C ALA D 350 -32.81 29.72 -30.79
N LEU D 351 -33.09 29.97 -29.51
CA LEU D 351 -32.52 31.09 -28.79
C LEU D 351 -31.11 30.80 -28.29
N ARG D 352 -30.82 29.53 -28.00
CA ARG D 352 -29.52 29.09 -27.52
C ARG D 352 -28.48 29.09 -28.64
N PRO D 353 -27.19 29.25 -28.29
CA PRO D 353 -26.66 29.44 -26.94
C PRO D 353 -26.47 30.91 -26.57
N ARG D 354 -26.71 31.79 -27.53
CA ARG D 354 -26.54 33.24 -27.33
C ARG D 354 -27.46 33.78 -26.23
N LEU D 355 -28.55 33.07 -25.97
CA LEU D 355 -29.51 33.45 -24.96
C LEU D 355 -29.79 32.23 -24.10
N ARG D 356 -29.86 32.40 -22.79
CA ARG D 356 -30.14 31.28 -21.89
C ARG D 356 -31.64 31.12 -21.76
N ALA D 357 -32.18 30.11 -22.45
CA ALA D 357 -33.61 29.82 -22.44
C ALA D 357 -33.94 28.47 -21.84
N GLU D 358 -34.77 28.50 -20.81
CA GLU D 358 -35.22 27.29 -20.13
C GLU D 358 -36.73 27.17 -20.30
N TYR D 359 -37.29 26.02 -19.95
CA TYR D 359 -38.72 25.77 -20.11
C TYR D 359 -39.22 24.67 -19.19
N ALA D 360 -40.54 24.62 -19.00
CA ALA D 360 -41.17 23.60 -18.16
C ALA D 360 -41.49 22.40 -19.03
N LEU D 361 -41.45 21.21 -18.45
CA LEU D 361 -41.73 19.97 -19.19
C LEU D 361 -43.19 19.50 -19.07
N ALA D 362 -44.08 20.37 -18.61
CA ALA D 362 -45.48 20.03 -18.44
C ALA D 362 -46.31 21.30 -18.46
N PRO D 363 -47.55 21.21 -18.93
CA PRO D 363 -48.43 22.38 -19.00
C PRO D 363 -48.84 22.80 -17.60
N ARG D 364 -49.08 24.10 -17.41
CA ARG D 364 -49.48 24.61 -16.12
C ARG D 364 -50.17 25.95 -16.26
N LYS D 365 -50.94 26.33 -15.24
CA LYS D 365 -51.64 27.59 -15.27
C LYS D 365 -50.64 28.73 -15.24
N PRO D 366 -50.99 29.88 -15.87
CA PRO D 366 -50.14 31.07 -15.95
C PRO D 366 -49.47 31.47 -14.63
N ALA D 367 -50.28 31.64 -13.59
CA ALA D 367 -49.79 32.03 -12.27
C ALA D 367 -48.71 31.09 -11.74
N LYS D 368 -48.93 29.78 -11.88
CA LYS D 368 -48.00 28.77 -11.41
C LYS D 368 -46.68 28.85 -12.17
N GLY D 369 -46.76 28.91 -13.50
CA GLY D 369 -45.56 28.99 -14.32
C GLY D 369 -44.78 30.26 -14.04
N LEU D 370 -45.52 31.33 -13.74
CA LEU D 370 -44.90 32.62 -13.44
C LEU D 370 -44.15 32.47 -12.13
N GLU D 371 -44.77 31.79 -11.18
CA GLU D 371 -44.17 31.53 -9.88
C GLU D 371 -42.81 30.87 -10.11
N GLU D 372 -42.79 29.80 -10.91
CA GLU D 372 -41.56 29.06 -11.19
C GLU D 372 -40.49 29.90 -11.89
N ALA D 373 -40.93 30.80 -12.77
CA ALA D 373 -39.99 31.66 -13.47
C ALA D 373 -39.30 32.55 -12.45
N LEU D 374 -40.07 33.02 -11.47
CA LEU D 374 -39.56 33.86 -10.40
C LEU D 374 -38.62 33.03 -9.54
N LYS D 375 -39.04 31.80 -9.26
CA LYS D 375 -38.29 30.83 -8.45
C LYS D 375 -36.93 30.50 -9.07
N ARG D 376 -36.83 30.67 -10.39
CA ARG D 376 -35.60 30.40 -11.11
C ARG D 376 -34.82 31.67 -11.40
N GLY D 377 -35.35 32.81 -10.96
CA GLY D 377 -34.67 34.07 -11.18
C GLY D 377 -34.59 34.44 -12.65
N ALA D 378 -35.62 34.06 -13.40
CA ALA D 378 -35.67 34.35 -14.83
C ALA D 378 -35.95 35.82 -15.05
N ALA D 379 -35.33 36.40 -16.06
CA ALA D 379 -35.54 37.80 -16.37
C ALA D 379 -36.90 37.96 -17.03
N PHE D 380 -37.15 37.16 -18.04
CA PHE D 380 -38.41 37.17 -18.78
C PHE D 380 -39.16 35.86 -18.69
N ALA D 381 -40.47 35.95 -18.58
CA ALA D 381 -41.31 34.77 -18.55
C ALA D 381 -41.97 34.76 -19.93
N GLY D 382 -42.07 33.57 -20.52
CA GLY D 382 -42.68 33.46 -21.84
C GLY D 382 -43.84 32.48 -21.86
N PHE D 383 -45.01 32.95 -22.28
CA PHE D 383 -46.21 32.11 -22.33
C PHE D 383 -46.49 31.51 -23.70
N LEU D 384 -46.76 30.20 -23.73
CA LEU D 384 -47.08 29.50 -24.96
C LEU D 384 -48.40 28.75 -24.82
N GLY D 385 -49.48 29.42 -25.18
CA GLY D 385 -50.80 28.84 -25.14
C GLY D 385 -51.30 28.66 -26.56
N GLU D 386 -52.54 28.22 -26.73
CA GLU D 386 -53.06 27.99 -28.07
C GLU D 386 -53.06 29.21 -28.98
N ASP D 387 -53.40 30.36 -28.44
CA ASP D 387 -53.43 31.58 -29.25
C ASP D 387 -52.09 31.85 -29.91
N GLU D 388 -51.03 31.93 -29.11
CA GLU D 388 -49.71 32.21 -29.64
C GLU D 388 -49.20 31.08 -30.52
N LEU D 389 -49.51 29.84 -30.17
CA LEU D 389 -49.08 28.71 -30.98
C LEU D 389 -49.59 28.84 -32.41
N ARG D 390 -50.89 29.10 -32.54
CA ARG D 390 -51.52 29.25 -33.85
C ARG D 390 -51.02 30.52 -34.55
N ALA D 391 -50.79 31.57 -33.76
CA ALA D 391 -50.33 32.84 -34.30
C ALA D 391 -48.84 32.93 -34.58
N GLY D 392 -48.07 31.94 -34.15
CA GLY D 392 -46.63 31.96 -34.36
C GLY D 392 -45.97 33.07 -33.57
N GLU D 393 -46.58 33.42 -32.43
CA GLU D 393 -46.10 34.49 -31.56
C GLU D 393 -45.81 33.90 -30.18
N VAL D 394 -45.37 34.76 -29.27
CA VAL D 394 -45.07 34.37 -27.90
C VAL D 394 -45.37 35.57 -27.00
N THR D 395 -45.89 35.31 -25.81
CA THR D 395 -46.22 36.38 -24.87
C THR D 395 -45.10 36.49 -23.84
N LEU D 396 -44.26 37.51 -23.98
CA LEU D 396 -43.15 37.74 -23.07
C LEU D 396 -43.59 38.67 -21.95
N LYS D 397 -42.98 38.51 -20.78
CA LYS D 397 -43.32 39.34 -19.64
C LYS D 397 -42.09 39.54 -18.75
N ARG D 398 -41.59 40.77 -18.67
CA ARG D 398 -40.43 41.03 -17.82
C ARG D 398 -40.93 40.93 -16.39
N LEU D 399 -40.38 39.97 -15.65
CA LEU D 399 -40.77 39.72 -14.27
C LEU D 399 -40.56 40.87 -13.29
N ALA D 400 -39.55 41.70 -13.53
CA ALA D 400 -39.27 42.80 -12.62
C ALA D 400 -40.27 43.96 -12.66
N THR D 401 -40.80 44.25 -13.85
CA THR D 401 -41.75 45.35 -14.01
C THR D 401 -43.18 44.88 -14.30
N GLY D 402 -43.33 43.63 -14.70
CA GLY D 402 -44.64 43.10 -15.01
C GLY D 402 -45.07 43.50 -16.42
N GLU D 403 -44.14 44.10 -17.17
CA GLU D 403 -44.39 44.54 -18.54
C GLU D 403 -44.59 43.33 -19.45
N GLN D 404 -45.67 43.34 -20.24
CA GLN D 404 -45.97 42.22 -21.12
C GLN D 404 -46.02 42.63 -22.59
N VAL D 405 -45.44 41.79 -23.44
CA VAL D 405 -45.38 42.04 -24.88
C VAL D 405 -45.73 40.78 -25.66
N ARG D 406 -46.47 40.95 -26.76
CA ARG D 406 -46.85 39.85 -27.63
C ARG D 406 -46.11 40.10 -28.94
N LEU D 407 -45.26 39.17 -29.36
CA LEU D 407 -44.52 39.36 -30.60
C LEU D 407 -44.24 38.04 -31.30
N SER D 408 -43.93 38.11 -32.59
CA SER D 408 -43.66 36.92 -33.37
C SER D 408 -42.36 36.26 -32.93
N ARG D 409 -42.30 34.94 -33.06
CA ARG D 409 -41.12 34.17 -32.69
C ARG D 409 -39.79 34.77 -33.16
N GLU D 410 -39.78 35.37 -34.35
CA GLU D 410 -38.54 35.95 -34.87
C GLU D 410 -38.06 37.19 -34.10
N GLU D 411 -39.00 38.00 -33.63
CA GLU D 411 -38.66 39.21 -32.89
C GLU D 411 -38.18 38.93 -31.48
N VAL D 412 -38.50 37.76 -30.96
CA VAL D 412 -38.10 37.40 -29.61
C VAL D 412 -36.60 37.52 -29.33
N PRO D 413 -35.73 36.90 -30.15
CA PRO D 413 -34.29 37.00 -29.90
C PRO D 413 -33.82 38.45 -29.83
N GLY D 414 -34.20 39.24 -30.82
CA GLY D 414 -33.82 40.64 -30.87
C GLY D 414 -34.34 41.43 -29.67
N TYR D 415 -35.62 41.28 -29.38
CA TYR D 415 -36.25 42.00 -28.26
C TYR D 415 -35.52 41.71 -26.94
N LEU D 416 -35.33 40.43 -26.65
CA LEU D 416 -34.66 40.02 -25.42
C LEU D 416 -33.24 40.56 -25.32
N LEU D 417 -32.47 40.44 -26.39
CA LEU D 417 -31.10 40.92 -26.40
C LEU D 417 -30.92 42.41 -26.15
N GLN D 418 -31.71 43.24 -26.82
CA GLN D 418 -31.61 44.68 -26.62
C GLN D 418 -32.13 45.11 -25.25
N ALA D 419 -33.03 44.30 -24.68
CA ALA D 419 -33.62 44.60 -23.38
C ALA D 419 -32.81 44.07 -22.20
N LEU D 420 -31.77 43.29 -22.49
CA LEU D 420 -30.94 42.71 -21.43
C LEU D 420 -29.44 42.90 -21.63
N GLY D 421 -29.05 43.37 -22.81
CA GLY D 421 -27.64 43.58 -23.10
C GLY D 421 -27.24 45.05 -23.04
#